data_3PBP
#
_entry.id   3PBP
#
_cell.length_a   61.503
_cell.length_b   96.770
_cell.length_c   144.282
_cell.angle_alpha   105.98
_cell.angle_beta   93.97
_cell.angle_gamma   108.24
#
_symmetry.space_group_name_H-M   'P 1'
#
loop_
_entity.id
_entity.type
_entity.pdbx_description
1 polymer 'Nucleoporin NUP82'
2 polymer 'Nucleoporin NUP116/NSP116'
3 polymer 'Nucleoporin NUP159'
4 non-polymer 'TRIETHYLENE GLYCOL'
#
loop_
_entity_poly.entity_id
_entity_poly.type
_entity_poly.pdbx_seq_one_letter_code
_entity_poly.pdbx_strand_id
1 'polypeptide(L)'
;(MSE)SQSSRLSALPIFQASLSASQSPRYIFSSQNGTRIVFIQDNIIRWYNVLTDSLYHSLNFSRHLVLDDTFHVISSTS
GDLLCLFNDNEIFV(MSE)EVPWGYSNVEDVSIQDAFQIFHYSIDEEEVGPKSSIKKVLFHPKSYRDSCIVVLKEDDTIT
(MSE)FDILNSQEKPIVLNKPNNSFGLDARVNDITDLEFSKDGLTLYCLNTTEGGDIFAFYPFLPSVLLLNEKDLNLILN
KSLV(MSE)YESLDSTTDVIVKRNVIKQLQFVSKLHENWNSRFGKVDIQKEYRLAKVQGPFTINPFPGELYDYTATNIAT
ILIDNGQNEIVCVSFDDGSLILLFKDLE(MSE)S(MSE)SWDVDNYVYNNSLVLIERVKLQREIKSLITLPEQLGKLYVI
SDNIIQQVNF(MSE)SWASTLSKSINESDLNPLAGLKFESKLEDIATIERIPNLAYINWNDQSNLAL(MSE)SNKTLTFQ
NISS
;
A,D,G,J
2 'polypeptide(L)'
;(MSE)NENYYISPSLDTLSSYSLLQLRKVPHLVVGHKSYGKIEFLEPVDLAGIPLTSLGGVIITFEPKTCIIYANLPNRP
KRGEGINVRARITCFNCYPVDKSTRKPIKDPNHQLVKRHIERLKKNPNSKFESYDADSGTYVFIVNHAAEQT
;
B,E,H,K
3 'polypeptide(L)' SSITKD(MSE)KGFKVVEVGLA(MSE)NTKKQIGDFFKNLN(MSE)AK C,F,I,L
#
# COMPACT_ATOMS: atom_id res chain seq x y z
N LEU A 7 -32.54 55.46 -32.35
CA LEU A 7 -33.43 55.07 -33.50
C LEU A 7 -33.27 53.59 -33.79
N SER A 8 -34.40 52.90 -33.81
CA SER A 8 -34.45 51.47 -34.07
C SER A 8 -34.10 51.14 -35.52
N ALA A 9 -33.74 52.18 -36.25
CA ALA A 9 -33.38 52.03 -37.65
C ALA A 9 -31.88 52.27 -37.79
N LEU A 10 -31.10 51.72 -36.87
CA LEU A 10 -29.65 51.88 -36.93
C LEU A 10 -29.10 50.51 -37.39
N PRO A 11 -28.22 50.51 -38.40
CA PRO A 11 -27.58 49.32 -38.99
C PRO A 11 -27.12 48.23 -38.03
N ILE A 12 -26.52 48.63 -36.91
CA ILE A 12 -26.01 47.67 -35.92
C ILE A 12 -27.11 46.78 -35.31
N PHE A 13 -28.33 47.31 -35.27
CA PHE A 13 -29.44 46.59 -34.67
C PHE A 13 -30.11 45.50 -35.50
N GLN A 14 -30.27 45.71 -36.80
CA GLN A 14 -30.95 44.71 -37.61
C GLN A 14 -30.40 43.30 -37.50
N ALA A 15 -31.30 42.37 -37.19
CA ALA A 15 -30.96 40.98 -36.97
C ALA A 15 -31.44 40.02 -38.05
N SER A 16 -30.96 38.78 -37.94
CA SER A 16 -31.28 37.70 -38.85
C SER A 16 -31.06 38.07 -40.32
N PRO A 23 -29.66 33.74 -28.34
CA PRO A 23 -29.44 34.72 -27.25
C PRO A 23 -28.96 36.09 -27.77
N ARG A 24 -29.59 37.16 -27.29
CA ARG A 24 -29.24 38.54 -27.69
C ARG A 24 -28.99 39.49 -26.53
N TYR A 25 -27.89 40.22 -26.58
CA TYR A 25 -27.57 41.16 -25.52
C TYR A 25 -27.19 42.51 -26.09
N ILE A 26 -27.32 43.53 -25.27
CA ILE A 26 -26.98 44.88 -25.68
C ILE A 26 -26.45 45.64 -24.46
N PHE A 27 -25.39 46.41 -24.67
CA PHE A 27 -24.78 47.19 -23.58
C PHE A 27 -24.36 48.53 -24.17
N SER A 28 -24.20 49.53 -23.31
CA SER A 28 -23.77 50.84 -23.76
C SER A 28 -22.62 51.22 -22.88
N SER A 29 -21.93 52.28 -23.25
CA SER A 29 -20.75 52.73 -22.53
C SER A 29 -20.55 54.22 -22.74
N GLN A 30 -19.71 54.84 -21.92
CA GLN A 30 -19.42 56.27 -22.03
C GLN A 30 -20.66 57.15 -22.25
N ASN A 31 -21.52 57.18 -21.24
CA ASN A 31 -22.74 57.98 -21.29
C ASN A 31 -23.67 57.67 -22.45
N GLY A 32 -23.89 56.37 -22.71
CA GLY A 32 -24.77 55.91 -23.78
C GLY A 32 -24.27 56.27 -25.17
N THR A 33 -22.98 56.51 -25.26
CA THR A 33 -22.34 56.91 -26.50
C THR A 33 -21.84 55.72 -27.33
N ARG A 34 -21.42 54.63 -26.69
CA ARG A 34 -20.93 53.46 -27.43
C ARG A 34 -21.88 52.29 -27.21
N ILE A 35 -22.21 51.59 -28.28
CA ILE A 35 -23.13 50.45 -28.20
C ILE A 35 -22.45 49.11 -28.52
N VAL A 36 -22.76 48.09 -27.71
CA VAL A 36 -22.24 46.74 -27.95
C VAL A 36 -23.48 45.86 -28.10
N PHE A 37 -23.47 45.05 -29.15
CA PHE A 37 -24.59 44.18 -29.50
C PHE A 37 -24.13 42.76 -29.76
N ILE A 38 -24.66 41.80 -29.02
CA ILE A 38 -24.28 40.39 -29.23
C ILE A 38 -25.42 39.58 -29.86
N GLN A 39 -25.10 38.87 -30.93
CA GLN A 39 -26.09 38.08 -31.67
C GLN A 39 -25.40 37.06 -32.59
N ASP A 40 -25.83 35.80 -32.49
CA ASP A 40 -25.25 34.71 -33.28
C ASP A 40 -23.77 34.54 -33.01
N ASN A 41 -23.37 34.67 -31.76
CA ASN A 41 -21.98 34.54 -31.38
C ASN A 41 -21.07 35.54 -32.07
N ILE A 42 -21.61 36.72 -32.34
CA ILE A 42 -20.82 37.78 -32.95
C ILE A 42 -21.00 39.06 -32.13
N ILE A 43 -19.89 39.77 -31.91
CA ILE A 43 -19.93 41.01 -31.17
C ILE A 43 -19.96 42.16 -32.16
N ARG A 44 -20.94 43.05 -31.99
CA ARG A 44 -21.03 44.23 -32.84
C ARG A 44 -20.81 45.42 -31.91
N TRP A 45 -19.97 46.36 -32.33
CA TRP A 45 -19.70 47.53 -31.50
C TRP A 45 -19.72 48.75 -32.40
N TYR A 46 -20.34 49.83 -31.92
CA TYR A 46 -20.43 51.02 -32.72
C TYR A 46 -20.38 52.25 -31.83
N ASN A 47 -19.47 53.16 -32.15
CA ASN A 47 -19.38 54.40 -31.38
C ASN A 47 -20.19 55.46 -32.10
N VAL A 48 -21.32 55.80 -31.49
CA VAL A 48 -22.25 56.79 -32.00
C VAL A 48 -21.65 58.13 -32.47
N LEU A 49 -20.54 58.57 -31.87
CA LEU A 49 -19.95 59.85 -32.24
C LEU A 49 -18.71 59.73 -33.11
N THR A 50 -18.13 58.54 -33.14
CA THR A 50 -16.88 58.28 -33.85
C THR A 50 -16.87 57.49 -35.15
N ASP A 51 -17.74 56.48 -35.25
CA ASP A 51 -17.78 55.65 -36.44
C ASP A 51 -18.87 56.05 -37.42
N SER A 52 -18.80 55.46 -38.61
CA SER A 52 -19.80 55.68 -39.64
C SER A 52 -20.39 54.30 -39.88
N LEU A 53 -19.65 53.27 -39.51
CA LEU A 53 -20.09 51.88 -39.67
C LEU A 53 -19.80 51.14 -38.38
N TYR A 54 -20.50 50.05 -38.16
CA TYR A 54 -20.25 49.25 -36.96
C TYR A 54 -19.24 48.17 -37.33
N HIS A 55 -18.72 47.46 -36.35
CA HIS A 55 -17.75 46.43 -36.64
C HIS A 55 -18.14 45.14 -35.97
N SER A 56 -17.53 44.03 -36.40
CA SER A 56 -17.85 42.72 -35.85
C SER A 56 -16.65 41.82 -35.57
N LEU A 57 -16.87 40.87 -34.68
CA LEU A 57 -15.87 39.90 -34.30
C LEU A 57 -16.60 38.65 -33.92
N ASN A 58 -16.71 37.72 -34.86
CA ASN A 58 -17.39 36.46 -34.65
C ASN A 58 -16.52 35.61 -33.74
N PHE A 59 -17.09 35.16 -32.62
CA PHE A 59 -16.33 34.35 -31.68
C PHE A 59 -16.82 32.91 -31.55
N SER A 60 -17.63 32.45 -32.49
CA SER A 60 -18.14 31.08 -32.50
C SER A 60 -17.00 30.09 -32.35
N ARG A 61 -15.88 30.41 -32.98
CA ARG A 61 -14.70 29.57 -32.94
C ARG A 61 -14.20 29.36 -31.52
N HIS A 62 -14.53 30.29 -30.63
CA HIS A 62 -14.09 30.21 -29.23
C HIS A 62 -15.22 29.87 -28.26
N LEU A 63 -16.45 30.22 -28.63
CA LEU A 63 -17.59 29.94 -27.78
C LEU A 63 -18.90 30.11 -28.53
N VAL A 64 -19.76 29.11 -28.38
CA VAL A 64 -21.08 29.15 -28.99
C VAL A 64 -21.97 29.28 -27.77
N LEU A 65 -22.80 30.31 -27.72
CA LEU A 65 -23.66 30.52 -26.57
C LEU A 65 -24.96 29.71 -26.62
N ASP A 66 -25.54 29.46 -25.46
CA ASP A 66 -26.83 28.78 -25.36
C ASP A 66 -27.61 29.66 -24.38
N ASP A 67 -28.94 29.53 -24.36
CA ASP A 67 -29.74 30.40 -23.47
C ASP A 67 -29.44 30.31 -21.99
N THR A 68 -28.53 29.41 -21.61
CA THR A 68 -28.16 29.23 -20.21
C THR A 68 -27.09 30.23 -19.76
N PHE A 69 -26.35 30.76 -20.71
CA PHE A 69 -25.29 31.72 -20.41
C PHE A 69 -25.81 33.09 -20.02
N HIS A 70 -25.04 33.77 -19.17
CA HIS A 70 -25.35 35.15 -18.75
C HIS A 70 -24.15 35.93 -19.29
N VAL A 71 -24.37 37.17 -19.72
CA VAL A 71 -23.23 37.97 -20.17
C VAL A 71 -23.36 39.36 -19.58
N ILE A 72 -22.26 39.87 -19.03
CA ILE A 72 -22.28 41.21 -18.45
C ILE A 72 -21.16 42.01 -19.05
N SER A 73 -21.25 43.32 -18.93
CA SER A 73 -20.25 44.22 -19.47
C SER A 73 -19.61 45.05 -18.38
N SER A 74 -18.33 45.38 -18.54
CA SER A 74 -17.69 46.23 -17.55
C SER A 74 -18.27 47.63 -17.83
N THR A 75 -18.40 48.45 -16.80
CA THR A 75 -18.96 49.79 -16.97
C THR A 75 -18.18 50.59 -18.00
N SER A 76 -16.86 50.40 -18.03
CA SER A 76 -16.01 51.09 -18.98
C SER A 76 -16.38 50.68 -20.40
N GLY A 77 -17.01 49.51 -20.52
CA GLY A 77 -17.41 49.01 -21.82
C GLY A 77 -16.30 48.37 -22.61
N ASP A 78 -15.17 48.10 -21.97
CA ASP A 78 -14.06 47.51 -22.67
C ASP A 78 -14.03 45.98 -22.59
N LEU A 79 -14.73 45.43 -21.61
CA LEU A 79 -14.76 43.99 -21.46
C LEU A 79 -16.17 43.39 -21.29
N LEU A 80 -16.30 42.17 -21.78
CA LEU A 80 -17.53 41.40 -21.67
C LEU A 80 -17.17 40.12 -20.93
N CYS A 81 -18.11 39.64 -20.12
CA CYS A 81 -17.90 38.42 -19.36
C CYS A 81 -19.08 37.52 -19.65
N LEU A 82 -18.81 36.39 -20.30
CA LEU A 82 -19.86 35.43 -20.64
C LEU A 82 -19.63 34.20 -19.78
N PHE A 83 -20.68 33.77 -19.08
CA PHE A 83 -20.55 32.63 -18.19
C PHE A 83 -21.83 31.83 -17.96
N ASN A 84 -21.66 30.62 -17.46
CA ASN A 84 -22.76 29.75 -17.11
C ASN A 84 -22.42 29.15 -15.76
N ASP A 85 -23.05 28.04 -15.39
CA ASP A 85 -22.77 27.45 -14.10
C ASP A 85 -21.42 26.72 -14.05
N ASN A 86 -20.78 26.59 -15.21
CA ASN A 86 -19.54 25.85 -15.25
C ASN A 86 -18.30 26.61 -15.67
N GLU A 87 -18.44 27.54 -16.59
CA GLU A 87 -17.27 28.27 -17.04
C GLU A 87 -17.47 29.77 -17.22
N ILE A 88 -16.35 30.49 -17.32
CA ILE A 88 -16.34 31.94 -17.48
C ILE A 88 -15.40 32.36 -18.63
N PHE A 89 -15.88 33.26 -19.48
CA PHE A 89 -15.06 33.79 -20.57
C PHE A 89 -15.00 35.30 -20.43
N VAL A 90 -13.86 35.89 -20.75
CA VAL A 90 -13.74 37.33 -20.72
C VAL A 90 -13.14 37.79 -22.06
N GLU A 92 -12.43 41.06 -24.92
CA GLU A 92 -12.17 42.47 -25.06
C GLU A 92 -12.89 43.02 -26.29
N VAL A 93 -13.76 44.00 -26.11
CA VAL A 93 -14.46 44.60 -27.26
C VAL A 93 -13.37 45.33 -28.03
N PRO A 94 -13.18 44.98 -29.32
CA PRO A 94 -12.16 45.58 -30.18
C PRO A 94 -12.31 47.05 -30.55
N TRP A 95 -12.59 47.90 -29.57
CA TRP A 95 -12.73 49.32 -29.86
C TRP A 95 -11.44 49.79 -30.49
N GLY A 96 -11.53 50.49 -31.63
CA GLY A 96 -10.31 50.98 -32.24
C GLY A 96 -9.84 50.16 -33.42
N TYR A 97 -10.19 48.86 -33.42
CA TYR A 97 -9.83 48.00 -34.52
C TYR A 97 -10.99 48.13 -35.50
N SER A 98 -10.71 47.89 -36.78
CA SER A 98 -11.76 48.00 -37.79
C SER A 98 -11.85 46.72 -38.60
N ASN A 99 -10.70 46.19 -38.99
CA ASN A 99 -10.67 44.98 -39.77
C ASN A 99 -10.01 43.86 -38.98
N VAL A 100 -10.81 43.17 -38.17
CA VAL A 100 -10.30 42.07 -37.35
C VAL A 100 -10.36 40.75 -38.11
N GLU A 101 -9.35 40.52 -38.96
CA GLU A 101 -9.29 39.30 -39.76
C GLU A 101 -8.30 38.30 -39.20
N ASP A 102 -7.05 38.72 -39.03
CA ASP A 102 -5.99 37.87 -38.49
C ASP A 102 -6.52 36.93 -37.42
N VAL A 103 -6.46 35.63 -37.67
CA VAL A 103 -6.91 34.67 -36.68
C VAL A 103 -6.11 34.87 -35.39
N SER A 104 -4.86 35.32 -35.55
CA SER A 104 -3.97 35.57 -34.42
C SER A 104 -4.41 36.82 -33.64
N ILE A 105 -4.90 37.83 -34.37
CA ILE A 105 -5.36 39.08 -33.75
C ILE A 105 -6.72 38.89 -33.07
N GLN A 106 -7.54 37.99 -33.59
CA GLN A 106 -8.86 37.74 -33.02
C GLN A 106 -8.76 36.94 -31.75
N ASP A 107 -7.72 36.12 -31.64
CA ASP A 107 -7.54 35.32 -30.44
C ASP A 107 -7.01 36.22 -29.35
N ALA A 108 -6.45 37.35 -29.76
CA ALA A 108 -5.90 38.32 -28.83
C ALA A 108 -7.02 38.86 -27.94
N PHE A 109 -8.23 38.87 -28.48
CA PHE A 109 -9.39 39.37 -27.76
C PHE A 109 -9.98 38.40 -26.77
N GLN A 110 -9.41 37.20 -26.69
CA GLN A 110 -9.88 36.22 -25.73
C GLN A 110 -8.89 36.44 -24.60
N ILE A 111 -9.35 37.13 -23.57
CA ILE A 111 -8.50 37.48 -22.46
C ILE A 111 -8.39 36.53 -21.27
N PHE A 112 -9.47 35.83 -20.94
CA PHE A 112 -9.43 34.94 -19.78
C PHE A 112 -10.48 33.84 -19.84
N HIS A 113 -10.13 32.68 -19.29
CA HIS A 113 -11.07 31.57 -19.28
C HIS A 113 -10.95 30.79 -17.98
N TYR A 114 -12.07 30.23 -17.52
CA TYR A 114 -12.06 29.47 -16.28
C TYR A 114 -13.22 28.48 -16.25
N SER A 115 -12.94 27.27 -15.77
CA SER A 115 -13.93 26.21 -15.63
C SER A 115 -13.77 25.65 -14.23
N ILE A 116 -14.86 25.25 -13.61
CA ILE A 116 -14.77 24.72 -12.27
C ILE A 116 -14.06 23.37 -12.29
N ASP A 117 -14.06 22.74 -13.45
CA ASP A 117 -13.40 21.44 -13.63
C ASP A 117 -11.89 21.61 -13.55
N GLU A 118 -11.42 22.85 -13.52
CA GLU A 118 -10.01 23.14 -13.44
C GLU A 118 -9.46 22.86 -12.05
N GLU A 119 -10.35 22.53 -11.13
CA GLU A 119 -9.92 22.25 -9.76
C GLU A 119 -10.11 20.79 -9.36
N GLU A 120 -9.06 20.24 -8.76
CA GLU A 120 -8.99 18.86 -8.28
C GLU A 120 -10.35 18.19 -8.11
N PRO A 123 -16.14 16.90 -6.09
CA PRO A 123 -16.92 17.93 -5.38
C PRO A 123 -16.60 19.34 -5.85
N LYS A 124 -17.19 19.74 -6.98
CA LYS A 124 -16.95 21.05 -7.56
C LYS A 124 -18.21 21.88 -7.55
N SER A 125 -18.15 23.00 -6.84
CA SER A 125 -19.29 23.90 -6.72
C SER A 125 -19.45 24.72 -7.99
N SER A 126 -20.67 24.82 -8.48
CA SER A 126 -20.93 25.58 -9.70
C SER A 126 -21.12 27.07 -9.48
N ILE A 127 -20.93 27.82 -10.56
CA ILE A 127 -21.04 29.27 -10.55
C ILE A 127 -22.49 29.75 -10.47
N LYS A 128 -22.74 30.68 -9.55
CA LYS A 128 -24.07 31.23 -9.38
C LYS A 128 -24.14 32.65 -9.96
N LYS A 129 -23.12 33.46 -9.68
CA LYS A 129 -23.10 34.82 -10.19
C LYS A 129 -21.68 35.36 -10.36
N VAL A 130 -21.52 36.27 -11.33
CA VAL A 130 -20.24 36.90 -11.63
C VAL A 130 -20.39 38.41 -11.77
N LEU A 131 -19.43 39.15 -11.23
CA LEU A 131 -19.44 40.60 -11.30
C LEU A 131 -18.04 41.15 -11.53
N PHE A 132 -17.92 42.22 -12.30
CA PHE A 132 -16.62 42.84 -12.48
C PHE A 132 -16.39 43.68 -11.21
N HIS A 133 -15.15 43.80 -10.76
CA HIS A 133 -14.91 44.62 -9.59
C HIS A 133 -14.98 46.04 -10.16
N PRO A 134 -15.86 46.88 -9.61
CA PRO A 134 -16.05 48.25 -10.06
C PRO A 134 -14.79 49.11 -10.06
N LYS A 135 -13.83 48.79 -9.20
CA LYS A 135 -12.65 49.63 -9.16
C LYS A 135 -11.31 48.94 -9.38
N SER A 136 -11.26 48.06 -10.36
CA SER A 136 -10.02 47.38 -10.68
C SER A 136 -9.43 48.10 -11.89
N TYR A 137 -8.13 48.31 -11.87
CA TYR A 137 -7.46 48.97 -12.98
C TYR A 137 -7.63 48.09 -14.24
N ARG A 138 -8.02 48.71 -15.34
CA ARG A 138 -8.24 47.99 -16.58
C ARG A 138 -9.27 46.86 -16.45
N ASP A 139 -10.22 47.01 -15.53
CA ASP A 139 -11.28 46.02 -15.31
C ASP A 139 -10.75 44.61 -15.18
N SER A 140 -9.54 44.48 -14.65
CA SER A 140 -8.86 43.19 -14.50
C SER A 140 -9.31 42.26 -13.40
N CYS A 141 -10.39 42.56 -12.71
CA CYS A 141 -10.82 41.69 -11.63
C CYS A 141 -12.29 41.24 -11.68
N ILE A 142 -12.52 39.93 -11.66
CA ILE A 142 -13.90 39.44 -11.65
C ILE A 142 -14.19 38.73 -10.34
N VAL A 143 -15.38 39.00 -9.82
CA VAL A 143 -15.79 38.41 -8.55
C VAL A 143 -16.76 37.28 -8.86
N VAL A 144 -16.46 36.10 -8.33
CA VAL A 144 -17.30 34.95 -8.61
C VAL A 144 -17.93 34.32 -7.35
N LEU A 145 -19.25 34.25 -7.34
CA LEU A 145 -19.98 33.64 -6.24
C LEU A 145 -20.44 32.24 -6.68
N LYS A 146 -20.12 31.22 -5.88
CA LYS A 146 -20.52 29.85 -6.21
C LYS A 146 -21.64 29.32 -5.29
N GLU A 147 -22.23 28.17 -5.65
CA GLU A 147 -23.28 27.57 -4.82
C GLU A 147 -22.71 27.40 -3.42
N ASP A 148 -21.39 27.33 -3.40
CA ASP A 148 -20.55 27.20 -2.21
C ASP A 148 -20.85 28.26 -1.15
N ASP A 149 -21.21 29.45 -1.64
CA ASP A 149 -21.45 30.65 -0.83
C ASP A 149 -20.03 31.21 -0.71
N THR A 150 -19.16 30.63 -1.51
CA THR A 150 -17.77 31.00 -1.57
C THR A 150 -17.70 32.16 -2.59
N ILE A 151 -16.85 33.15 -2.32
CA ILE A 151 -16.70 34.30 -3.23
C ILE A 151 -15.24 34.38 -3.64
N THR A 152 -14.99 34.32 -4.95
CA THR A 152 -13.61 34.32 -5.46
C THR A 152 -13.26 35.49 -6.39
N PHE A 154 -10.69 36.69 -9.34
CA PHE A 154 -9.72 36.26 -10.34
C PHE A 154 -9.08 37.49 -10.97
N ASP A 155 -7.77 37.42 -11.19
CA ASP A 155 -7.09 38.51 -11.86
C ASP A 155 -6.99 38.13 -13.32
N ILE A 156 -7.92 38.66 -14.12
CA ILE A 156 -8.00 38.43 -15.56
C ILE A 156 -6.68 38.60 -16.33
N LEU A 157 -5.84 39.53 -15.88
CA LEU A 157 -4.58 39.82 -16.57
C LEU A 157 -3.29 39.30 -15.93
N ASN A 158 -3.36 38.31 -15.05
CA ASN A 158 -2.12 37.86 -14.43
C ASN A 158 -2.18 36.46 -13.85
N SER A 159 -1.52 35.51 -14.53
CA SER A 159 -1.50 34.12 -14.07
C SER A 159 -0.56 33.93 -12.89
N GLN A 160 0.28 34.94 -12.64
CA GLN A 160 1.22 34.91 -11.52
C GLN A 160 0.47 35.38 -10.27
N GLU A 161 -0.85 35.18 -10.30
CA GLU A 161 -1.74 35.57 -9.21
C GLU A 161 -2.70 34.41 -8.95
N LYS A 162 -2.56 33.76 -7.79
CA LYS A 162 -3.44 32.65 -7.47
C LYS A 162 -4.75 33.26 -6.99
N PRO A 163 -5.88 32.83 -7.58
CA PRO A 163 -7.17 33.39 -7.19
C PRO A 163 -7.36 33.48 -5.67
N ILE A 164 -8.08 34.51 -5.23
CA ILE A 164 -8.32 34.69 -3.80
C ILE A 164 -9.72 34.21 -3.47
N VAL A 165 -9.82 33.36 -2.46
CA VAL A 165 -11.11 32.83 -2.07
C VAL A 165 -11.48 33.31 -0.69
N LEU A 166 -12.62 34.00 -0.64
CA LEU A 166 -13.12 34.54 0.61
C LEU A 166 -14.37 33.77 0.98
N ASN A 167 -14.72 33.82 2.26
CA ASN A 167 -15.88 33.14 2.83
C ASN A 167 -15.77 31.63 2.59
N LYS A 168 -14.57 31.09 2.89
CA LYS A 168 -14.29 29.67 2.72
C LYS A 168 -15.14 28.85 3.67
N PRO A 169 -15.44 27.59 3.30
CA PRO A 169 -16.24 26.75 4.18
C PRO A 169 -15.52 26.48 5.51
N ASN A 170 -16.30 26.25 6.57
CA ASN A 170 -15.76 25.97 7.90
C ASN A 170 -16.03 24.55 8.35
N ASN A 171 -15.32 24.16 9.39
CA ASN A 171 -15.45 22.85 10.01
C ASN A 171 -16.10 23.12 11.35
N SER A 172 -17.17 23.91 11.31
CA SER A 172 -17.90 24.25 12.51
C SER A 172 -19.26 23.60 12.48
N PHE A 173 -19.91 23.58 13.64
CA PHE A 173 -21.24 23.04 13.78
C PHE A 173 -21.96 24.18 14.45
N GLY A 174 -23.29 24.14 14.49
CA GLY A 174 -24.02 25.22 15.13
C GLY A 174 -24.29 26.34 14.14
N LEU A 175 -24.92 27.41 14.65
CA LEU A 175 -25.29 28.53 13.82
C LEU A 175 -24.21 29.60 13.51
N ASP A 176 -24.30 30.13 12.29
CA ASP A 176 -23.44 31.20 11.78
C ASP A 176 -21.92 31.06 11.83
N ALA A 177 -21.38 29.97 11.30
CA ALA A 177 -19.91 29.82 11.29
C ALA A 177 -19.37 30.95 10.39
N ARG A 178 -19.96 31.05 9.19
CA ARG A 178 -19.61 32.07 8.19
C ARG A 178 -20.93 32.38 7.45
N VAL A 179 -20.89 33.26 6.45
CA VAL A 179 -22.11 33.60 5.72
C VAL A 179 -22.55 32.50 4.75
N ASN A 180 -23.75 31.99 4.95
CA ASN A 180 -24.30 30.93 4.10
C ASN A 180 -25.57 31.39 3.41
N ASP A 181 -25.93 30.68 2.35
CA ASP A 181 -27.14 30.98 1.57
C ASP A 181 -27.19 32.39 0.97
N ILE A 182 -26.14 32.77 0.25
CA ILE A 182 -26.09 34.07 -0.39
C ILE A 182 -26.93 34.03 -1.67
N THR A 183 -27.88 34.95 -1.81
CA THR A 183 -28.73 34.99 -3.00
C THR A 183 -28.25 36.02 -3.97
N ASP A 184 -27.64 37.08 -3.46
CA ASP A 184 -27.19 38.18 -4.30
C ASP A 184 -25.98 38.90 -3.74
N LEU A 185 -25.32 39.63 -4.63
CA LEU A 185 -24.12 40.37 -4.35
C LEU A 185 -24.25 41.73 -5.00
N GLU A 186 -23.64 42.73 -4.39
CA GLU A 186 -23.73 44.08 -4.93
C GLU A 186 -22.64 44.94 -4.31
N PHE A 187 -21.95 45.70 -5.15
CA PHE A 187 -20.91 46.57 -4.67
C PHE A 187 -21.48 47.91 -4.21
N SER A 188 -20.91 48.44 -3.15
CA SER A 188 -21.30 49.73 -2.65
C SER A 188 -20.74 50.73 -3.65
N LYS A 189 -21.31 51.92 -3.72
CA LYS A 189 -20.82 52.90 -4.67
C LYS A 189 -19.51 53.53 -4.16
N ASP A 190 -19.05 53.08 -3.00
CA ASP A 190 -17.80 53.56 -2.44
C ASP A 190 -16.67 52.85 -3.20
N GLY A 191 -16.98 51.67 -3.73
CA GLY A 191 -16.01 50.91 -4.50
C GLY A 191 -15.16 49.95 -3.69
N LEU A 192 -15.12 50.14 -2.37
CA LEU A 192 -14.32 49.30 -1.49
C LEU A 192 -15.12 48.28 -0.67
N THR A 193 -16.45 48.32 -0.79
CA THR A 193 -17.31 47.44 -0.01
C THR A 193 -18.18 46.51 -0.84
N LEU A 194 -18.30 45.27 -0.41
CA LEU A 194 -19.14 44.31 -1.10
C LEU A 194 -20.27 43.85 -0.17
N TYR A 195 -21.51 44.18 -0.53
CA TYR A 195 -22.67 43.79 0.26
C TYR A 195 -23.18 42.43 -0.19
N CYS A 196 -23.53 41.57 0.76
CA CYS A 196 -24.05 40.24 0.44
C CYS A 196 -25.41 40.08 1.07
N LEU A 197 -26.36 39.60 0.29
CA LEU A 197 -27.72 39.35 0.78
C LEU A 197 -27.87 37.84 0.95
N ASN A 198 -28.02 37.37 2.19
CA ASN A 198 -28.16 35.94 2.42
C ASN A 198 -29.59 35.57 2.87
N THR A 199 -29.89 34.28 2.85
CA THR A 199 -31.23 33.80 3.19
C THR A 199 -31.39 32.96 4.44
N THR A 200 -30.29 32.47 5.00
CA THR A 200 -30.34 31.63 6.20
C THR A 200 -31.50 31.93 7.15
N GLU A 201 -31.80 33.21 7.39
CA GLU A 201 -32.87 33.58 8.31
C GLU A 201 -33.87 34.52 7.71
N GLY A 202 -34.31 34.24 6.49
CA GLY A 202 -35.30 35.10 5.86
C GLY A 202 -34.69 36.26 5.10
N GLY A 203 -33.43 36.56 5.37
CA GLY A 203 -32.79 37.66 4.66
C GLY A 203 -32.03 38.60 5.56
N ASP A 204 -30.73 38.73 5.29
CA ASP A 204 -29.87 39.61 6.04
C ASP A 204 -28.78 40.19 5.14
N ILE A 205 -28.10 41.22 5.63
CA ILE A 205 -27.04 41.83 4.86
C ILE A 205 -25.68 41.70 5.56
N PHE A 206 -24.68 41.27 4.82
CA PHE A 206 -23.34 41.16 5.37
C PHE A 206 -22.48 42.02 4.46
N ALA A 207 -21.23 42.21 4.85
CA ALA A 207 -20.37 43.03 4.01
C ALA A 207 -18.90 42.75 4.20
N PHE A 208 -18.18 42.85 3.09
CA PHE A 208 -16.74 42.68 3.06
C PHE A 208 -16.15 44.09 2.90
N TYR A 209 -15.43 44.55 3.91
CA TYR A 209 -14.82 45.87 3.86
C TYR A 209 -13.44 45.75 4.49
N PRO A 210 -12.37 45.91 3.67
CA PRO A 210 -12.37 46.20 2.23
C PRO A 210 -12.45 44.96 1.34
N PHE A 211 -12.96 45.12 0.12
CA PHE A 211 -13.01 44.00 -0.83
C PHE A 211 -12.24 44.55 -2.02
N LEU A 212 -10.92 44.41 -1.97
CA LEU A 212 -10.05 44.98 -2.98
C LEU A 212 -9.51 44.06 -4.07
N PRO A 213 -9.30 44.63 -5.27
CA PRO A 213 -8.76 43.87 -6.41
C PRO A 213 -7.23 43.91 -6.23
N SER A 214 -6.45 43.39 -7.18
CA SER A 214 -4.99 43.40 -7.02
C SER A 214 -4.40 44.77 -7.36
N VAL A 215 -5.12 45.53 -8.18
CA VAL A 215 -4.68 46.87 -8.58
C VAL A 215 -5.93 47.74 -8.54
N LEU A 216 -6.02 48.54 -7.48
CA LEU A 216 -7.17 49.40 -7.24
C LEU A 216 -7.22 50.71 -8.04
N LEU A 217 -8.37 50.94 -8.69
CA LEU A 217 -8.63 52.18 -9.44
C LEU A 217 -9.07 53.20 -8.39
N LEU A 218 -8.31 54.26 -8.23
CA LEU A 218 -8.66 55.25 -7.22
C LEU A 218 -8.21 56.64 -7.68
N ASN A 219 -9.15 57.57 -7.86
CA ASN A 219 -8.76 58.90 -8.27
C ASN A 219 -8.37 59.70 -7.04
N GLU A 220 -7.79 60.87 -7.26
CA GLU A 220 -7.34 61.70 -6.15
C GLU A 220 -8.43 62.11 -5.16
N LYS A 221 -9.60 62.46 -5.67
CA LYS A 221 -10.75 62.86 -4.86
C LYS A 221 -11.12 61.74 -3.91
N ASP A 222 -11.29 60.55 -4.47
CA ASP A 222 -11.66 59.37 -3.69
C ASP A 222 -10.55 58.92 -2.73
N LEU A 223 -9.30 59.05 -3.15
CA LEU A 223 -8.20 58.65 -2.28
C LEU A 223 -8.20 59.52 -1.00
N ASN A 224 -8.46 60.81 -1.16
CA ASN A 224 -8.48 61.69 -0.01
C ASN A 224 -9.74 61.51 0.81
N LEU A 225 -10.82 61.07 0.19
CA LEU A 225 -12.03 60.88 0.96
C LEU A 225 -11.83 59.75 1.97
N ILE A 226 -11.30 58.60 1.56
CA ILE A 226 -11.14 57.54 2.55
C ILE A 226 -10.00 57.80 3.54
N LEU A 227 -9.10 58.70 3.17
CA LEU A 227 -8.01 59.02 4.08
C LEU A 227 -8.60 59.88 5.20
N ASN A 228 -9.38 60.88 4.82
CA ASN A 228 -10.03 61.75 5.79
C ASN A 228 -11.01 60.99 6.68
N LYS A 229 -11.84 60.11 6.09
CA LYS A 229 -12.78 59.34 6.91
C LYS A 229 -11.96 58.53 7.92
N SER A 230 -10.81 58.02 7.47
CA SER A 230 -9.94 57.23 8.33
C SER A 230 -9.37 58.06 9.47
N LEU A 231 -9.06 59.32 9.19
CA LEU A 231 -8.52 60.22 10.22
C LEU A 231 -9.59 60.62 11.21
N VAL A 232 -10.82 60.79 10.75
CA VAL A 232 -11.91 61.18 11.64
C VAL A 232 -12.19 60.10 12.65
N TYR A 234 -9.94 57.78 13.67
CA TYR A 234 -8.77 57.60 14.49
C TYR A 234 -8.85 58.58 15.66
N GLU A 235 -9.34 59.78 15.37
CA GLU A 235 -9.50 60.83 16.38
C GLU A 235 -10.67 60.47 17.29
N SER A 236 -11.66 59.81 16.70
CA SER A 236 -12.86 59.38 17.41
C SER A 236 -12.57 58.31 18.46
N LEU A 237 -11.32 57.87 18.55
CA LEU A 237 -10.96 56.83 19.51
C LEU A 237 -10.78 57.36 20.93
N ASP A 238 -11.34 56.62 21.87
CA ASP A 238 -11.27 56.92 23.30
C ASP A 238 -10.97 55.58 23.99
N SER A 239 -10.92 55.55 25.32
CA SER A 239 -10.61 54.31 26.05
C SER A 239 -11.76 53.32 26.26
N THR A 240 -13.01 53.78 26.24
CA THR A 240 -14.12 52.84 26.38
C THR A 240 -14.15 52.04 25.09
N THR A 241 -13.77 52.68 23.98
CA THR A 241 -13.72 52.01 22.69
C THR A 241 -13.26 50.55 22.90
N ASP A 242 -13.97 49.64 22.24
CA ASP A 242 -13.67 48.21 22.30
C ASP A 242 -12.24 48.00 21.78
N VAL A 243 -11.51 47.07 22.38
CA VAL A 243 -10.13 46.82 21.94
C VAL A 243 -10.03 46.30 20.52
N ILE A 244 -10.94 45.40 20.14
CA ILE A 244 -10.94 44.84 18.79
C ILE A 244 -11.22 45.94 17.74
N VAL A 245 -12.15 46.85 18.05
CA VAL A 245 -12.49 47.96 17.18
C VAL A 245 -11.28 48.89 17.02
N LYS A 246 -10.69 49.26 18.15
CA LYS A 246 -9.53 50.14 18.18
C LYS A 246 -8.43 49.60 17.28
N ARG A 247 -8.25 48.29 17.32
CA ARG A 247 -7.24 47.65 16.50
C ARG A 247 -7.53 47.86 15.01
N ASN A 248 -8.77 47.57 14.61
CA ASN A 248 -9.18 47.73 13.21
C ASN A 248 -9.03 49.18 12.71
N VAL A 249 -9.52 50.14 13.50
CA VAL A 249 -9.44 51.55 13.14
C VAL A 249 -7.98 51.95 12.91
N ILE A 250 -7.10 51.47 13.78
CA ILE A 250 -5.69 51.80 13.64
C ILE A 250 -5.13 51.11 12.41
N LYS A 251 -5.58 49.89 12.18
CA LYS A 251 -5.14 49.15 11.00
C LYS A 251 -5.61 49.86 9.75
N GLN A 252 -6.86 50.32 9.78
CA GLN A 252 -7.43 51.01 8.63
C GLN A 252 -6.58 52.23 8.30
N LEU A 253 -6.28 53.03 9.30
CA LEU A 253 -5.49 54.22 9.07
C LEU A 253 -4.09 53.90 8.56
N GLN A 254 -3.51 52.80 9.05
CA GLN A 254 -2.17 52.42 8.59
C GLN A 254 -2.25 52.01 7.13
N PHE A 255 -3.26 51.22 6.81
CA PHE A 255 -3.46 50.75 5.45
C PHE A 255 -3.72 51.88 4.47
N VAL A 256 -4.70 52.73 4.78
CA VAL A 256 -5.04 53.83 3.88
C VAL A 256 -3.88 54.79 3.70
N SER A 257 -3.02 54.86 4.72
CA SER A 257 -1.84 55.73 4.65
C SER A 257 -0.82 55.13 3.70
N LYS A 258 -0.70 53.81 3.73
CA LYS A 258 0.23 53.11 2.87
C LYS A 258 -0.27 53.23 1.44
N LEU A 259 -1.58 53.22 1.25
CA LEU A 259 -2.11 53.36 -0.11
C LEU A 259 -1.70 54.73 -0.62
N HIS A 260 -1.94 55.75 0.19
CA HIS A 260 -1.59 57.11 -0.17
C HIS A 260 -0.10 57.25 -0.53
N GLU A 261 0.74 56.41 0.05
CA GLU A 261 2.17 56.46 -0.23
C GLU A 261 2.56 55.81 -1.55
N ASN A 262 1.78 54.85 -2.01
CA ASN A 262 2.13 54.19 -3.26
C ASN A 262 1.19 54.49 -4.40
N TRP A 263 0.24 55.39 -4.15
CA TRP A 263 -0.72 55.76 -5.16
C TRP A 263 0.00 56.41 -6.34
N ASN A 264 -0.32 55.95 -7.56
CA ASN A 264 0.25 56.48 -8.79
C ASN A 264 -0.73 57.52 -9.30
N SER A 265 -0.44 58.80 -9.14
CA SER A 265 -1.38 59.83 -9.56
C SER A 265 -1.67 59.89 -11.04
N ARG A 266 -0.67 59.61 -11.86
CA ARG A 266 -0.86 59.69 -13.30
C ARG A 266 -1.75 58.61 -13.87
N PHE A 267 -1.93 57.52 -13.15
CA PHE A 267 -2.80 56.45 -13.62
C PHE A 267 -4.00 56.31 -12.69
N GLY A 268 -3.94 57.03 -11.57
CA GLY A 268 -5.01 56.99 -10.60
C GLY A 268 -5.25 55.58 -10.15
N LYS A 269 -4.17 54.86 -9.86
CA LYS A 269 -4.28 53.48 -9.43
C LYS A 269 -3.26 53.23 -8.33
N VAL A 270 -3.36 52.08 -7.68
CA VAL A 270 -2.44 51.69 -6.61
C VAL A 270 -2.47 50.17 -6.48
N ASP A 271 -1.30 49.57 -6.29
CA ASP A 271 -1.20 48.12 -6.14
C ASP A 271 -1.57 47.68 -4.75
N ILE A 272 -2.22 46.52 -4.64
CA ILE A 272 -2.63 46.01 -3.35
C ILE A 272 -2.15 44.59 -3.14
N GLN A 273 -1.28 44.42 -2.16
CA GLN A 273 -0.67 43.13 -1.82
C GLN A 273 -1.67 42.08 -1.34
N LYS A 274 -1.47 40.84 -1.76
CA LYS A 274 -2.38 39.75 -1.40
C LYS A 274 -2.74 39.68 0.09
N GLU A 275 -1.85 40.17 0.94
CA GLU A 275 -2.08 40.14 2.38
C GLU A 275 -3.29 40.96 2.80
N TYR A 276 -3.44 42.16 2.21
CA TYR A 276 -4.55 43.06 2.53
C TYR A 276 -5.87 42.71 1.85
N ARG A 277 -5.87 41.67 1.04
CA ARG A 277 -7.08 41.30 0.33
C ARG A 277 -7.91 40.20 0.99
N LEU A 278 -7.34 39.55 2.00
CA LEU A 278 -8.05 38.49 2.71
C LEU A 278 -8.82 39.14 3.86
N ALA A 279 -10.13 39.31 3.69
CA ALA A 279 -10.91 39.94 4.72
C ALA A 279 -12.11 39.10 5.10
N LYS A 280 -12.44 39.09 6.39
CA LYS A 280 -13.58 38.32 6.85
C LYS A 280 -14.84 39.17 6.89
N VAL A 281 -15.95 38.53 6.52
CA VAL A 281 -17.25 39.19 6.48
C VAL A 281 -17.67 39.84 7.78
N GLN A 282 -18.35 40.97 7.63
CA GLN A 282 -18.89 41.72 8.75
C GLN A 282 -20.40 41.49 8.66
N GLY A 283 -21.10 41.59 9.79
CA GLY A 283 -22.54 41.39 9.79
C GLY A 283 -23.05 40.36 10.79
N PRO A 284 -24.37 40.16 10.86
CA PRO A 284 -25.35 40.84 10.01
C PRO A 284 -25.54 42.31 10.36
N PHE A 285 -25.94 43.08 9.35
CA PHE A 285 -26.21 44.47 9.54
C PHE A 285 -27.55 44.55 10.24
N THR A 286 -27.71 45.61 11.01
CA THR A 286 -28.94 45.88 11.72
C THR A 286 -29.82 46.64 10.73
N ILE A 287 -31.07 46.23 10.55
CA ILE A 287 -31.95 46.97 9.64
C ILE A 287 -33.05 47.56 10.51
N ASN A 288 -32.88 48.82 10.88
CA ASN A 288 -33.81 49.49 11.77
C ASN A 288 -34.60 50.63 11.14
N PRO A 289 -35.94 50.59 11.24
CA PRO A 289 -36.78 49.58 11.90
C PRO A 289 -37.29 48.55 10.90
N PHE A 290 -37.01 47.28 11.16
CA PHE A 290 -37.45 46.21 10.25
C PHE A 290 -38.95 45.97 10.28
N PRO A 291 -39.61 46.01 9.10
CA PRO A 291 -41.06 45.80 8.92
C PRO A 291 -41.48 44.42 9.41
N GLY A 292 -42.45 44.38 10.32
CA GLY A 292 -42.91 43.11 10.85
C GLY A 292 -43.39 42.10 9.82
N GLU A 293 -44.15 42.54 8.82
CA GLU A 293 -44.68 41.62 7.82
C GLU A 293 -43.61 40.76 7.20
N LEU A 294 -42.53 41.41 6.81
CA LEU A 294 -41.41 40.75 6.13
C LEU A 294 -40.77 39.54 6.83
N TYR A 295 -41.06 39.36 8.11
CA TYR A 295 -40.48 38.22 8.81
C TYR A 295 -41.05 36.93 8.20
N ASP A 296 -42.17 37.07 7.51
CA ASP A 296 -42.84 35.93 6.87
C ASP A 296 -42.40 35.73 5.44
N TYR A 297 -41.44 36.53 4.97
CA TYR A 297 -40.96 36.40 3.60
C TYR A 297 -39.45 36.29 3.52
N THR A 298 -38.94 36.20 2.29
CA THR A 298 -37.51 36.09 2.08
C THR A 298 -36.98 37.16 1.14
N ALA A 299 -35.77 37.64 1.46
CA ALA A 299 -35.10 38.65 0.67
C ALA A 299 -34.66 38.03 -0.66
N THR A 300 -34.88 38.76 -1.76
CA THR A 300 -34.54 38.24 -3.09
C THR A 300 -33.30 38.84 -3.75
N ASN A 301 -33.29 40.16 -3.86
CA ASN A 301 -32.17 40.87 -4.49
C ASN A 301 -31.72 42.07 -3.71
N ILE A 302 -30.54 42.55 -4.05
CA ILE A 302 -30.00 43.73 -3.42
C ILE A 302 -29.38 44.60 -4.51
N ALA A 303 -29.58 45.91 -4.40
CA ALA A 303 -29.07 46.83 -5.37
C ALA A 303 -28.57 48.07 -4.68
N THR A 304 -27.65 48.76 -5.33
CA THR A 304 -27.10 49.97 -4.77
C THR A 304 -27.38 51.10 -5.73
N ILE A 305 -27.96 52.18 -5.22
CA ILE A 305 -28.31 53.33 -6.05
C ILE A 305 -27.65 54.60 -5.57
N LEU A 306 -26.96 55.24 -6.50
CA LEU A 306 -26.26 56.48 -6.21
C LEU A 306 -27.24 57.65 -6.09
N ILE A 307 -27.05 58.45 -5.05
CA ILE A 307 -27.89 59.62 -4.74
C ILE A 307 -27.28 60.95 -5.22
N ASP A 308 -25.96 61.07 -5.13
CA ASP A 308 -25.29 62.29 -5.57
C ASP A 308 -23.94 61.96 -6.18
N ASN A 309 -22.99 62.89 -6.08
CA ASN A 309 -21.65 62.68 -6.64
C ASN A 309 -20.58 62.52 -5.58
N GLY A 310 -21.00 62.15 -4.38
CA GLY A 310 -20.05 61.99 -3.29
C GLY A 310 -20.17 60.63 -2.64
N GLN A 311 -20.42 59.60 -3.45
CA GLN A 311 -20.55 58.22 -2.96
C GLN A 311 -21.73 57.97 -2.02
N ASN A 312 -22.66 58.92 -1.93
CA ASN A 312 -23.83 58.71 -1.08
C ASN A 312 -24.82 57.79 -1.82
N GLU A 313 -25.22 56.71 -1.16
CA GLU A 313 -26.11 55.71 -1.76
C GLU A 313 -27.24 55.18 -0.90
N ILE A 314 -28.13 54.46 -1.56
CA ILE A 314 -29.27 53.85 -0.92
C ILE A 314 -29.19 52.38 -1.26
N VAL A 315 -29.36 51.52 -0.25
CA VAL A 315 -29.32 50.09 -0.46
C VAL A 315 -30.75 49.63 -0.65
N CYS A 316 -31.02 48.88 -1.72
CA CYS A 316 -32.35 48.39 -1.97
C CYS A 316 -32.42 46.87 -1.90
N VAL A 317 -33.42 46.36 -1.20
CA VAL A 317 -33.60 44.92 -1.06
C VAL A 317 -35.02 44.43 -1.45
N SER A 318 -35.06 43.34 -2.21
CA SER A 318 -36.30 42.71 -2.68
C SER A 318 -36.78 41.66 -1.70
N PHE A 319 -38.09 41.38 -1.73
CA PHE A 319 -38.69 40.36 -0.85
C PHE A 319 -39.81 39.58 -1.56
N ASP A 320 -40.03 38.35 -1.11
CA ASP A 320 -41.07 37.46 -1.66
C ASP A 320 -42.40 38.16 -1.91
N ASP A 321 -42.82 38.99 -0.97
CA ASP A 321 -44.09 39.68 -1.07
C ASP A 321 -44.15 40.79 -2.10
N GLY A 322 -43.20 40.80 -3.03
CA GLY A 322 -43.18 41.83 -4.05
C GLY A 322 -42.98 43.20 -3.41
N SER A 323 -42.28 43.21 -2.28
CA SER A 323 -42.00 44.43 -1.53
C SER A 323 -40.54 44.88 -1.71
N LEU A 324 -40.31 46.16 -1.45
CA LEU A 324 -38.99 46.76 -1.57
C LEU A 324 -38.69 47.60 -0.36
N ILE A 325 -37.49 47.50 0.20
CA ILE A 325 -37.16 48.36 1.32
C ILE A 325 -35.93 49.19 0.97
N LEU A 326 -36.06 50.49 1.02
CA LEU A 326 -34.98 51.40 0.70
C LEU A 326 -34.27 51.72 2.00
N LEU A 327 -33.00 51.34 2.10
CA LEU A 327 -32.23 51.53 3.31
C LEU A 327 -31.12 52.58 3.16
N PHE A 328 -30.67 53.10 4.30
CA PHE A 328 -29.62 54.11 4.37
C PHE A 328 -28.62 53.77 5.48
N LYS A 329 -27.33 53.74 5.16
CA LYS A 329 -26.27 53.43 6.13
C LYS A 329 -25.82 54.69 6.88
N ASP A 330 -26.23 54.81 8.14
CA ASP A 330 -25.92 55.96 8.98
C ASP A 330 -24.58 55.93 9.70
N LEU A 331 -24.07 54.75 10.01
CA LEU A 331 -22.79 54.68 10.70
C LEU A 331 -21.63 54.38 9.76
N GLU A 332 -20.45 54.85 10.13
CA GLU A 332 -19.28 54.60 9.29
C GLU A 332 -18.62 53.28 9.71
N SER A 334 -15.70 50.30 9.81
CA SER A 334 -14.25 50.30 9.91
C SER A 334 -13.87 49.04 9.15
N SER A 336 -12.03 45.56 8.35
CA SER A 336 -11.74 44.41 9.20
C SER A 336 -11.25 43.23 8.37
N TRP A 337 -10.21 42.56 8.86
CA TRP A 337 -9.65 41.43 8.14
C TRP A 337 -9.70 40.12 8.91
N ASP A 338 -9.33 40.12 10.20
CA ASP A 338 -9.33 38.91 11.03
C ASP A 338 -10.64 38.63 11.73
N VAL A 339 -11.02 39.56 12.60
CA VAL A 339 -12.21 39.45 13.41
C VAL A 339 -13.40 38.68 12.84
N ASP A 340 -13.72 37.54 13.47
CA ASP A 340 -14.87 36.74 13.06
C ASP A 340 -16.11 37.40 13.62
N ASN A 341 -17.21 37.29 12.89
CA ASN A 341 -18.46 37.87 13.34
C ASN A 341 -18.31 39.32 13.79
N TYR A 342 -17.44 40.04 13.11
CA TYR A 342 -17.25 41.44 13.45
C TYR A 342 -18.50 42.19 13.04
N VAL A 343 -19.01 42.96 13.98
CA VAL A 343 -20.16 43.79 13.74
C VAL A 343 -19.60 45.07 14.33
N TYR A 344 -20.11 46.21 13.92
CA TYR A 344 -19.64 47.48 14.45
C TYR A 344 -20.00 48.50 13.43
N ASN A 345 -20.94 49.33 13.79
CA ASN A 345 -21.43 50.33 12.90
C ASN A 345 -21.98 49.68 11.64
N ASN A 346 -22.30 48.39 11.74
CA ASN A 346 -22.91 47.66 10.64
C ASN A 346 -24.38 47.99 10.81
N SER A 347 -24.72 49.24 10.52
CA SER A 347 -26.07 49.74 10.72
C SER A 347 -26.75 50.34 9.51
N LEU A 348 -27.96 49.86 9.23
CA LEU A 348 -28.78 50.36 8.14
C LEU A 348 -30.11 50.84 8.73
N VAL A 349 -30.63 51.90 8.15
CA VAL A 349 -31.88 52.47 8.60
C VAL A 349 -32.91 52.44 7.47
N LEU A 350 -34.16 52.10 7.79
CA LEU A 350 -35.22 52.05 6.79
C LEU A 350 -35.76 53.44 6.50
N ILE A 351 -35.76 53.84 5.23
CA ILE A 351 -36.27 55.15 4.84
C ILE A 351 -37.67 55.02 4.27
N GLU A 352 -37.90 53.96 3.51
CA GLU A 352 -39.21 53.71 2.91
C GLU A 352 -39.40 52.25 2.46
N ARG A 353 -40.66 51.86 2.34
CA ARG A 353 -41.00 50.53 1.86
C ARG A 353 -41.95 50.71 0.65
N VAL A 354 -41.70 49.95 -0.41
CA VAL A 354 -42.51 50.03 -1.62
C VAL A 354 -43.10 48.66 -1.95
N LYS A 355 -44.42 48.54 -1.87
CA LYS A 355 -45.07 47.27 -2.20
C LYS A 355 -45.56 47.35 -3.63
N LEU A 356 -44.99 46.52 -4.50
CA LEU A 356 -45.36 46.50 -5.91
C LEU A 356 -46.35 45.38 -6.17
N GLN A 357 -46.58 44.55 -5.16
CA GLN A 357 -47.52 43.45 -5.26
C GLN A 357 -47.38 42.64 -6.54
N ARG A 358 -46.16 42.60 -7.08
CA ARG A 358 -45.87 41.83 -8.30
C ARG A 358 -44.66 41.00 -7.95
N GLU A 359 -44.46 39.89 -8.65
CA GLU A 359 -43.30 39.05 -8.36
C GLU A 359 -42.04 39.71 -8.92
N ILE A 360 -41.20 40.26 -8.04
CA ILE A 360 -39.99 40.93 -8.49
C ILE A 360 -38.93 39.94 -8.93
N LYS A 361 -38.65 39.91 -10.23
CA LYS A 361 -37.67 38.97 -10.75
C LYS A 361 -36.24 39.52 -10.79
N SER A 362 -36.07 40.83 -10.68
CA SER A 362 -34.73 41.43 -10.66
C SER A 362 -34.71 42.94 -10.55
N LEU A 363 -33.58 43.46 -10.06
CA LEU A 363 -33.36 44.90 -9.88
C LEU A 363 -32.21 45.33 -10.79
N ILE A 364 -32.35 46.50 -11.42
CA ILE A 364 -31.34 46.99 -12.34
C ILE A 364 -31.16 48.50 -12.20
N THR A 365 -29.92 48.96 -12.40
CA THR A 365 -29.63 50.39 -12.31
C THR A 365 -28.75 50.80 -13.48
N LEU A 366 -28.91 52.06 -13.87
CA LEU A 366 -28.13 52.61 -14.96
C LEU A 366 -27.35 53.77 -14.37
N PRO A 367 -26.02 53.62 -14.27
CA PRO A 367 -25.09 54.62 -13.73
C PRO A 367 -25.43 56.06 -14.11
N GLU A 368 -25.93 56.24 -15.33
CA GLU A 368 -26.29 57.56 -15.82
C GLU A 368 -27.48 58.24 -15.13
N GLN A 369 -28.25 57.50 -14.33
CA GLN A 369 -29.41 58.09 -13.66
C GLN A 369 -29.43 57.91 -12.15
N LEU A 370 -29.19 58.99 -11.42
CA LEU A 370 -29.18 58.95 -9.96
C LEU A 370 -30.57 58.69 -9.39
N GLY A 371 -30.60 58.17 -8.18
CA GLY A 371 -31.86 57.90 -7.50
C GLY A 371 -32.98 57.20 -8.25
N LYS A 372 -32.65 56.44 -9.29
CA LYS A 372 -33.66 55.72 -10.05
C LYS A 372 -33.31 54.25 -10.11
N LEU A 373 -34.30 53.42 -9.95
CA LEU A 373 -34.09 51.99 -9.95
C LEU A 373 -35.13 51.30 -10.83
N TYR A 374 -34.69 50.36 -11.66
CA TYR A 374 -35.61 49.62 -12.52
C TYR A 374 -35.93 48.29 -11.84
N VAL A 375 -37.21 47.97 -11.73
CA VAL A 375 -37.62 46.72 -11.12
C VAL A 375 -38.34 45.88 -12.15
N ILE A 376 -37.77 44.74 -12.47
CA ILE A 376 -38.38 43.86 -13.43
C ILE A 376 -39.28 42.85 -12.74
N SER A 377 -40.59 43.07 -12.85
CA SER A 377 -41.57 42.18 -12.26
C SER A 377 -41.85 41.05 -13.26
N ASP A 378 -43.07 40.54 -13.32
CA ASP A 378 -43.33 39.44 -14.25
C ASP A 378 -43.58 39.83 -15.69
N ASN A 379 -44.25 40.96 -15.90
CA ASN A 379 -44.54 41.40 -17.27
C ASN A 379 -44.36 42.90 -17.39
N ILE A 380 -43.87 43.52 -16.32
CA ILE A 380 -43.64 44.94 -16.33
C ILE A 380 -42.22 45.28 -15.96
N ILE A 381 -41.81 46.47 -16.35
CA ILE A 381 -40.51 46.99 -16.01
C ILE A 381 -40.97 48.30 -15.43
N GLN A 382 -40.89 48.43 -14.11
CA GLN A 382 -41.30 49.65 -13.45
C GLN A 382 -40.05 50.41 -13.08
N GLN A 383 -40.20 51.70 -12.82
CA GLN A 383 -39.06 52.51 -12.42
C GLN A 383 -39.41 53.26 -11.15
N VAL A 384 -38.72 52.93 -10.07
CA VAL A 384 -38.91 53.59 -8.81
C VAL A 384 -38.01 54.80 -8.85
N ASN A 385 -38.58 55.99 -8.64
CA ASN A 385 -37.79 57.21 -8.68
C ASN A 385 -37.84 57.90 -7.34
N PHE A 386 -36.76 57.84 -6.57
CA PHE A 386 -36.76 58.47 -5.27
C PHE A 386 -35.91 59.72 -5.12
N SER A 388 -37.13 62.54 -5.34
CA SER A 388 -38.06 63.48 -4.73
C SER A 388 -37.47 63.86 -3.39
N TRP A 389 -37.10 62.83 -2.62
CA TRP A 389 -36.53 63.03 -1.30
C TRP A 389 -35.02 62.85 -1.24
N ALA A 390 -34.49 61.95 -2.06
CA ALA A 390 -33.05 61.68 -2.08
C ALA A 390 -32.20 62.90 -2.33
N SER A 391 -32.65 63.78 -3.22
CA SER A 391 -31.92 65.00 -3.55
C SER A 391 -31.77 65.91 -2.34
N THR A 392 -32.80 65.95 -1.52
CA THR A 392 -32.78 66.77 -0.31
C THR A 392 -31.91 66.11 0.75
N LEU A 393 -32.01 64.78 0.80
CA LEU A 393 -31.25 63.99 1.75
C LEU A 393 -29.74 64.19 1.60
N SER A 394 -29.26 64.25 0.37
CA SER A 394 -27.82 64.44 0.16
C SER A 394 -27.43 65.88 0.45
N LYS A 395 -28.35 66.81 0.22
CA LYS A 395 -28.04 68.21 0.48
C LYS A 395 -27.80 68.40 1.96
N SER A 396 -28.66 67.83 2.78
CA SER A 396 -28.51 67.96 4.21
C SER A 396 -27.26 67.22 4.72
N ILE A 397 -26.93 66.09 4.08
CA ILE A 397 -25.74 65.34 4.49
C ILE A 397 -24.53 66.22 4.21
N ASN A 398 -24.52 66.82 3.02
CA ASN A 398 -23.40 67.65 2.61
C ASN A 398 -23.40 69.05 3.22
N GLU A 399 -24.56 69.54 3.63
CA GLU A 399 -24.64 70.87 4.24
C GLU A 399 -24.85 70.79 5.74
N SER A 400 -24.72 69.60 6.30
CA SER A 400 -24.86 69.36 7.74
C SER A 400 -26.08 70.05 8.36
N ASP A 401 -27.17 70.08 7.62
CA ASP A 401 -28.41 70.72 8.09
C ASP A 401 -29.58 69.75 8.00
N LEU A 402 -30.09 69.30 9.14
CA LEU A 402 -31.20 68.36 9.17
C LEU A 402 -32.59 68.94 8.89
N ASN A 403 -32.77 70.23 9.13
CA ASN A 403 -34.06 70.91 8.92
C ASN A 403 -34.83 70.53 7.66
N PRO A 404 -34.21 70.65 6.49
CA PRO A 404 -34.93 70.31 5.25
C PRO A 404 -35.73 69.02 5.36
N LEU A 405 -35.19 68.03 6.06
CA LEU A 405 -35.85 66.73 6.22
C LEU A 405 -37.22 66.80 6.86
N ALA A 406 -37.39 67.77 7.75
CA ALA A 406 -38.66 67.98 8.45
C ALA A 406 -39.78 68.19 7.44
N GLY A 407 -40.82 67.36 7.54
CA GLY A 407 -41.93 67.49 6.63
C GLY A 407 -41.85 66.58 5.41
N LEU A 408 -40.70 66.58 4.74
CA LEU A 408 -40.51 65.75 3.55
C LEU A 408 -41.22 64.42 3.63
N LYS A 409 -41.98 64.09 2.59
CA LYS A 409 -42.65 62.82 2.55
C LYS A 409 -41.76 61.92 1.73
N PHE A 410 -41.31 60.84 2.35
CA PHE A 410 -40.43 59.90 1.69
C PHE A 410 -41.21 58.88 0.89
N GLU A 411 -41.79 59.35 -0.21
CA GLU A 411 -42.56 58.52 -1.12
C GLU A 411 -41.87 58.60 -2.48
N SER A 412 -41.61 57.44 -3.07
CA SER A 412 -40.95 57.40 -4.37
C SER A 412 -41.98 57.36 -5.47
N LYS A 413 -41.66 57.98 -6.60
CA LYS A 413 -42.56 58.00 -7.74
C LYS A 413 -42.40 56.68 -8.50
N LEU A 414 -43.48 55.90 -8.52
CA LEU A 414 -43.45 54.63 -9.21
C LEU A 414 -43.92 54.91 -10.63
N GLU A 415 -43.39 54.19 -11.61
CA GLU A 415 -43.80 54.42 -12.99
C GLU A 415 -43.58 53.23 -13.90
N ASP A 416 -44.62 52.84 -14.62
CA ASP A 416 -44.53 51.70 -15.53
C ASP A 416 -43.78 52.10 -16.80
N ILE A 417 -42.65 51.44 -17.01
CA ILE A 417 -41.81 51.73 -18.17
C ILE A 417 -42.30 51.01 -19.40
N ALA A 418 -42.59 49.72 -19.27
CA ALA A 418 -43.04 48.96 -20.41
C ALA A 418 -43.48 47.57 -20.03
N THR A 419 -44.19 46.91 -20.95
CA THR A 419 -44.67 45.56 -20.73
C THR A 419 -43.69 44.62 -21.41
N ILE A 420 -43.21 43.64 -20.65
CA ILE A 420 -42.26 42.68 -21.17
C ILE A 420 -42.84 41.28 -21.11
N GLU A 421 -42.05 40.31 -21.56
CA GLU A 421 -42.46 38.92 -21.56
C GLU A 421 -41.32 38.06 -21.10
N ARG A 422 -40.11 38.50 -21.42
CA ARG A 422 -38.90 37.77 -21.06
C ARG A 422 -37.97 38.81 -20.44
N ILE A 423 -37.62 38.65 -19.15
CA ILE A 423 -36.73 39.62 -18.50
C ILE A 423 -35.75 40.22 -19.50
N PRO A 424 -36.09 41.40 -20.03
CA PRO A 424 -35.23 42.04 -21.03
C PRO A 424 -33.86 42.52 -20.55
N ASN A 425 -33.06 42.88 -21.53
CA ASN A 425 -31.71 43.37 -21.33
C ASN A 425 -31.87 44.89 -21.50
N LEU A 426 -31.43 45.68 -20.52
CA LEU A 426 -31.55 47.13 -20.61
C LEU A 426 -30.25 47.82 -20.98
N ALA A 427 -30.37 49.02 -21.52
CA ALA A 427 -29.22 49.81 -21.89
C ALA A 427 -29.61 51.27 -22.12
N TYR A 428 -28.81 52.18 -21.59
CA TYR A 428 -29.03 53.61 -21.74
C TYR A 428 -28.31 54.07 -23.00
N ILE A 429 -29.03 54.74 -23.90
CA ILE A 429 -28.44 55.22 -25.13
C ILE A 429 -28.70 56.71 -25.32
N ASN A 430 -27.62 57.48 -25.37
CA ASN A 430 -27.74 58.92 -25.54
C ASN A 430 -27.64 59.20 -27.03
N TRP A 431 -28.78 59.53 -27.66
CA TRP A 431 -28.78 59.79 -29.08
C TRP A 431 -29.37 61.14 -29.48
N ASN A 432 -28.52 61.97 -30.08
CA ASN A 432 -28.91 63.30 -30.52
C ASN A 432 -29.71 64.06 -29.46
N ASP A 433 -29.04 64.37 -28.35
CA ASP A 433 -29.62 65.09 -27.24
C ASP A 433 -30.85 64.45 -26.60
N GLN A 434 -31.03 63.15 -26.80
CA GLN A 434 -32.15 62.47 -26.20
C GLN A 434 -31.76 61.13 -25.61
N SER A 435 -31.80 61.05 -24.29
CA SER A 435 -31.46 59.81 -23.61
C SER A 435 -32.61 58.83 -23.82
N ASN A 436 -32.27 57.57 -24.07
CA ASN A 436 -33.27 56.54 -24.29
C ASN A 436 -32.94 55.26 -23.54
N LEU A 437 -33.90 54.35 -23.53
CA LEU A 437 -33.74 53.06 -22.88
C LEU A 437 -33.99 51.99 -23.91
N ALA A 438 -33.00 51.15 -24.16
CA ALA A 438 -33.16 50.08 -25.12
C ALA A 438 -33.58 48.82 -24.38
N LEU A 439 -34.71 48.25 -24.77
CA LEU A 439 -35.20 47.02 -24.15
C LEU A 439 -35.00 45.91 -25.14
N SER A 441 -34.85 41.76 -26.06
CA SER A 441 -35.40 40.46 -25.69
C SER A 441 -35.15 39.52 -26.87
N ASN A 442 -35.37 38.23 -26.64
CA ASN A 442 -35.17 37.24 -27.68
C ASN A 442 -35.81 37.72 -28.98
N LYS A 443 -37.11 38.01 -28.90
CA LYS A 443 -37.92 38.43 -30.03
C LYS A 443 -37.95 39.91 -30.38
N THR A 444 -37.62 40.79 -29.44
CA THR A 444 -37.72 42.21 -29.77
C THR A 444 -36.50 43.08 -29.43
N LEU A 445 -36.63 44.36 -29.76
CA LEU A 445 -35.64 45.39 -29.51
C LEU A 445 -36.41 46.70 -29.57
N THR A 446 -36.79 47.20 -28.40
CA THR A 446 -37.55 48.43 -28.28
C THR A 446 -36.71 49.57 -27.73
N PHE A 447 -37.14 50.80 -28.01
CA PHE A 447 -36.44 51.98 -27.51
C PHE A 447 -37.50 52.88 -26.90
N GLN A 448 -37.16 53.55 -25.80
CA GLN A 448 -38.11 54.43 -25.13
C GLN A 448 -37.41 55.66 -24.59
N ASN A 449 -38.13 56.78 -24.59
CA ASN A 449 -37.58 58.04 -24.10
C ASN A 449 -37.45 58.03 -22.59
N ILE A 450 -36.38 58.66 -22.09
CA ILE A 450 -36.12 58.74 -20.67
C ILE A 450 -35.97 60.22 -20.30
N SER A 451 -36.70 60.67 -19.29
CA SER A 451 -36.61 62.06 -18.88
C SER A 451 -35.37 62.25 -18.00
N SER A 452 -34.52 63.19 -18.40
CA SER A 452 -33.27 63.53 -17.70
C SER A 452 -32.07 62.69 -18.16
N ASN B 2 -8.91 25.47 30.32
CA ASN B 2 -9.41 26.50 31.24
C ASN B 2 -10.66 26.13 32.00
N GLU B 3 -10.95 26.92 33.03
CA GLU B 3 -12.09 26.75 33.93
C GLU B 3 -13.44 26.62 33.24
N ASN B 4 -13.49 26.97 31.96
CA ASN B 4 -14.73 26.94 31.20
C ASN B 4 -15.15 25.53 30.74
N TYR B 5 -14.18 24.69 30.39
CA TYR B 5 -14.47 23.36 29.93
C TYR B 5 -14.55 22.28 31.02
N TYR B 6 -15.05 21.10 30.64
CA TYR B 6 -15.19 19.96 31.54
C TYR B 6 -15.32 18.69 30.72
N ILE B 7 -14.75 17.60 31.22
CA ILE B 7 -14.81 16.33 30.51
C ILE B 7 -15.42 15.24 31.38
N SER B 8 -16.05 14.27 30.73
CA SER B 8 -16.66 13.15 31.43
C SER B 8 -16.35 11.90 30.61
N PRO B 9 -15.75 10.88 31.23
CA PRO B 9 -15.33 10.83 32.64
C PRO B 9 -14.19 11.79 33.01
N SER B 10 -13.98 12.00 34.31
CA SER B 10 -12.93 12.86 34.85
C SER B 10 -11.64 12.81 34.06
N LEU B 11 -10.90 13.91 34.08
CA LEU B 11 -9.62 13.95 33.39
C LEU B 11 -8.73 12.97 34.15
N ASP B 12 -9.11 12.72 35.39
CA ASP B 12 -8.40 11.79 36.28
C ASP B 12 -8.73 10.37 35.86
N THR B 13 -10.02 10.05 35.88
CA THR B 13 -10.51 8.74 35.50
C THR B 13 -9.87 8.31 34.18
N LEU B 14 -9.87 9.20 33.21
CA LEU B 14 -9.30 8.92 31.90
C LEU B 14 -7.80 8.64 31.96
N SER B 15 -7.12 9.25 32.92
CA SER B 15 -5.68 9.07 33.06
C SER B 15 -5.29 7.66 33.47
N SER B 16 -6.12 7.05 34.31
CA SER B 16 -5.86 5.70 34.79
C SER B 16 -6.23 4.59 33.80
N TYR B 17 -6.96 4.93 32.75
CA TYR B 17 -7.38 3.95 31.75
C TYR B 17 -6.22 3.22 31.10
N SER B 18 -6.39 1.90 30.93
CA SER B 18 -5.38 1.05 30.29
C SER B 18 -5.07 1.60 28.92
N LEU B 19 -3.81 1.52 28.51
CA LEU B 19 -3.40 2.02 27.21
C LEU B 19 -4.33 1.40 26.16
N LEU B 20 -4.92 0.26 26.50
CA LEU B 20 -5.84 -0.46 25.63
C LEU B 20 -7.24 0.13 25.66
N GLN B 21 -7.80 0.25 26.87
CA GLN B 21 -9.14 0.79 27.03
C GLN B 21 -9.20 2.31 26.90
N LEU B 22 -8.16 2.89 26.31
CA LEU B 22 -8.11 4.33 26.09
C LEU B 22 -8.41 4.50 24.61
N ARG B 23 -8.96 3.43 24.03
CA ARG B 23 -9.32 3.40 22.62
C ARG B 23 -10.82 3.10 22.48
N LYS B 24 -11.41 2.58 23.56
CA LYS B 24 -12.82 2.24 23.59
C LYS B 24 -13.56 3.16 24.54
N VAL B 25 -13.04 4.36 24.78
CA VAL B 25 -13.69 5.26 25.71
C VAL B 25 -15.13 5.56 25.29
N PRO B 26 -16.12 4.99 26.01
CA PRO B 26 -17.52 5.22 25.67
C PRO B 26 -18.10 6.39 26.47
N HIS B 27 -19.19 6.95 25.99
CA HIS B 27 -19.85 8.06 26.67
C HIS B 27 -18.96 9.25 26.98
N LEU B 28 -18.11 9.64 26.04
CA LEU B 28 -17.24 10.79 26.24
C LEU B 28 -18.05 12.07 26.07
N VAL B 29 -17.88 12.99 27.02
CA VAL B 29 -18.60 14.25 26.98
C VAL B 29 -17.66 15.41 27.27
N VAL B 30 -17.60 16.36 26.34
CA VAL B 30 -16.77 17.53 26.48
C VAL B 30 -17.70 18.73 26.35
N GLY B 31 -17.56 19.71 27.22
CA GLY B 31 -18.44 20.86 27.13
C GLY B 31 -17.91 22.14 27.71
N HIS B 32 -18.51 23.25 27.29
CA HIS B 32 -18.15 24.57 27.76
C HIS B 32 -19.30 25.03 28.63
N LYS B 33 -19.02 25.33 29.89
CA LYS B 33 -20.04 25.75 30.85
C LYS B 33 -21.03 26.80 30.36
N SER B 34 -20.61 27.67 29.42
CA SER B 34 -21.48 28.73 28.93
C SER B 34 -22.05 28.55 27.53
N TYR B 35 -21.34 27.84 26.67
CA TYR B 35 -21.79 27.68 25.30
C TYR B 35 -22.53 26.41 24.90
N GLY B 36 -22.15 25.27 25.46
CA GLY B 36 -22.82 24.03 25.11
C GLY B 36 -21.90 22.84 25.28
N LYS B 37 -22.28 21.71 24.70
CA LYS B 37 -21.49 20.49 24.82
C LYS B 37 -21.64 19.57 23.63
N ILE B 38 -20.82 18.53 23.62
CA ILE B 38 -20.87 17.54 22.57
C ILE B 38 -20.74 16.18 23.26
N GLU B 39 -21.69 15.29 23.00
CA GLU B 39 -21.69 13.96 23.58
C GLU B 39 -21.45 12.97 22.47
N PHE B 40 -20.40 12.16 22.58
CA PHE B 40 -20.15 11.18 21.55
C PHE B 40 -21.04 9.97 21.78
N LEU B 41 -21.78 9.57 20.75
CA LEU B 41 -22.72 8.46 20.84
C LEU B 41 -22.14 7.17 20.32
N GLU B 42 -20.81 7.10 20.27
CA GLU B 42 -20.11 5.93 19.77
C GLU B 42 -18.79 5.87 20.53
N PRO B 43 -18.21 4.67 20.69
CA PRO B 43 -16.93 4.63 21.42
C PRO B 43 -15.90 5.51 20.74
N VAL B 44 -15.08 6.17 21.54
CA VAL B 44 -14.03 7.07 21.05
C VAL B 44 -12.62 6.58 21.39
N ASP B 45 -11.68 6.83 20.47
CA ASP B 45 -10.28 6.42 20.66
C ASP B 45 -9.42 7.63 21.06
N LEU B 46 -9.07 7.70 22.34
CA LEU B 46 -8.27 8.80 22.86
C LEU B 46 -6.77 8.47 22.95
N ALA B 47 -6.35 7.45 22.21
CA ALA B 47 -4.96 7.05 22.20
C ALA B 47 -4.17 8.00 21.30
N GLY B 48 -3.03 8.46 21.80
CA GLY B 48 -2.20 9.38 21.04
C GLY B 48 -2.71 10.80 21.09
N ILE B 49 -3.54 11.08 22.10
CA ILE B 49 -4.10 12.41 22.27
C ILE B 49 -3.90 12.91 23.70
N PRO B 50 -3.30 14.10 23.87
CA PRO B 50 -3.06 14.67 25.21
C PRO B 50 -4.40 15.05 25.84
N LEU B 51 -4.85 14.24 26.78
CA LEU B 51 -6.13 14.42 27.46
C LEU B 51 -6.54 15.85 27.83
N THR B 52 -5.62 16.81 27.78
CA THR B 52 -6.00 18.18 28.14
C THR B 52 -6.31 19.00 26.90
N SER B 53 -6.14 18.39 25.74
CA SER B 53 -6.42 19.06 24.47
C SER B 53 -7.91 19.06 24.19
N LEU B 54 -8.59 18.03 24.69
CA LEU B 54 -10.03 17.93 24.52
C LEU B 54 -10.70 19.13 25.18
N GLY B 55 -9.93 19.84 25.99
CA GLY B 55 -10.46 21.01 26.69
C GLY B 55 -10.80 22.15 25.76
N GLY B 56 -9.81 22.78 25.17
CA GLY B 56 -10.07 23.89 24.28
C GLY B 56 -9.12 23.92 23.10
N VAL B 57 -8.48 22.80 22.85
CA VAL B 57 -7.54 22.68 21.74
C VAL B 57 -8.21 21.89 20.61
N ILE B 58 -8.64 20.67 20.95
CA ILE B 58 -9.31 19.79 19.98
C ILE B 58 -10.77 20.17 19.84
N ILE B 59 -11.50 20.22 20.96
CA ILE B 59 -12.90 20.59 20.95
C ILE B 59 -13.04 21.99 21.52
N THR B 60 -13.55 22.93 20.72
CA THR B 60 -13.70 24.30 21.19
C THR B 60 -15.11 24.85 21.02
N PHE B 61 -15.54 25.67 21.98
CA PHE B 61 -16.86 26.28 21.95
C PHE B 61 -16.80 27.80 21.97
N GLU B 62 -17.78 28.41 21.31
CA GLU B 62 -17.92 29.86 21.21
C GLU B 62 -19.42 30.06 21.00
N PRO B 63 -19.92 31.27 21.26
CA PRO B 63 -21.36 31.49 21.07
C PRO B 63 -21.93 30.86 19.81
N LYS B 64 -22.96 30.04 20.00
CA LYS B 64 -23.67 29.35 18.92
C LYS B 64 -22.82 28.44 18.03
N THR B 65 -21.52 28.32 18.30
CA THR B 65 -20.65 27.49 17.47
C THR B 65 -19.85 26.45 18.25
N CYS B 66 -19.50 25.36 17.57
CA CYS B 66 -18.72 24.27 18.15
C CYS B 66 -17.67 23.88 17.10
N ILE B 67 -16.41 24.12 17.40
CA ILE B 67 -15.33 23.81 16.45
C ILE B 67 -14.47 22.65 16.90
N ILE B 68 -14.36 21.63 16.05
CA ILE B 68 -13.55 20.47 16.39
C ILE B 68 -12.27 20.45 15.55
N TYR B 69 -11.14 20.26 16.23
CA TYR B 69 -9.83 20.25 15.59
C TYR B 69 -9.51 21.60 14.99
N ALA B 70 -8.81 22.44 15.76
CA ALA B 70 -8.44 23.76 15.29
C ALA B 70 -7.72 23.60 13.95
N ASN B 71 -7.53 24.72 13.26
CA ASN B 71 -6.87 24.77 11.95
C ASN B 71 -5.93 23.59 11.68
N LEU B 72 -5.93 23.12 10.43
CA LEU B 72 -5.09 22.00 10.01
C LEU B 72 -5.52 20.74 10.75
N PRO B 73 -6.65 20.14 10.32
CA PRO B 73 -7.24 18.92 10.89
C PRO B 73 -6.31 17.71 10.74
N ASN B 74 -6.21 16.88 11.78
CA ASN B 74 -5.34 15.72 11.70
C ASN B 74 -5.84 14.71 10.66
N ARG B 75 -6.94 15.07 9.99
CA ARG B 75 -7.55 14.23 8.96
C ARG B 75 -8.11 12.91 9.50
N PRO B 76 -8.69 12.92 10.72
CA PRO B 76 -9.23 11.66 11.25
C PRO B 76 -10.20 11.00 10.27
N LYS B 77 -9.98 9.73 9.96
CA LYS B 77 -10.88 9.04 9.05
C LYS B 77 -12.15 8.67 9.82
N ARG B 78 -13.25 8.48 9.10
CA ARG B 78 -14.52 8.15 9.73
C ARG B 78 -14.43 6.94 10.65
N GLY B 79 -14.97 7.11 11.86
CA GLY B 79 -14.95 6.02 12.83
C GLY B 79 -13.61 5.92 13.52
N GLU B 80 -12.73 6.87 13.23
CA GLU B 80 -11.39 6.89 13.82
C GLU B 80 -11.21 7.97 14.86
N GLY B 81 -10.60 7.59 15.97
CA GLY B 81 -10.35 8.53 17.04
C GLY B 81 -11.57 9.27 17.53
N ILE B 82 -11.75 10.49 17.07
CA ILE B 82 -12.86 11.32 17.49
C ILE B 82 -13.92 11.51 16.41
N ASN B 83 -13.56 11.18 15.17
CA ASN B 83 -14.49 11.33 14.04
C ASN B 83 -15.56 10.23 14.11
N VAL B 84 -16.57 10.47 14.95
CA VAL B 84 -17.64 9.52 15.20
C VAL B 84 -18.96 10.26 15.44
N ARG B 85 -20.09 9.54 15.45
CA ARG B 85 -21.39 10.18 15.67
C ARG B 85 -21.45 10.86 17.03
N ALA B 86 -22.10 12.02 17.11
CA ALA B 86 -22.20 12.72 18.39
C ALA B 86 -23.39 13.67 18.48
N ARG B 87 -23.84 13.93 19.71
CA ARG B 87 -24.96 14.85 19.94
C ARG B 87 -24.43 16.20 20.44
N ILE B 88 -24.61 17.23 19.63
CA ILE B 88 -24.15 18.56 20.01
C ILE B 88 -25.30 19.40 20.57
N THR B 89 -25.01 20.15 21.63
CA THR B 89 -25.99 21.01 22.28
C THR B 89 -25.49 22.45 22.32
N CYS B 90 -26.21 23.39 21.72
CA CYS B 90 -25.82 24.80 21.75
C CYS B 90 -26.83 25.66 22.52
N PHE B 91 -26.32 26.39 23.52
CA PHE B 91 -27.16 27.24 24.34
C PHE B 91 -27.40 28.60 23.69
N ASN B 92 -28.57 29.16 23.98
CA ASN B 92 -28.97 30.47 23.48
C ASN B 92 -28.90 30.63 21.97
N CYS B 93 -29.70 29.85 21.26
CA CYS B 93 -29.77 29.92 19.82
C CYS B 93 -31.15 30.45 19.46
N TYR B 94 -31.55 31.54 20.10
CA TYR B 94 -32.86 32.13 19.81
C TYR B 94 -32.81 32.89 18.47
N PRO B 95 -33.99 33.25 17.95
CA PRO B 95 -34.09 33.98 16.69
C PRO B 95 -33.67 35.41 17.02
N VAL B 96 -33.16 36.15 16.05
CA VAL B 96 -32.73 37.51 16.33
C VAL B 96 -33.59 38.59 15.70
N ASP B 97 -33.79 39.68 16.45
CA ASP B 97 -34.55 40.81 15.97
C ASP B 97 -33.66 41.59 15.02
N LYS B 98 -34.06 41.69 13.76
CA LYS B 98 -33.27 42.36 12.74
C LYS B 98 -32.91 43.84 12.93
N SER B 99 -33.65 44.57 13.74
CA SER B 99 -33.33 45.97 13.93
C SER B 99 -32.48 46.23 15.16
N THR B 100 -32.24 45.18 15.92
CA THR B 100 -31.48 45.29 17.15
C THR B 100 -30.34 44.30 17.23
N ARG B 101 -30.56 43.15 16.61
CA ARG B 101 -29.58 42.07 16.62
C ARG B 101 -29.62 41.36 18.00
N LYS B 102 -30.64 41.68 18.79
CA LYS B 102 -30.81 41.06 20.09
C LYS B 102 -31.69 39.83 19.94
N PRO B 103 -31.53 38.86 20.86
CA PRO B 103 -32.27 37.60 20.91
C PRO B 103 -33.75 37.80 21.21
N ILE B 104 -34.60 37.15 20.43
CA ILE B 104 -36.05 37.23 20.64
C ILE B 104 -36.44 35.99 21.43
N LYS B 105 -36.65 36.17 22.73
CA LYS B 105 -36.97 35.05 23.61
C LYS B 105 -38.44 34.68 23.78
N ASP B 106 -39.34 35.34 23.06
CA ASP B 106 -40.75 34.99 23.13
C ASP B 106 -41.01 33.76 22.26
N PRO B 107 -41.57 32.69 22.85
CA PRO B 107 -41.88 31.43 22.17
C PRO B 107 -42.89 31.48 21.01
N ASN B 108 -43.68 32.56 20.93
CA ASN B 108 -44.69 32.68 19.87
C ASN B 108 -44.45 33.68 18.75
N HIS B 109 -43.29 34.32 18.72
CA HIS B 109 -43.01 35.28 17.66
C HIS B 109 -42.85 34.62 16.30
N GLN B 110 -43.30 35.33 15.26
CA GLN B 110 -43.22 34.82 13.89
C GLN B 110 -41.91 34.11 13.63
N LEU B 111 -40.81 34.71 14.05
CA LEU B 111 -39.49 34.11 13.84
C LEU B 111 -39.34 32.73 14.44
N VAL B 112 -40.03 32.47 15.54
CA VAL B 112 -39.93 31.16 16.19
C VAL B 112 -40.25 30.04 15.23
N LYS B 113 -41.49 29.99 14.79
CA LYS B 113 -41.94 28.96 13.87
C LYS B 113 -40.96 28.77 12.72
N ARG B 114 -40.54 29.89 12.12
CA ARG B 114 -39.61 29.88 10.99
C ARG B 114 -38.21 29.44 11.42
N HIS B 115 -37.80 29.89 12.60
CA HIS B 115 -36.49 29.57 13.15
C HIS B 115 -36.33 28.06 13.24
N ILE B 116 -37.29 27.42 13.90
CA ILE B 116 -37.29 25.97 14.09
C ILE B 116 -37.29 25.28 12.73
N GLU B 117 -38.19 25.72 11.86
CA GLU B 117 -38.32 25.19 10.52
C GLU B 117 -36.98 25.26 9.78
N ARG B 118 -36.21 26.30 10.09
CA ARG B 118 -34.90 26.50 9.49
C ARG B 118 -33.91 25.49 10.05
N LEU B 119 -33.93 25.31 11.37
CA LEU B 119 -33.03 24.37 12.04
C LEU B 119 -33.26 22.95 11.53
N LYS B 120 -34.52 22.60 11.29
CA LYS B 120 -34.85 21.27 10.82
C LYS B 120 -34.29 20.99 9.44
N LYS B 121 -33.85 22.03 8.75
CA LYS B 121 -33.29 21.84 7.41
C LYS B 121 -31.79 21.53 7.38
N ASN B 122 -31.52 20.25 7.55
CA ASN B 122 -30.19 19.64 7.56
C ASN B 122 -28.99 20.40 6.94
N PRO B 123 -28.29 21.21 7.75
CA PRO B 123 -27.11 21.96 7.29
C PRO B 123 -25.91 21.05 7.64
N ASN B 124 -26.07 19.76 7.35
CA ASN B 124 -25.10 18.71 7.69
C ASN B 124 -25.04 18.68 9.22
N SER B 125 -26.23 18.56 9.81
CA SER B 125 -26.43 18.51 11.26
C SER B 125 -27.92 18.27 11.48
N LYS B 126 -28.24 16.99 11.71
CA LYS B 126 -29.58 16.46 11.91
C LYS B 126 -30.28 16.94 13.17
N PHE B 127 -31.31 17.75 12.96
CA PHE B 127 -32.11 18.34 14.05
C PHE B 127 -32.74 17.32 14.99
N GLU B 128 -32.53 17.50 16.29
CA GLU B 128 -33.11 16.61 17.28
C GLU B 128 -34.12 17.39 18.13
N SER B 129 -33.80 18.62 18.48
CA SER B 129 -34.73 19.41 19.29
C SER B 129 -34.34 20.87 19.46
N TYR B 130 -35.35 21.70 19.72
CA TYR B 130 -35.18 23.12 19.96
C TYR B 130 -36.20 23.55 21.01
N ASP B 131 -35.73 24.09 22.14
CA ASP B 131 -36.63 24.54 23.20
C ASP B 131 -36.90 26.03 23.04
N ALA B 132 -38.13 26.38 22.70
CA ALA B 132 -38.51 27.77 22.48
C ALA B 132 -38.10 28.73 23.60
N ASP B 133 -38.24 28.27 24.84
CA ASP B 133 -37.92 29.08 26.02
C ASP B 133 -36.44 29.12 26.33
N SER B 134 -35.83 27.93 26.44
CA SER B 134 -34.41 27.79 26.73
C SER B 134 -33.56 28.40 25.62
N GLY B 135 -34.00 28.16 24.39
CA GLY B 135 -33.27 28.63 23.23
C GLY B 135 -32.19 27.60 22.98
N THR B 136 -32.33 26.45 23.65
CA THR B 136 -31.36 25.38 23.49
C THR B 136 -31.64 24.57 22.24
N TYR B 137 -30.61 24.46 21.41
CA TYR B 137 -30.71 23.74 20.16
C TYR B 137 -29.86 22.47 20.23
N VAL B 138 -30.48 21.34 19.93
CA VAL B 138 -29.79 20.05 19.96
C VAL B 138 -29.87 19.38 18.60
N PHE B 139 -28.75 18.87 18.13
CA PHE B 139 -28.71 18.18 16.84
C PHE B 139 -27.67 17.06 16.85
N ILE B 140 -27.76 16.15 15.89
CA ILE B 140 -26.83 15.03 15.78
C ILE B 140 -26.02 15.16 14.50
N VAL B 141 -24.74 14.77 14.57
CA VAL B 141 -23.83 14.80 13.41
C VAL B 141 -23.21 13.42 13.33
N ASN B 142 -23.18 12.83 12.13
CA ASN B 142 -22.63 11.50 12.01
C ASN B 142 -21.14 11.38 12.20
N HIS B 143 -20.42 12.45 11.87
CA HIS B 143 -18.96 12.46 12.02
C HIS B 143 -18.50 13.79 12.62
N ALA B 144 -18.07 13.77 13.87
CA ALA B 144 -17.63 14.96 14.58
C ALA B 144 -16.60 15.82 13.84
N ALA B 145 -15.58 15.18 13.28
CA ALA B 145 -14.53 15.89 12.56
C ALA B 145 -14.82 16.02 11.05
N GLU B 146 -15.83 16.82 10.71
CA GLU B 146 -16.23 17.03 9.33
C GLU B 146 -17.27 18.15 9.26
N GLY C 9 -4.80 64.82 5.46
CA GLY C 9 -5.64 65.77 4.63
C GLY C 9 -6.12 66.97 5.43
N PHE C 10 -6.85 67.88 4.77
CA PHE C 10 -7.36 69.11 5.40
C PHE C 10 -8.83 68.84 5.79
N LYS C 11 -9.69 68.80 4.77
CA LYS C 11 -11.10 68.41 4.76
C LYS C 11 -11.60 67.57 5.94
N VAL C 12 -10.69 67.12 6.79
CA VAL C 12 -11.03 66.30 7.95
C VAL C 12 -12.22 66.79 8.76
N VAL C 13 -12.26 68.07 9.09
CA VAL C 13 -13.38 68.63 9.86
C VAL C 13 -14.64 68.48 9.02
N GLU C 14 -14.52 68.82 7.73
CA GLU C 14 -15.60 68.72 6.78
C GLU C 14 -16.15 67.28 6.72
N VAL C 15 -15.26 66.30 6.63
CA VAL C 15 -15.67 64.90 6.56
C VAL C 15 -16.32 64.44 7.87
N GLY C 16 -15.70 64.80 8.99
CA GLY C 16 -16.22 64.42 10.29
C GLY C 16 -17.62 64.99 10.50
N LEU C 17 -17.84 66.20 10.01
CA LEU C 17 -19.14 66.83 10.14
C LEU C 17 -20.20 66.05 9.37
N ALA C 18 -19.85 65.64 8.16
CA ALA C 18 -20.75 64.85 7.32
C ALA C 18 -21.08 63.52 8.00
N ASN C 20 -21.02 62.85 11.13
CA ASN C 20 -21.85 63.14 12.28
C ASN C 20 -23.28 63.48 11.86
N THR C 21 -23.43 64.20 10.75
CA THR C 21 -24.76 64.55 10.26
C THR C 21 -25.54 63.27 9.95
N LYS C 22 -24.85 62.31 9.31
CA LYS C 22 -25.47 61.04 8.96
C LYS C 22 -26.00 60.29 10.18
N LYS C 23 -25.31 60.41 11.31
CA LYS C 23 -25.78 59.72 12.51
C LYS C 23 -27.09 60.34 12.92
N GLN C 24 -27.12 61.67 12.92
CA GLN C 24 -28.29 62.41 13.29
C GLN C 24 -29.45 62.06 12.39
N ILE C 25 -29.14 61.84 11.11
CA ILE C 25 -30.14 61.46 10.13
C ILE C 25 -30.57 60.02 10.39
N GLY C 26 -29.70 59.27 11.05
CA GLY C 26 -30.02 57.89 11.37
C GLY C 26 -31.14 57.85 12.39
N ASP C 27 -31.04 58.73 13.39
CA ASP C 27 -32.05 58.80 14.44
C ASP C 27 -33.36 59.32 13.87
N PHE C 28 -33.27 60.29 12.98
CA PHE C 28 -34.45 60.85 12.36
C PHE C 28 -35.30 59.74 11.78
N PHE C 29 -34.72 58.88 10.95
CA PHE C 29 -35.48 57.80 10.34
C PHE C 29 -35.84 56.68 11.30
N LYS C 30 -35.10 56.55 12.39
CA LYS C 30 -35.41 55.54 13.40
C LYS C 30 -36.69 55.99 14.11
N ASN C 31 -36.68 57.24 14.55
CA ASN C 31 -37.81 57.84 15.26
C ASN C 31 -38.85 58.43 14.31
N LEU C 32 -38.96 57.86 13.12
CA LEU C 32 -39.94 58.31 12.14
C LEU C 32 -40.92 57.18 11.86
N ASN C 33 -40.42 55.95 11.90
CA ASN C 33 -41.26 54.79 11.66
C ASN C 33 -41.46 54.02 12.98
N LEU D 7 8.03 -6.10 90.41
CA LEU D 7 7.40 -5.69 91.71
C LEU D 7 7.78 -4.27 92.15
N SER D 8 6.76 -3.50 92.55
CA SER D 8 6.93 -2.13 92.99
C SER D 8 7.79 -1.97 94.26
N ALA D 9 8.40 -3.07 94.69
CA ALA D 9 9.21 -3.06 95.89
C ALA D 9 10.72 -2.98 95.64
N LEU D 10 11.16 -3.67 94.60
CA LEU D 10 12.57 -3.72 94.23
C LEU D 10 13.38 -2.53 94.78
N PRO D 11 14.63 -2.79 95.19
CA PRO D 11 15.55 -1.78 95.75
C PRO D 11 15.63 -0.52 94.91
N ILE D 12 16.04 -0.73 93.65
CA ILE D 12 16.23 0.31 92.66
C ILE D 12 15.14 1.39 92.57
N PHE D 13 13.92 1.05 92.99
CA PHE D 13 12.79 1.99 92.91
C PHE D 13 12.60 2.87 94.17
N GLN D 14 13.70 3.45 94.68
CA GLN D 14 13.64 4.30 95.87
C GLN D 14 13.87 5.79 95.61
N ALA D 15 12.78 6.52 95.36
CA ALA D 15 12.80 7.96 95.11
C ALA D 15 14.00 8.67 95.73
N PRO D 23 13.29 15.12 86.18
CA PRO D 23 13.09 14.16 85.08
C PRO D 23 13.39 12.70 85.48
N ARG D 24 12.47 11.79 85.16
CA ARG D 24 12.64 10.36 85.50
C ARG D 24 12.45 9.42 84.32
N TYR D 25 13.38 8.51 84.13
CA TYR D 25 13.28 7.55 83.03
C TYR D 25 13.53 6.13 83.51
N ILE D 26 13.02 5.18 82.75
CA ILE D 26 13.19 3.79 83.08
C ILE D 26 13.27 2.97 81.78
N PHE D 27 14.21 2.04 81.72
CA PHE D 27 14.40 1.20 80.54
C PHE D 27 14.69 -0.21 81.03
N SER D 28 14.45 -1.19 80.18
CA SER D 28 14.73 -2.57 80.52
C SER D 28 15.58 -3.14 79.41
N SER D 29 16.12 -4.33 79.61
CA SER D 29 17.00 -4.93 78.63
C SER D 29 16.95 -6.43 78.79
N GLN D 30 17.48 -7.16 77.82
CA GLN D 30 17.51 -8.63 77.87
C GLN D 30 16.23 -9.29 78.37
N ASN D 31 15.17 -9.15 77.58
CA ASN D 31 13.87 -9.71 77.91
C ASN D 31 13.29 -9.27 79.26
N GLY D 32 13.39 -7.97 79.56
CA GLY D 32 12.86 -7.42 80.79
C GLY D 32 13.59 -7.89 82.05
N THR D 33 14.80 -8.38 81.83
CA THR D 33 15.63 -8.90 82.89
C THR D 33 16.51 -7.86 83.59
N ARG D 34 16.98 -6.85 82.87
CA ARG D 34 17.82 -5.80 83.44
C ARG D 34 17.07 -4.47 83.45
N ILE D 35 17.12 -3.74 84.56
CA ILE D 35 16.43 -2.45 84.69
C ILE D 35 17.39 -1.28 84.83
N VAL D 36 17.12 -0.20 84.11
CA VAL D 36 17.92 1.03 84.21
C VAL D 36 16.93 2.12 84.64
N PHE D 37 17.32 2.89 85.65
CA PHE D 37 16.46 3.92 86.22
C PHE D 37 17.23 5.23 86.37
N ILE D 38 16.74 6.30 85.76
CA ILE D 38 17.41 7.59 85.87
C ILE D 38 16.62 8.56 86.75
N GLN D 39 17.30 9.17 87.71
CA GLN D 39 16.67 10.11 88.64
C GLN D 39 17.71 10.95 89.36
N ASP D 40 17.51 12.26 89.34
CA ASP D 40 18.43 13.21 89.98
C ASP D 40 19.83 13.14 89.38
N ASN D 41 19.90 12.96 88.07
CA ASN D 41 21.18 12.87 87.39
C ASN D 41 22.02 11.69 87.87
N ILE D 42 21.36 10.61 88.27
CA ILE D 42 22.05 9.41 88.69
C ILE D 42 21.46 8.21 87.95
N ILE D 43 22.34 7.32 87.48
CA ILE D 43 21.91 6.14 86.77
C ILE D 43 21.89 4.97 87.76
N ARG D 44 20.76 4.29 87.81
CA ARG D 44 20.62 3.12 88.66
C ARG D 44 20.41 1.93 87.72
N TRP D 45 21.15 0.85 87.94
CA TRP D 45 21.01 -0.34 87.11
C TRP D 45 20.97 -1.58 87.98
N TYR D 46 20.06 -2.50 87.66
CA TYR D 46 19.93 -3.68 88.46
C TYR D 46 19.56 -4.86 87.61
N ASN D 47 20.33 -5.94 87.69
CA ASN D 47 20.02 -7.13 86.92
C ASN D 47 19.20 -8.05 87.81
N VAL D 48 17.92 -8.17 87.48
CA VAL D 48 16.99 -8.99 88.22
C VAL D 48 17.42 -10.44 88.57
N LEU D 49 18.26 -11.05 87.74
CA LEU D 49 18.68 -12.43 87.97
C LEU D 49 20.08 -12.56 88.54
N THR D 50 20.85 -11.49 88.40
CA THR D 50 22.25 -11.49 88.81
C THR D 50 22.71 -10.75 90.08
N ASP D 51 22.09 -9.62 90.36
CA ASP D 51 22.47 -8.83 91.52
C ASP D 51 21.59 -9.05 92.73
N SER D 52 22.04 -8.53 93.87
CA SER D 52 21.27 -8.62 95.09
C SER D 52 21.00 -7.16 95.47
N LEU D 53 21.83 -6.26 94.94
CA LEU D 53 21.70 -4.83 95.18
C LEU D 53 21.81 -4.10 93.84
N TYR D 54 21.30 -2.88 93.78
CA TYR D 54 21.40 -2.11 92.54
C TYR D 54 22.63 -1.23 92.68
N HIS D 55 23.06 -0.60 91.60
CA HIS D 55 24.23 0.23 91.66
C HIS D 55 23.95 1.60 91.09
N SER D 56 24.84 2.54 91.34
CA SER D 56 24.63 3.90 90.87
C SER D 56 25.86 4.58 90.31
N LEU D 57 25.62 5.58 89.48
CA LEU D 57 26.68 6.37 88.87
C LEU D 57 26.12 7.76 88.68
N ASN D 58 26.44 8.65 89.61
CA ASN D 58 25.96 10.04 89.54
C ASN D 58 26.75 10.76 88.46
N PHE D 59 26.02 11.32 87.50
CA PHE D 59 26.68 12.02 86.39
C PHE D 59 26.45 13.53 86.37
N SER D 60 25.96 14.10 87.48
CA SER D 60 25.73 15.55 87.58
C SER D 60 26.98 16.31 87.18
N ARG D 61 28.12 15.75 87.53
CA ARG D 61 29.40 16.37 87.22
C ARG D 61 29.60 16.53 85.71
N HIS D 62 28.91 15.72 84.94
CA HIS D 62 29.02 15.77 83.48
C HIS D 62 27.79 16.36 82.79
N LEU D 63 26.63 16.21 83.43
CA LEU D 63 25.39 16.72 82.87
C LEU D 63 24.27 16.77 83.89
N VAL D 64 23.63 17.92 83.96
CA VAL D 64 22.48 18.10 84.84
C VAL D 64 21.32 18.14 83.84
N LEU D 65 20.33 17.30 84.02
CA LEU D 65 19.20 17.27 83.09
C LEU D 65 18.11 18.28 83.43
N ASP D 66 17.35 18.69 82.42
CA ASP D 66 16.21 19.60 82.62
C ASP D 66 15.10 18.91 81.84
N ASP D 67 13.85 19.24 82.13
CA ASP D 67 12.73 18.59 81.46
C ASP D 67 12.70 18.68 79.94
N THR D 68 13.63 19.43 79.36
CA THR D 68 13.71 19.58 77.91
C THR D 68 14.47 18.43 77.23
N PHE D 69 15.29 17.73 78.00
CA PHE D 69 16.06 16.61 77.48
C PHE D 69 15.22 15.37 77.22
N HIS D 70 15.65 14.59 76.24
CA HIS D 70 15.02 13.32 75.89
C HIS D 70 16.13 12.32 76.17
N VAL D 71 15.78 11.11 76.62
CA VAL D 71 16.81 10.10 76.81
C VAL D 71 16.29 8.78 76.28
N ILE D 72 17.11 8.10 75.50
CA ILE D 72 16.73 6.81 74.94
C ILE D 72 17.82 5.81 75.28
N SER D 73 17.46 4.54 75.18
CA SER D 73 18.38 3.45 75.49
C SER D 73 18.58 2.57 74.28
N SER D 74 19.76 1.98 74.15
CA SER D 74 19.99 1.06 73.06
C SER D 74 19.23 -0.20 73.47
N THR D 75 18.72 -0.95 72.50
CA THR D 75 17.99 -2.17 72.81
C THR D 75 18.84 -3.13 73.64
N SER D 76 20.14 -3.17 73.36
CA SER D 76 21.06 -4.04 74.11
C SER D 76 21.10 -3.62 75.58
N GLY D 77 20.73 -2.38 75.83
CA GLY D 77 20.71 -1.86 77.18
C GLY D 77 22.07 -1.45 77.67
N ASP D 78 23.05 -1.39 76.78
CA ASP D 78 24.40 -1.02 77.20
C ASP D 78 24.69 0.48 77.12
N LEU D 79 23.90 1.19 76.32
CA LEU D 79 24.10 2.62 76.16
C LEU D 79 22.85 3.46 76.33
N LEU D 80 23.07 4.67 76.82
CA LEU D 80 22.00 5.65 76.99
C LEU D 80 22.39 6.87 76.16
N CYS D 81 21.39 7.51 75.56
CA CYS D 81 21.63 8.70 74.79
C CYS D 81 20.73 9.82 75.33
N LEU D 82 21.35 10.85 75.90
CA LEU D 82 20.60 11.98 76.47
C LEU D 82 20.83 13.19 75.59
N PHE D 83 19.76 13.81 75.13
CA PHE D 83 19.91 14.94 74.23
C PHE D 83 18.78 15.97 74.28
N ASN D 84 19.08 17.15 73.77
CA ASN D 84 18.10 18.21 73.66
C ASN D 84 18.23 18.79 72.24
N ASP D 85 17.73 20.00 72.03
CA ASP D 85 17.81 20.58 70.71
C ASP D 85 19.21 21.05 70.37
N ASN D 86 20.12 20.99 71.33
CA ASN D 86 21.44 21.51 71.08
C ASN D 86 22.60 20.53 71.21
N GLU D 87 22.50 19.60 72.14
CA GLU D 87 23.60 18.66 72.33
C GLU D 87 23.17 17.23 72.57
N ILE D 88 24.13 16.32 72.39
CA ILE D 88 23.91 14.87 72.56
C ILE D 88 24.99 14.25 73.45
N PHE D 89 24.56 13.42 74.40
CA PHE D 89 25.49 12.73 75.28
C PHE D 89 25.22 11.24 75.14
N VAL D 90 26.27 10.44 75.20
CA VAL D 90 26.12 8.99 75.15
C VAL D 90 26.90 8.38 76.31
N GLU D 92 27.64 4.96 78.95
CA GLU D 92 27.68 3.51 79.06
C GLU D 92 27.17 3.06 80.42
N VAL D 93 26.09 2.27 80.46
CA VAL D 93 25.58 1.77 81.73
C VAL D 93 26.68 0.82 82.25
N PRO D 94 27.22 1.08 83.46
CA PRO D 94 28.28 0.28 84.08
C PRO D 94 27.93 -1.16 84.49
N TRP D 95 27.27 -1.91 83.62
CA TRP D 95 26.94 -3.29 83.94
C TRP D 95 28.25 -4.02 84.26
N GLY D 96 28.28 -4.71 85.39
CA GLY D 96 29.50 -5.43 85.72
C GLY D 96 30.35 -4.75 86.75
N TYR D 97 30.29 -3.42 86.80
CA TYR D 97 31.04 -2.66 87.79
C TYR D 97 30.14 -2.62 89.00
N SER D 98 30.73 -2.50 90.18
CA SER D 98 29.94 -2.45 91.40
C SER D 98 30.27 -1.19 92.20
N ASN D 99 31.57 -0.90 92.31
CA ASN D 99 31.99 0.27 93.04
C ASN D 99 32.64 1.27 92.12
N VAL D 100 31.82 2.12 91.52
CA VAL D 100 32.31 3.13 90.60
C VAL D 100 32.68 4.42 91.35
N GLU D 101 33.88 4.44 91.93
CA GLU D 101 34.35 5.59 92.69
C GLU D 101 35.35 6.44 91.90
N ASP D 102 36.43 5.80 91.46
CA ASP D 102 37.47 6.46 90.68
C ASP D 102 36.89 7.52 89.75
N VAL D 103 37.25 8.77 89.97
CA VAL D 103 36.76 9.84 89.11
C VAL D 103 37.20 9.53 87.68
N SER D 104 38.34 8.85 87.55
CA SER D 104 38.90 8.48 86.25
C SER D 104 38.07 7.37 85.61
N ILE D 105 37.59 6.45 86.43
CA ILE D 105 36.79 5.33 85.95
C ILE D 105 35.37 5.77 85.59
N GLN D 106 34.86 6.77 86.28
CA GLN D 106 33.51 7.28 86.01
C GLN D 106 33.46 8.11 84.74
N ASP D 107 34.58 8.71 84.38
CA ASP D 107 34.63 9.52 83.18
C ASP D 107 34.74 8.57 82.02
N ALA D 108 35.15 7.35 82.30
CA ALA D 108 35.29 6.32 81.27
C ALA D 108 33.92 6.02 80.68
N PHE D 109 32.88 6.23 81.48
CA PHE D 109 31.50 5.97 81.05
C PHE D 109 30.88 7.09 80.22
N GLN D 110 31.64 8.15 80.00
CA GLN D 110 31.19 9.24 79.14
C GLN D 110 31.83 8.89 77.81
N ILE D 111 31.03 8.32 76.92
CA ILE D 111 31.53 7.85 75.65
C ILE D 111 31.51 8.80 74.46
N PHE D 112 30.54 9.70 74.38
CA PHE D 112 30.47 10.61 73.24
C PHE D 112 29.69 11.87 73.54
N HIS D 113 30.09 12.97 72.91
CA HIS D 113 29.41 14.25 73.09
C HIS D 113 29.38 15.04 71.80
N TYR D 114 28.30 15.78 71.60
CA TYR D 114 28.18 16.58 70.40
C TYR D 114 27.25 17.78 70.64
N SER D 115 27.63 18.93 70.09
CA SER D 115 26.83 20.14 70.17
C SER D 115 26.78 20.71 68.77
N ILE D 116 25.65 21.31 68.41
CA ILE D 116 25.53 21.87 67.08
C ILE D 116 26.46 23.06 66.93
N ASP D 117 26.84 23.63 68.06
CA ASP D 117 27.74 24.79 68.07
C ASP D 117 29.14 24.36 67.65
N GLU D 118 29.35 23.06 67.52
CA GLU D 118 30.64 22.53 67.11
C GLU D 118 30.91 22.76 65.64
N GLU D 119 29.91 23.28 64.93
CA GLU D 119 30.06 23.53 63.51
C GLU D 119 30.05 25.01 63.15
N GLU D 120 31.03 25.39 62.34
CA GLU D 120 31.24 26.76 61.84
C GLU D 120 30.01 27.66 61.97
N PRO D 123 24.24 30.03 61.32
CA PRO D 123 23.16 29.19 60.81
C PRO D 123 23.33 27.71 61.21
N LYS D 124 22.96 27.40 62.45
CA LYS D 124 23.08 26.03 62.96
C LYS D 124 21.72 25.43 63.23
N SER D 125 21.42 24.34 62.54
CA SER D 125 20.13 23.67 62.72
C SER D 125 20.11 22.84 64.00
N SER D 126 19.02 22.94 64.75
CA SER D 126 18.90 22.22 66.00
C SER D 126 18.40 20.79 65.83
N ILE D 127 18.70 19.98 66.84
CA ILE D 127 18.32 18.58 66.87
C ILE D 127 16.84 18.38 67.12
N LYS D 128 16.21 17.52 66.32
CA LYS D 128 14.79 17.23 66.45
C LYS D 128 14.57 15.85 67.03
N LYS D 129 15.37 14.88 66.56
CA LYS D 129 15.26 13.50 67.04
C LYS D 129 16.55 12.72 66.88
N VAL D 130 16.76 11.78 67.78
CA VAL D 130 17.94 10.90 67.79
C VAL D 130 17.55 9.44 67.97
N LEU D 131 18.22 8.57 67.23
CA LEU D 131 17.96 7.13 67.31
C LEU D 131 19.23 6.34 67.23
N PHE D 132 19.31 5.24 67.95
CA PHE D 132 20.49 4.38 67.84
C PHE D 132 20.27 3.58 66.56
N HIS D 133 21.33 3.22 65.84
CA HIS D 133 21.15 2.41 64.65
C HIS D 133 20.96 1.01 65.23
N PRO D 134 19.84 0.37 64.90
CA PRO D 134 19.51 -0.96 65.38
C PRO D 134 20.54 -2.02 65.09
N LYS D 135 21.32 -1.84 64.04
CA LYS D 135 22.29 -2.86 63.74
C LYS D 135 23.75 -2.43 63.65
N SER D 136 24.18 -1.61 64.59
CA SER D 136 25.57 -1.18 64.62
C SER D 136 26.29 -2.03 65.68
N TYR D 137 27.47 -2.50 65.34
CA TYR D 137 28.25 -3.31 66.27
C TYR D 137 28.53 -2.47 67.53
N ARG D 138 28.30 -3.05 68.69
CA ARG D 138 28.51 -2.33 69.95
C ARG D 138 27.68 -1.04 70.05
N ASP D 139 26.55 -0.97 69.36
CA ASP D 139 25.66 0.19 69.40
C ASP D 139 26.41 1.50 69.13
N SER D 140 27.46 1.42 68.33
CA SER D 140 28.31 2.58 68.04
C SER D 140 27.80 3.63 67.05
N CYS D 141 26.56 3.54 66.61
CA CYS D 141 26.09 4.52 65.65
C CYS D 141 24.78 5.22 66.03
N ILE D 142 24.78 6.55 66.07
CA ILE D 142 23.55 7.25 66.39
C ILE D 142 23.08 8.05 65.17
N VAL D 143 21.78 8.02 64.93
CA VAL D 143 21.21 8.72 63.80
C VAL D 143 20.57 10.01 64.30
N VAL D 144 20.97 11.13 63.71
CA VAL D 144 20.42 12.42 64.16
C VAL D 144 19.64 13.19 63.09
N LEU D 145 18.39 13.49 63.39
CA LEU D 145 17.56 14.27 62.47
C LEU D 145 17.47 15.70 63.00
N LYS D 146 17.78 16.67 62.14
CA LYS D 146 17.74 18.08 62.54
C LYS D 146 16.55 18.82 61.89
N GLU D 147 16.25 20.04 62.37
CA GLU D 147 15.18 20.85 61.80
C GLU D 147 15.42 20.97 60.30
N ASP D 148 16.70 20.81 59.96
CA ASP D 148 17.27 20.83 58.63
C ASP D 148 16.55 19.87 57.68
N ASP D 149 16.09 18.75 58.26
CA ASP D 149 15.47 17.65 57.54
C ASP D 149 16.69 16.84 57.09
N THR D 150 17.81 17.23 57.67
CA THR D 150 19.09 16.62 57.41
C THR D 150 19.21 15.42 58.38
N ILE D 151 19.75 14.30 57.91
CA ILE D 151 19.89 13.12 58.77
C ILE D 151 21.36 12.75 58.86
N THR D 152 21.91 12.70 60.06
CA THR D 152 23.34 12.44 60.25
C THR D 152 23.66 11.21 61.09
N PHE D 154 26.57 9.48 63.39
CA PHE D 154 27.81 9.70 64.13
C PHE D 154 28.33 8.36 64.62
N ASP D 155 29.65 8.18 64.54
CA ASP D 155 30.25 6.95 65.03
C ASP D 155 30.75 7.25 66.43
N ILE D 156 29.94 6.88 67.41
CA ILE D 156 30.24 7.07 68.82
C ILE D 156 31.65 6.62 69.27
N LEU D 157 32.19 5.57 68.65
CA LEU D 157 33.49 5.05 69.03
C LEU D 157 34.67 5.35 68.11
N ASN D 158 34.58 6.35 67.25
CA ASN D 158 35.72 6.60 66.37
C ASN D 158 35.80 8.02 65.81
N SER D 159 36.74 8.81 66.31
CA SER D 159 36.91 10.19 65.84
C SER D 159 37.59 10.25 64.49
N GLN D 160 38.14 9.11 64.06
CA GLN D 160 38.80 9.01 62.76
C GLN D 160 37.71 8.72 61.72
N GLU D 161 36.49 9.14 62.05
CA GLU D 161 35.32 8.97 61.19
C GLU D 161 34.55 10.29 61.15
N LYS D 162 34.54 10.94 59.99
CA LYS D 162 33.83 12.20 59.86
C LYS D 162 32.36 11.85 59.70
N PRO D 163 31.49 12.45 60.54
CA PRO D 163 30.05 12.15 60.45
C PRO D 163 29.53 12.13 59.02
N ILE D 164 28.54 11.28 58.77
CA ILE D 164 27.96 11.20 57.43
C ILE D 164 26.62 11.94 57.44
N VAL D 165 26.46 12.84 56.48
CA VAL D 165 25.25 13.62 56.38
C VAL D 165 24.46 13.26 55.14
N LEU D 166 23.25 12.75 55.35
CA LEU D 166 22.37 12.38 54.25
C LEU D 166 21.24 13.36 54.18
N ASN D 167 20.62 13.41 53.01
CA ASN D 167 19.50 14.32 52.70
C ASN D 167 19.96 15.77 52.92
N LYS D 168 21.11 16.11 52.32
CA LYS D 168 21.68 17.45 52.42
C LYS D 168 20.81 18.45 51.67
N PRO D 169 20.85 19.72 52.09
CA PRO D 169 20.03 20.73 51.41
C PRO D 169 20.46 20.91 49.95
N ASN D 170 19.51 21.32 49.11
CA ASN D 170 19.78 21.52 47.68
C ASN D 170 19.69 22.98 47.29
N ASN D 171 20.21 23.27 46.10
CA ASN D 171 20.18 24.61 45.54
C ASN D 171 19.20 24.50 44.39
N SER D 172 18.05 23.93 44.68
CA SER D 172 17.03 23.76 43.66
C SER D 172 15.86 24.66 43.99
N PHE D 173 14.98 24.83 43.01
CA PHE D 173 13.77 25.60 43.17
C PHE D 173 12.71 24.62 42.70
N GLY D 174 11.43 24.91 42.98
CA GLY D 174 10.40 24.00 42.55
C GLY D 174 10.16 22.92 43.58
N LEU D 175 9.25 22.00 43.24
CA LEU D 175 8.86 20.92 44.14
C LEU D 175 9.77 19.68 44.20
N ASP D 176 9.87 19.13 45.41
CA ASP D 176 10.60 17.91 45.72
C ASP D 176 12.08 17.76 45.32
N ALA D 177 12.92 18.72 45.66
CA ALA D 177 14.33 18.60 45.34
C ALA D 177 14.85 17.37 46.12
N ARG D 178 14.54 17.34 47.42
CA ARG D 178 14.91 16.25 48.34
C ARG D 178 13.78 16.16 49.37
N VAL D 179 13.88 15.24 50.33
CA VAL D 179 12.81 15.09 51.33
C VAL D 179 12.81 16.20 52.36
N ASN D 180 11.72 16.96 52.42
CA ASN D 180 11.58 18.06 53.36
C ASN D 180 10.44 17.81 54.33
N ASP D 181 10.46 18.53 55.45
CA ASP D 181 9.42 18.43 56.47
C ASP D 181 9.26 17.03 57.10
N ILE D 182 10.34 16.44 57.58
CA ILE D 182 10.30 15.12 58.19
C ILE D 182 9.79 15.27 59.62
N THR D 183 8.75 14.52 59.98
CA THR D 183 8.19 14.61 61.33
C THR D 183 8.67 13.46 62.19
N ASP D 184 8.93 12.33 61.54
CA ASP D 184 9.36 11.15 62.27
C ASP D 184 10.26 10.24 61.45
N LEU D 185 10.98 9.39 62.17
CA LEU D 185 11.93 8.44 61.63
C LEU D 185 11.70 7.10 62.31
N GLU D 186 11.91 6.03 61.56
CA GLU D 186 11.73 4.71 62.12
C GLU D 186 12.47 3.69 61.28
N PHE D 187 13.20 2.80 61.95
CA PHE D 187 13.94 1.76 61.25
C PHE D 187 13.05 0.56 60.96
N SER D 188 13.26 -0.03 59.78
CA SER D 188 12.54 -1.22 59.40
C SER D 188 13.12 -2.32 60.25
N LYS D 189 12.36 -3.38 60.49
CA LYS D 189 12.87 -4.47 61.29
C LYS D 189 13.89 -5.31 60.51
N ASP D 190 14.13 -4.91 59.26
CA ASP D 190 15.13 -5.59 58.41
C ASP D 190 16.51 -5.12 58.90
N GLY D 191 16.54 -3.92 59.48
CA GLY D 191 17.78 -3.37 59.99
C GLY D 191 18.59 -2.57 59.00
N LEU D 192 18.29 -2.71 57.71
CA LEU D 192 19.02 -1.99 56.66
C LEU D 192 18.24 -0.84 56.03
N THR D 193 17.00 -0.66 56.46
CA THR D 193 16.15 0.41 55.91
C THR D 193 15.67 1.46 56.91
N LEU D 194 15.70 2.72 56.51
CA LEU D 194 15.23 3.80 57.36
C LEU D 194 14.03 4.51 56.71
N TYR D 195 12.86 4.37 57.34
CA TYR D 195 11.64 4.98 56.84
C TYR D 195 11.51 6.40 57.40
N CYS D 196 11.11 7.33 56.55
CA CYS D 196 10.92 8.73 56.95
C CYS D 196 9.50 9.15 56.67
N LEU D 197 8.87 9.78 57.65
CA LEU D 197 7.51 10.27 57.48
C LEU D 197 7.61 11.79 57.32
N ASN D 198 7.26 12.32 56.15
CA ASN D 198 7.33 13.77 55.94
C ASN D 198 5.94 14.39 55.82
N THR D 199 5.88 15.72 55.90
CA THR D 199 4.61 16.45 55.87
C THR D 199 4.33 17.37 54.68
N THR D 200 5.35 17.67 53.89
CA THR D 200 5.19 18.53 52.74
C THR D 200 3.79 18.48 52.09
N GLU D 201 3.23 17.29 51.91
CA GLU D 201 1.93 17.16 51.27
C GLU D 201 0.93 16.38 52.09
N GLY D 202 0.83 16.70 53.37
CA GLY D 202 -0.11 16.00 54.21
C GLY D 202 0.43 14.74 54.84
N GLY D 203 1.51 14.20 54.28
CA GLY D 203 2.08 12.99 54.83
C GLY D 203 2.45 11.94 53.80
N ASP D 204 3.73 11.58 53.76
CA ASP D 204 4.22 10.57 52.83
C ASP D 204 5.35 9.79 53.46
N ILE D 205 5.71 8.68 52.84
CA ILE D 205 6.78 7.85 53.36
C ILE D 205 7.94 7.75 52.38
N PHE D 206 9.14 7.98 52.86
CA PHE D 206 10.32 7.87 52.01
C PHE D 206 11.20 6.85 52.69
N ALA D 207 12.28 6.44 52.03
CA ALA D 207 13.14 5.45 52.65
C ALA D 207 14.56 5.45 52.12
N PHE D 208 15.48 5.19 53.04
CA PHE D 208 16.90 5.11 52.74
C PHE D 208 17.22 3.62 52.77
N TYR D 209 17.61 3.07 51.63
CA TYR D 209 17.95 1.66 51.55
C TYR D 209 19.16 1.55 50.63
N PRO D 210 20.33 1.19 51.18
CA PRO D 210 20.61 0.86 52.57
C PRO D 210 20.96 2.06 53.45
N PHE D 211 20.72 1.94 54.75
CA PHE D 211 21.09 3.01 55.69
C PHE D 211 22.00 2.29 56.67
N LEU D 212 23.29 2.21 56.31
CA LEU D 212 24.24 1.45 57.11
C LEU D 212 25.18 2.19 58.03
N PRO D 213 25.53 1.56 59.16
CA PRO D 213 26.46 2.16 60.14
C PRO D 213 27.87 1.85 59.61
N SER D 214 28.91 2.20 60.35
CA SER D 214 30.28 1.94 59.86
C SER D 214 30.69 0.49 60.07
N VAL D 215 30.04 -0.17 61.03
CA VAL D 215 30.29 -1.57 61.33
C VAL D 215 28.92 -2.22 61.60
N LEU D 216 28.45 -2.96 60.60
CA LEU D 216 27.14 -3.59 60.65
C LEU D 216 27.03 -4.88 61.45
N LEU D 217 26.05 -4.92 62.33
CA LEU D 217 25.77 -6.12 63.12
C LEU D 217 24.92 -7.01 62.20
N LEU D 218 25.40 -8.20 61.89
CA LEU D 218 24.64 -9.06 61.00
C LEU D 218 24.92 -10.52 61.34
N ASN D 219 23.89 -11.27 61.74
CA ASN D 219 24.12 -12.68 62.05
C ASN D 219 24.06 -13.50 60.78
N GLU D 220 24.45 -14.76 60.86
CA GLU D 220 24.49 -15.61 59.68
C GLU D 220 23.14 -15.78 58.97
N LYS D 221 22.07 -15.91 59.75
CA LYS D 221 20.73 -16.08 59.22
C LYS D 221 20.36 -14.88 58.37
N ASP D 222 20.53 -13.69 58.95
CA ASP D 222 20.22 -12.45 58.26
C ASP D 222 21.13 -12.17 57.08
N LEU D 223 22.41 -12.53 57.18
CA LEU D 223 23.34 -12.31 56.08
C LEU D 223 22.89 -13.12 54.86
N ASN D 224 22.45 -14.35 55.10
CA ASN D 224 22.00 -15.17 53.98
C ASN D 224 20.65 -14.74 53.46
N LEU D 225 19.84 -14.13 54.30
CA LEU D 225 18.53 -13.69 53.83
C LEU D 225 18.69 -12.59 52.79
N ILE D 226 19.52 -11.58 53.05
CA ILE D 226 19.64 -10.53 52.04
C ILE D 226 20.48 -10.96 50.84
N LEU D 227 21.27 -12.00 51.00
CA LEU D 227 22.04 -12.48 49.87
C LEU D 227 21.05 -13.18 48.92
N ASN D 228 20.19 -14.03 49.49
CA ASN D 228 19.19 -14.73 48.69
C ASN D 228 18.20 -13.78 48.04
N LYS D 229 17.70 -12.80 48.79
CA LYS D 229 16.76 -11.84 48.21
C LYS D 229 17.46 -11.18 47.04
N SER D 230 18.73 -10.87 47.21
CA SER D 230 19.53 -10.24 46.17
C SER D 230 19.66 -11.13 44.92
N LEU D 231 19.81 -12.43 45.14
CA LEU D 231 19.93 -13.36 44.03
C LEU D 231 18.60 -13.53 43.31
N VAL D 232 17.50 -13.52 44.05
CA VAL D 232 16.19 -13.66 43.42
C VAL D 232 15.87 -12.49 42.49
N TYR D 234 18.21 -10.59 40.98
CA TYR D 234 19.18 -10.60 39.90
C TYR D 234 18.66 -11.49 38.81
N GLU D 235 18.04 -12.59 39.19
CA GLU D 235 17.47 -13.57 38.27
C GLU D 235 16.21 -12.97 37.64
N SER D 236 15.51 -12.17 38.43
CA SER D 236 14.29 -11.52 38.01
C SER D 236 14.52 -10.47 36.92
N LEU D 237 15.78 -10.28 36.54
CA LEU D 237 16.10 -9.29 35.51
C LEU D 237 15.85 -9.78 34.08
N ASP D 238 15.30 -8.86 33.28
CA ASP D 238 14.98 -9.07 31.87
C ASP D 238 15.08 -7.74 31.08
N SER D 239 14.76 -7.78 29.78
CA SER D 239 14.88 -6.61 28.92
C SER D 239 13.89 -5.46 29.13
N THR D 240 12.68 -5.77 29.57
CA THR D 240 11.66 -4.74 29.84
C THR D 240 12.06 -3.97 31.10
N THR D 241 13.03 -4.51 31.82
CA THR D 241 13.52 -3.89 33.03
C THR D 241 14.17 -2.53 32.72
N ASP D 242 13.81 -1.53 33.52
CA ASP D 242 14.34 -0.18 33.39
C ASP D 242 15.86 -0.25 33.57
N VAL D 243 16.59 0.55 32.80
CA VAL D 243 18.04 0.55 32.90
C VAL D 243 18.56 0.98 34.27
N ILE D 244 17.95 2.02 34.83
CA ILE D 244 18.34 2.51 36.14
C ILE D 244 18.12 1.44 37.22
N VAL D 245 17.00 0.72 37.13
CA VAL D 245 16.69 -0.34 38.08
C VAL D 245 17.71 -1.47 37.95
N LYS D 246 17.95 -1.89 36.71
CA LYS D 246 18.88 -2.96 36.42
C LYS D 246 20.24 -2.66 37.03
N ARG D 247 20.62 -1.38 36.96
CA ARG D 247 21.90 -0.98 37.52
C ARG D 247 21.93 -1.21 39.03
N ASN D 248 20.90 -0.70 39.73
CA ASN D 248 20.79 -0.87 41.18
C ASN D 248 20.79 -2.33 41.62
N VAL D 249 19.97 -3.14 40.97
CA VAL D 249 19.88 -4.55 41.30
C VAL D 249 21.24 -5.23 41.17
N ILE D 250 21.97 -4.88 40.12
CA ILE D 250 23.30 -5.46 39.94
C ILE D 250 24.23 -4.93 41.02
N LYS D 251 24.10 -3.64 41.34
CA LYS D 251 24.91 -3.03 42.39
C LYS D 251 24.61 -3.70 43.73
N GLN D 252 23.32 -3.94 43.98
CA GLN D 252 22.92 -4.56 45.23
C GLN D 252 23.57 -5.91 45.37
N LEU D 253 23.49 -6.72 44.32
CA LEU D 253 24.08 -8.04 44.36
C LEU D 253 25.60 -7.98 44.54
N GLN D 254 26.25 -7.00 43.94
CA GLN D 254 27.70 -6.89 44.06
C GLN D 254 28.04 -6.54 45.49
N PHE D 255 27.29 -5.59 46.04
CA PHE D 255 27.50 -5.13 47.40
C PHE D 255 27.25 -6.23 48.44
N VAL D 256 26.10 -6.87 48.37
CA VAL D 256 25.78 -7.93 49.32
C VAL D 256 26.77 -9.09 49.22
N SER D 257 27.33 -9.30 48.04
CA SER D 257 28.31 -10.35 47.83
C SER D 257 29.61 -9.98 48.52
N LYS D 258 29.96 -8.69 48.45
CA LYS D 258 31.18 -8.23 49.07
C LYS D 258 31.01 -8.31 50.59
N LEU D 259 29.80 -8.08 51.07
CA LEU D 259 29.57 -8.16 52.51
C LEU D 259 29.84 -9.59 52.91
N HIS D 260 29.24 -10.52 52.16
CA HIS D 260 29.40 -11.93 52.43
C HIS D 260 30.87 -12.35 52.45
N GLU D 261 31.71 -11.64 51.69
CA GLU D 261 33.13 -11.96 51.63
C GLU D 261 33.93 -11.45 52.81
N ASN D 262 33.46 -10.38 53.46
CA ASN D 262 34.19 -9.83 54.59
C ASN D 262 33.49 -9.99 55.90
N TRP D 263 32.37 -10.69 55.89
CA TRP D 263 31.63 -10.93 57.10
C TRP D 263 32.47 -11.75 58.10
N ASN D 264 32.53 -11.29 59.34
CA ASN D 264 33.27 -11.97 60.41
C ASN D 264 32.23 -12.83 61.15
N SER D 265 32.22 -14.14 60.91
CA SER D 265 31.24 -15.01 61.55
C SER D 265 31.31 -15.07 63.08
N ARG D 266 32.51 -15.01 63.62
CA ARG D 266 32.65 -15.11 65.07
C ARG D 266 32.13 -13.91 65.84
N PHE D 267 31.97 -12.78 65.17
CA PHE D 267 31.44 -11.60 65.83
C PHE D 267 30.13 -11.21 65.19
N GLY D 268 29.81 -11.88 64.08
CA GLY D 268 28.57 -11.61 63.39
C GLY D 268 28.47 -10.15 63.00
N LYS D 269 29.57 -9.63 62.47
CA LYS D 269 29.62 -8.24 62.07
C LYS D 269 30.38 -8.14 60.76
N VAL D 270 30.33 -6.96 60.14
CA VAL D 270 31.05 -6.71 58.89
C VAL D 270 31.29 -5.20 58.77
N ASP D 271 32.47 -4.80 58.32
CA ASP D 271 32.79 -3.38 58.16
C ASP D 271 32.19 -2.83 56.88
N ILE D 272 31.76 -1.58 56.92
CA ILE D 272 31.16 -0.96 55.74
C ILE D 272 31.82 0.37 55.42
N GLN D 273 32.47 0.42 54.26
CA GLN D 273 33.21 1.58 53.80
C GLN D 273 32.33 2.81 53.56
N LYS D 274 32.84 3.98 53.93
CA LYS D 274 32.10 5.23 53.78
C LYS D 274 31.43 5.43 52.42
N GLU D 275 31.98 4.81 51.38
CA GLU D 275 31.43 4.95 50.04
C GLU D 275 30.03 4.35 49.92
N TYR D 276 29.82 3.19 50.53
CA TYR D 276 28.53 2.51 50.46
C TYR D 276 27.49 3.06 51.43
N ARG D 277 27.86 4.06 52.21
CA ARG D 277 26.93 4.63 53.18
C ARG D 277 26.19 5.87 52.72
N LEU D 278 26.62 6.45 51.61
CA LEU D 278 25.96 7.63 51.09
C LEU D 278 24.86 7.17 50.15
N ALA D 279 23.62 7.24 50.61
CA ALA D 279 22.48 6.79 49.81
C ALA D 279 21.40 7.84 49.70
N LYS D 280 20.80 7.96 48.52
CA LYS D 280 19.75 8.94 48.33
C LYS D 280 18.39 8.34 48.60
N VAL D 281 17.54 9.13 49.22
CA VAL D 281 16.17 8.73 49.56
C VAL D 281 15.34 8.23 48.39
N GLN D 282 14.53 7.23 48.70
CA GLN D 282 13.63 6.64 47.74
C GLN D 282 12.25 7.13 48.17
N GLY D 283 11.30 7.20 47.24
CA GLY D 283 9.97 7.67 47.58
C GLY D 283 9.43 8.79 46.72
N PRO D 284 8.20 9.22 46.97
CA PRO D 284 7.34 8.70 48.02
C PRO D 284 6.80 7.31 47.75
N PHE D 285 6.51 6.59 48.81
CA PHE D 285 5.94 5.25 48.69
C PHE D 285 4.48 5.44 48.32
N THR D 286 3.96 4.45 47.63
CA THR D 286 2.59 4.44 47.22
C THR D 286 1.83 3.79 48.38
N ILE D 287 0.76 4.41 48.85
CA ILE D 287 -0.02 3.81 49.94
C ILE D 287 -1.38 3.47 49.35
N ASN D 288 -1.53 2.21 48.94
CA ASN D 288 -2.75 1.76 48.29
C ASN D 288 -3.57 0.76 49.12
N PRO D 289 -4.86 1.03 49.33
CA PRO D 289 -5.64 2.20 48.87
C PRO D 289 -5.72 3.27 49.94
N PHE D 290 -5.26 4.49 49.63
CA PHE D 290 -5.29 5.56 50.61
C PHE D 290 -6.69 6.08 50.93
N PRO D 291 -7.03 6.11 52.23
CA PRO D 291 -8.34 6.57 52.73
C PRO D 291 -8.59 8.02 52.35
N GLY D 292 -9.73 8.26 51.71
CA GLY D 292 -10.06 9.61 51.29
C GLY D 292 -10.12 10.65 52.39
N GLU D 293 -10.72 10.31 53.54
CA GLU D 293 -10.82 11.27 54.64
C GLU D 293 -9.49 11.91 54.98
N LEU D 294 -8.47 11.07 55.11
CA LEU D 294 -7.13 11.49 55.51
C LEU D 294 -6.46 12.57 54.67
N TYR D 295 -6.99 12.86 53.49
CA TYR D 295 -6.39 13.91 52.69
C TYR D 295 -6.57 15.25 53.41
N ASP D 296 -7.52 15.29 54.34
CA ASP D 296 -7.80 16.50 55.11
C ASP D 296 -7.02 16.59 56.41
N TYR D 297 -6.13 15.61 56.65
CA TYR D 297 -5.34 15.61 57.87
C TYR D 297 -3.85 15.43 57.59
N THR D 298 -3.07 15.38 58.67
CA THR D 298 -1.62 15.21 58.53
C THR D 298 -1.09 14.03 59.32
N ALA D 299 -0.10 13.36 58.74
CA ALA D 299 0.54 12.21 59.36
C ALA D 299 1.38 12.68 60.55
N THR D 300 1.28 11.97 61.66
CA THR D 300 2.00 12.37 62.88
C THR D 300 3.22 11.53 63.25
N ASN D 301 3.02 10.22 63.35
CA ASN D 301 4.11 9.32 63.71
C ASN D 301 4.16 8.07 62.85
N ILE D 302 5.28 7.39 62.91
CA ILE D 302 5.43 6.16 62.17
C ILE D 302 6.13 5.15 63.08
N ALA D 303 5.65 3.92 63.05
CA ALA D 303 6.19 2.87 63.88
C ALA D 303 6.29 1.57 63.08
N THR D 304 7.19 0.72 63.50
CA THR D 304 7.38 -0.55 62.83
C THR D 304 7.12 -1.68 63.83
N ILE D 305 6.24 -2.60 63.46
CA ILE D 305 5.89 -3.70 64.36
C ILE D 305 6.17 -5.04 63.74
N LEU D 306 6.94 -5.83 64.46
CA LEU D 306 7.31 -7.16 64.03
C LEU D 306 6.14 -8.12 64.16
N ILE D 307 5.93 -8.91 63.10
CA ILE D 307 4.85 -9.89 63.03
C ILE D 307 5.30 -11.33 63.35
N ASP D 308 6.52 -11.69 62.98
CA ASP D 308 7.04 -13.02 63.24
C ASP D 308 8.54 -12.95 63.53
N ASN D 309 9.26 -14.02 63.20
CA ASN D 309 10.71 -14.07 63.44
C ASN D 309 11.50 -14.07 62.16
N GLY D 310 10.88 -13.60 61.08
CA GLY D 310 11.55 -13.57 59.79
C GLY D 310 11.55 -12.18 59.19
N GLN D 311 11.69 -11.17 60.03
CA GLN D 311 11.72 -9.77 59.58
C GLN D 311 10.42 -9.28 58.94
N ASN D 312 9.32 -10.04 59.07
CA ASN D 312 8.05 -9.59 58.50
C ASN D 312 7.43 -8.55 59.45
N GLU D 313 7.10 -7.39 58.90
CA GLU D 313 6.57 -6.29 59.70
C GLU D 313 5.37 -5.52 59.13
N ILE D 314 4.81 -4.68 59.98
CA ILE D 314 3.70 -3.84 59.59
C ILE D 314 4.14 -2.41 59.88
N VAL D 315 3.88 -1.51 58.95
CA VAL D 315 4.24 -0.12 59.15
C VAL D 315 3.00 0.59 59.67
N CYS D 316 3.13 1.32 60.77
CA CYS D 316 1.99 2.03 61.32
C CYS D 316 2.18 3.54 61.27
N VAL D 317 1.16 4.26 60.80
CA VAL D 317 1.23 5.72 60.71
C VAL D 317 0.05 6.42 61.42
N SER D 318 0.39 7.47 62.18
CA SER D 318 -0.59 8.31 62.91
C SER D 318 -1.08 9.46 62.06
N PHE D 319 -2.26 9.96 62.39
CA PHE D 319 -2.85 11.10 61.69
C PHE D 319 -3.60 12.05 62.63
N ASP D 320 -3.70 13.32 62.24
CA ASP D 320 -4.41 14.36 63.01
C ASP D 320 -5.76 13.90 63.56
N ASP D 321 -6.53 13.21 62.74
CA ASP D 321 -7.86 12.74 63.13
C ASP D 321 -7.87 11.61 64.16
N GLY D 322 -6.75 11.41 64.84
CA GLY D 322 -6.67 10.34 65.83
C GLY D 322 -6.87 8.99 65.16
N SER D 323 -6.45 8.90 63.90
CA SER D 323 -6.60 7.67 63.12
C SER D 323 -5.25 6.96 62.95
N LEU D 324 -5.32 5.67 62.64
CA LEU D 324 -4.14 4.85 62.48
C LEU D 324 -4.28 4.02 61.21
N ILE D 325 -3.24 3.92 60.40
CA ILE D 325 -3.35 3.06 59.24
C ILE D 325 -2.23 2.03 59.31
N LEU D 326 -2.61 0.76 59.28
CA LEU D 326 -1.67 -0.35 59.35
C LEU D 326 -1.35 -0.73 57.91
N LEU D 327 -0.08 -0.61 57.54
CA LEU D 327 0.35 -0.87 56.18
C LEU D 327 1.25 -2.09 56.06
N PHE D 328 1.32 -2.64 54.85
CA PHE D 328 2.12 -3.81 54.54
C PHE D 328 2.88 -3.62 53.22
N LYS D 329 4.19 -3.83 53.26
CA LYS D 329 5.04 -3.69 52.08
C LYS D 329 5.06 -4.97 51.23
N ASP D 330 4.36 -4.94 50.10
CA ASP D 330 4.26 -6.10 49.21
C ASP D 330 5.39 -6.30 48.18
N LEU D 331 6.03 -5.22 47.75
CA LEU D 331 7.10 -5.37 46.79
C LEU D 331 8.46 -5.32 47.45
N GLU D 332 9.44 -5.96 46.83
CA GLU D 332 10.79 -5.97 47.36
C GLU D 332 11.56 -4.79 46.78
N SER D 334 14.86 -2.34 46.00
CA SER D 334 16.22 -2.59 45.56
C SER D 334 16.99 -1.45 46.21
N SER D 336 19.58 1.61 46.53
CA SER D 336 19.86 2.71 45.63
C SER D 336 20.74 3.74 46.31
N TRP D 337 21.75 4.24 45.59
CA TRP D 337 22.67 5.22 46.16
C TRP D 337 22.68 6.56 45.43
N ASP D 338 22.73 6.55 44.10
CA ASP D 338 22.76 7.77 43.28
C ASP D 338 21.40 8.32 42.90
N VAL D 339 20.68 7.51 42.14
CA VAL D 339 19.36 7.86 41.63
C VAL D 339 18.49 8.79 42.47
N ASP D 340 18.23 9.99 41.92
CA ASP D 340 17.38 10.96 42.59
C ASP D 340 15.95 10.56 42.35
N ASN D 341 15.08 10.85 43.31
CA ASN D 341 13.68 10.51 43.17
C ASN D 341 13.46 9.09 42.70
N TYR D 342 14.31 8.18 43.17
CA TYR D 342 14.16 6.79 42.79
C TYR D 342 12.93 6.27 43.48
N VAL D 343 12.10 5.62 42.71
CA VAL D 343 10.89 5.00 43.19
C VAL D 343 11.06 3.68 42.49
N TYR D 344 10.47 2.62 43.02
CA TYR D 344 10.57 1.31 42.39
C TYR D 344 10.27 0.33 43.50
N ASN D 345 9.14 -0.32 43.35
CA ASN D 345 8.69 -1.24 44.34
C ASN D 345 8.58 -0.53 45.70
N ASN D 346 8.48 0.80 45.66
CA ASN D 346 8.27 1.57 46.87
C ASN D 346 6.76 1.52 47.03
N SER D 347 6.27 0.34 47.38
CA SER D 347 4.84 0.10 47.50
C SER D 347 4.35 -0.40 48.86
N LEU D 348 3.34 0.27 49.39
CA LEU D 348 2.72 -0.11 50.64
C LEU D 348 1.23 -0.33 50.39
N VAL D 349 0.67 -1.30 51.08
CA VAL D 349 -0.73 -1.65 50.94
C VAL D 349 -1.44 -1.50 52.28
N LEU D 350 -2.64 -0.91 52.27
CA LEU D 350 -3.42 -0.70 53.49
C LEU D 350 -4.13 -1.98 53.90
N ILE D 351 -3.91 -2.41 55.14
CA ILE D 351 -4.54 -3.63 55.64
C ILE D 351 -5.74 -3.27 56.51
N GLU D 352 -5.59 -2.20 57.30
CA GLU D 352 -6.66 -1.77 58.18
C GLU D 352 -6.46 -0.34 58.67
N ARG D 353 -7.57 0.28 59.08
CA ARG D 353 -7.54 1.63 59.62
C ARG D 353 -8.19 1.57 61.01
N VAL D 354 -7.58 2.25 61.97
CA VAL D 354 -8.10 2.25 63.35
C VAL D 354 -8.33 3.68 63.80
N LYS D 355 -9.59 4.05 64.02
CA LYS D 355 -9.91 5.40 64.49
C LYS D 355 -10.05 5.36 66.01
N LEU D 356 -9.16 6.03 66.71
CA LEU D 356 -9.19 6.08 68.17
C LEU D 356 -9.88 7.33 68.66
N GLN D 357 -10.19 8.21 67.73
CA GLN D 357 -10.87 9.46 68.04
C GLN D 357 -10.29 10.19 69.24
N ARG D 358 -9.00 9.99 69.48
CA ARG D 358 -8.29 10.64 70.58
C ARG D 358 -7.05 11.28 69.95
N GLU D 359 -6.50 12.30 70.59
CA GLU D 359 -5.30 12.93 70.05
C GLU D 359 -4.09 12.03 70.30
N ILE D 360 -3.60 11.37 69.26
CA ILE D 360 -2.45 10.47 69.42
C ILE D 360 -1.16 11.26 69.59
N LYS D 361 -0.59 11.19 70.78
CA LYS D 361 0.64 11.91 71.07
C LYS D 361 1.91 11.12 70.77
N SER D 362 1.79 9.80 70.64
CA SER D 362 2.96 8.98 70.30
C SER D 362 2.69 7.47 70.18
N LEU D 363 3.55 6.79 69.45
CA LEU D 363 3.46 5.34 69.23
C LEU D 363 4.69 4.68 69.85
N ILE D 364 4.48 3.54 70.51
CA ILE D 364 5.57 2.83 71.17
C ILE D 364 5.44 1.32 70.99
N THR D 365 6.59 0.65 70.88
CA THR D 365 6.60 -0.81 70.74
C THR D 365 7.62 -1.43 71.67
N LEU D 366 7.33 -2.65 72.12
CA LEU D 366 8.24 -3.37 73.00
C LEU D 366 8.64 -4.62 72.23
N PRO D 367 9.92 -4.71 71.83
CA PRO D 367 10.50 -5.83 71.10
C PRO D 367 9.97 -7.19 71.54
N GLU D 368 9.76 -7.35 72.84
CA GLU D 368 9.28 -8.61 73.41
C GLU D 368 7.86 -9.02 73.02
N GLN D 369 7.09 -8.13 72.41
CA GLN D 369 5.73 -8.48 72.04
C GLN D 369 5.40 -8.24 70.58
N LEU D 370 5.27 -9.32 69.81
CA LEU D 370 4.92 -9.22 68.40
C LEU D 370 3.51 -8.69 68.15
N GLY D 371 3.29 -8.11 66.98
CA GLY D 371 1.98 -7.61 66.61
C GLY D 371 1.22 -6.77 67.61
N LYS D 372 1.92 -6.12 68.54
CA LYS D 372 1.25 -5.26 69.51
C LYS D 372 1.87 -3.87 69.46
N LEU D 373 1.02 -2.85 69.52
CA LEU D 373 1.49 -1.49 69.48
C LEU D 373 0.82 -0.67 70.58
N TYR D 374 1.61 0.15 71.27
CA TYR D 374 1.06 1.00 72.33
C TYR D 374 0.85 2.39 71.73
N VAL D 375 -0.34 2.94 71.94
CA VAL D 375 -0.64 4.26 71.43
C VAL D 375 -0.93 5.18 72.60
N ILE D 376 -0.11 6.19 72.77
CA ILE D 376 -0.32 7.13 73.86
C ILE D 376 -1.15 8.31 73.39
N SER D 377 -2.42 8.33 73.79
CA SER D 377 -3.33 9.41 73.44
C SER D 377 -3.16 10.51 74.48
N ASP D 378 -4.23 11.23 74.81
CA ASP D 378 -4.07 12.31 75.78
C ASP D 378 -4.05 11.92 77.25
N ASN D 379 -4.84 10.93 77.61
CA ASN D 379 -4.88 10.50 79.00
C ASN D 379 -4.95 9.00 79.09
N ILE D 380 -4.84 8.33 77.94
CA ILE D 380 -4.89 6.89 77.91
C ILE D 380 -3.66 6.33 77.23
N ILE D 381 -3.39 5.05 77.50
CA ILE D 381 -2.33 4.33 76.87
C ILE D 381 -3.15 3.14 76.41
N GLN D 382 -3.41 3.06 75.12
CA GLN D 382 -4.17 1.95 74.58
C GLN D 382 -3.18 1.00 73.92
N GLN D 383 -3.63 -0.23 73.70
CA GLN D 383 -2.78 -1.20 73.05
C GLN D 383 -3.52 -1.84 71.91
N VAL D 384 -3.05 -1.58 70.70
CA VAL D 384 -3.64 -2.16 69.50
C VAL D 384 -2.98 -3.53 69.35
N ASN D 385 -3.80 -4.58 69.28
CA ASN D 385 -3.27 -5.93 69.13
C ASN D 385 -3.77 -6.54 67.84
N PHE D 386 -2.89 -6.65 66.84
CA PHE D 386 -3.31 -7.22 65.59
C PHE D 386 -2.76 -8.59 65.26
N SER D 388 -4.38 -11.14 65.75
CA SER D 388 -5.57 -11.89 65.39
C SER D 388 -5.39 -12.31 63.94
N TRP D 389 -5.03 -11.34 63.11
CA TRP D 389 -4.82 -11.58 61.68
C TRP D 389 -3.37 -11.67 61.28
N ALA D 390 -2.50 -10.90 61.93
CA ALA D 390 -1.09 -10.89 61.61
C ALA D 390 -0.43 -12.28 61.68
N SER D 391 -0.81 -13.08 62.67
CA SER D 391 -0.24 -14.41 62.83
C SER D 391 -0.55 -15.30 61.61
N THR D 392 -1.73 -15.13 61.03
CA THR D 392 -2.13 -15.90 59.86
C THR D 392 -1.41 -15.36 58.64
N LEU D 393 -1.30 -14.04 58.60
CA LEU D 393 -0.64 -13.34 57.49
C LEU D 393 0.80 -13.82 57.30
N SER D 394 1.53 -14.02 58.39
CA SER D 394 2.90 -14.46 58.26
C SER D 394 2.96 -15.94 57.90
N LYS D 395 1.97 -16.71 58.33
CA LYS D 395 1.94 -18.12 58.02
C LYS D 395 1.80 -18.30 56.52
N SER D 396 0.88 -17.53 55.91
CA SER D 396 0.69 -17.64 54.48
C SER D 396 1.90 -17.10 53.71
N ILE D 397 2.58 -16.09 54.23
CA ILE D 397 3.75 -15.55 53.56
C ILE D 397 4.80 -16.63 53.55
N ASN D 398 4.99 -17.26 54.71
CA ASN D 398 6.00 -18.30 54.85
C ASN D 398 5.60 -19.65 54.25
N GLU D 399 4.30 -19.92 54.14
CA GLU D 399 3.86 -21.19 53.56
C GLU D 399 3.33 -21.02 52.15
N SER D 400 3.55 -19.84 51.57
CA SER D 400 3.12 -19.53 50.21
C SER D 400 1.68 -19.97 49.90
N ASP D 401 0.79 -19.83 50.87
CA ASP D 401 -0.60 -20.22 50.68
C ASP D 401 -1.52 -19.06 51.05
N LEU D 402 -2.20 -18.51 50.06
CA LEU D 402 -3.10 -17.37 50.29
C LEU D 402 -4.46 -17.70 50.89
N ASN D 403 -4.93 -18.93 50.71
CA ASN D 403 -6.23 -19.37 51.20
C ASN D 403 -6.62 -18.90 52.61
N PRO D 404 -5.79 -19.20 53.62
CA PRO D 404 -6.12 -18.78 54.99
C PRO D 404 -6.66 -17.35 55.07
N LEU D 405 -6.12 -16.45 54.25
CA LEU D 405 -6.56 -15.05 54.25
C LEU D 405 -8.03 -14.85 53.94
N ALA D 406 -8.58 -15.75 53.12
CA ALA D 406 -9.98 -15.69 52.73
C ALA D 406 -10.86 -15.74 53.97
N GLY D 407 -11.73 -14.74 54.11
CA GLY D 407 -12.62 -14.71 55.26
C GLY D 407 -12.09 -13.89 56.43
N LEU D 408 -10.84 -14.10 56.80
CA LEU D 408 -10.22 -13.37 57.91
C LEU D 408 -10.69 -11.93 58.00
N LYS D 409 -11.12 -11.51 59.18
CA LYS D 409 -11.52 -10.13 59.36
C LYS D 409 -10.32 -9.43 59.96
N PHE D 410 -9.83 -8.44 59.24
CA PHE D 410 -8.66 -7.69 59.67
C PHE D 410 -9.04 -6.58 60.63
N GLU D 411 -9.43 -6.99 61.84
CA GLU D 411 -9.80 -6.08 62.90
C GLU D 411 -8.84 -6.32 64.06
N SER D 412 -8.24 -5.25 64.57
CA SER D 412 -7.31 -5.37 65.67
C SER D 412 -8.03 -5.19 67.00
N LYS D 413 -7.58 -5.91 68.02
CA LYS D 413 -8.18 -5.81 69.34
C LYS D 413 -7.63 -4.57 70.03
N LEU D 414 -8.51 -3.60 70.29
CA LEU D 414 -8.11 -2.38 70.96
C LEU D 414 -8.29 -2.63 72.46
N GLU D 415 -7.40 -2.07 73.28
CA GLU D 415 -7.52 -2.27 74.72
C GLU D 415 -6.88 -1.17 75.54
N ASP D 416 -7.65 -0.64 76.49
CA ASP D 416 -7.15 0.43 77.35
C ASP D 416 -6.22 -0.14 78.42
N ILE D 417 -4.96 0.28 78.36
CA ILE D 417 -3.95 -0.19 79.30
C ILE D 417 -4.00 0.57 80.60
N ALA D 418 -4.07 1.88 80.53
CA ALA D 418 -4.11 2.67 81.75
C ALA D 418 -4.36 4.13 81.48
N THR D 419 -4.72 4.86 82.53
CA THR D 419 -4.97 6.28 82.42
C THR D 419 -3.70 7.01 82.85
N ILE D 420 -3.24 7.92 82.00
CA ILE D 420 -2.05 8.68 82.29
C ILE D 420 -2.36 10.15 82.36
N GLU D 421 -1.33 10.94 82.61
CA GLU D 421 -1.46 12.39 82.70
C GLU D 421 -0.30 13.06 81.98
N ARG D 422 0.86 12.40 82.01
CA ARG D 422 2.05 12.93 81.38
C ARG D 422 2.60 11.75 80.57
N ILE D 423 2.67 11.89 79.24
CA ILE D 423 3.19 10.81 78.38
C ILE D 423 4.24 10.01 79.15
N PRO D 424 3.84 8.88 79.75
CA PRO D 424 4.77 8.05 80.52
C PRO D 424 5.87 7.35 79.72
N ASN D 425 6.81 6.83 80.49
CA ASN D 425 7.97 6.11 79.98
C ASN D 425 7.59 4.64 80.19
N LEU D 426 7.63 3.84 79.13
CA LEU D 426 7.27 2.43 79.26
C LEU D 426 8.48 1.50 79.31
N ALA D 427 8.26 0.31 79.88
CA ALA D 427 9.30 -0.70 79.99
C ALA D 427 8.70 -2.06 80.32
N TYR D 428 9.17 -3.08 79.60
CA TYR D 428 8.73 -4.45 79.80
C TYR D 428 9.63 -5.09 80.86
N ILE D 429 9.04 -5.64 81.89
CA ILE D 429 9.80 -6.27 82.94
C ILE D 429 9.32 -7.69 83.20
N ASN D 430 10.22 -8.65 82.98
CA ASN D 430 9.87 -10.05 83.20
C ASN D 430 10.26 -10.41 84.63
N TRP D 431 9.27 -10.54 85.50
CA TRP D 431 9.55 -10.86 86.90
C TRP D 431 8.84 -12.10 87.42
N ASN D 432 9.63 -13.09 87.82
CA ASN D 432 9.12 -14.34 88.35
C ASN D 432 7.98 -14.91 87.50
N ASP D 433 8.31 -15.27 86.27
CA ASP D 433 7.35 -15.84 85.33
C ASP D 433 6.15 -14.97 84.98
N GLN D 434 6.26 -13.67 85.21
CA GLN D 434 5.17 -12.77 84.88
C GLN D 434 5.66 -11.51 84.21
N SER D 435 5.34 -11.37 82.93
CA SER D 435 5.74 -10.19 82.20
C SER D 435 4.86 -9.01 82.66
N ASN D 436 5.48 -7.85 82.83
CA ASN D 436 4.76 -6.68 83.27
C ASN D 436 5.12 -5.44 82.47
N LEU D 437 4.36 -4.38 82.67
CA LEU D 437 4.61 -3.11 81.99
C LEU D 437 4.80 -2.05 83.05
N ALA D 438 5.96 -1.40 83.05
CA ALA D 438 6.21 -0.37 84.03
C ALA D 438 5.86 0.97 83.40
N LEU D 439 4.96 1.70 84.04
CA LEU D 439 4.58 3.03 83.55
C LEU D 439 5.23 4.05 84.46
N SER D 441 6.33 8.08 85.29
CA SER D 441 5.96 9.47 85.06
C SER D 441 6.63 10.30 86.15
N ASN D 442 6.61 11.61 85.97
CA ASN D 442 7.20 12.52 86.94
C ASN D 442 6.80 12.10 88.36
N LYS D 443 5.50 12.05 88.58
CA LYS D 443 4.92 11.73 89.88
C LYS D 443 4.69 10.27 90.23
N THR D 444 4.65 9.38 89.26
CA THR D 444 4.36 7.99 89.60
C THR D 444 5.28 6.94 88.99
N LEU D 445 5.01 5.69 89.35
CA LEU D 445 5.71 4.50 88.87
C LEU D 445 4.75 3.35 89.11
N THR D 446 4.03 2.97 88.06
CA THR D 446 3.04 1.90 88.13
C THR D 446 3.52 0.66 87.40
N PHE D 447 2.94 -0.49 87.76
CA PHE D 447 3.28 -1.74 87.12
C PHE D 447 1.96 -2.41 86.78
N GLN D 448 1.92 -3.11 85.64
CA GLN D 448 0.70 -3.79 85.22
C GLN D 448 1.02 -5.09 84.54
N ASN D 449 0.13 -6.05 84.69
CA ASN D 449 0.32 -7.37 84.09
C ASN D 449 0.08 -7.33 82.58
N ILE D 450 0.88 -8.11 81.86
CA ILE D 450 0.79 -8.19 80.41
C ILE D 450 0.59 -9.66 80.03
N SER D 451 -0.42 -9.93 79.22
CA SER D 451 -0.69 -11.30 78.80
C SER D 451 0.26 -11.66 77.66
N SER D 452 0.98 -12.76 77.86
CA SER D 452 1.95 -13.30 76.88
C SER D 452 3.36 -12.70 77.05
N ASN E 2 21.25 21.46 24.09
CA ASN E 2 20.37 20.54 23.37
C ASN E 2 19.04 21.14 22.93
N GLU E 3 18.37 20.41 22.04
CA GLU E 3 17.10 20.80 21.44
C GLU E 3 16.01 21.16 22.44
N ASN E 4 16.22 20.81 23.70
CA ASN E 4 15.23 21.06 24.75
C ASN E 4 15.19 22.51 25.24
N TYR E 5 16.35 23.16 25.32
CA TYR E 5 16.41 24.54 25.79
C TYR E 5 16.24 25.62 24.71
N TYR E 6 16.07 26.86 25.17
CA TYR E 6 15.91 28.00 24.29
C TYR E 6 16.20 29.28 25.07
N ILE E 7 16.82 30.25 24.41
CA ILE E 7 17.16 31.52 25.05
C ILE E 7 16.54 32.70 24.32
N SER E 8 16.28 33.76 25.06
CA SER E 8 15.73 34.97 24.49
C SER E 8 16.43 36.15 25.16
N PRO E 9 17.04 37.04 24.37
CA PRO E 9 17.10 37.02 22.90
C PRO E 9 17.94 35.88 22.30
N SER E 10 17.77 35.66 20.99
CA SER E 10 18.47 34.62 20.25
C SER E 10 19.91 34.44 20.69
N LEU E 11 20.41 33.22 20.53
CA LEU E 11 21.79 32.95 20.88
C LEU E 11 22.61 33.77 19.88
N ASP E 12 21.98 34.09 18.75
CA ASP E 12 22.60 34.88 17.69
C ASP E 12 22.64 36.34 18.12
N THR E 13 21.45 36.88 18.41
CA THR E 13 21.32 38.25 18.86
C THR E 13 22.33 38.56 19.96
N LEU E 14 22.42 37.67 20.94
CA LEU E 14 23.36 37.85 22.05
C LEU E 14 24.81 37.86 21.60
N SER E 15 25.11 37.12 20.53
CA SER E 15 26.48 37.04 20.02
C SER E 15 26.99 38.38 19.49
N SER E 16 26.10 39.13 18.85
CA SER E 16 26.47 40.42 18.28
C SER E 16 26.55 41.57 19.29
N TYR E 17 26.05 41.34 20.50
CA TYR E 17 26.08 42.38 21.53
C TYR E 17 27.48 42.89 21.85
N SER E 18 27.58 44.21 22.01
CA SER E 18 28.85 44.87 22.34
C SER E 18 29.40 44.25 23.62
N LEU E 19 30.71 44.11 23.68
CA LEU E 19 31.35 43.54 24.87
C LEU E 19 30.83 44.30 26.09
N LEU E 20 30.39 45.53 25.87
CA LEU E 20 29.85 46.39 26.92
C LEU E 20 28.41 46.05 27.25
N GLN E 21 27.56 46.05 26.23
CA GLN E 21 26.14 45.76 26.41
C GLN E 21 25.86 44.28 26.61
N LEU E 22 26.89 43.52 26.95
CA LEU E 22 26.74 42.10 27.20
C LEU E 22 26.80 41.97 28.71
N ARG E 23 26.60 43.11 29.37
CA ARG E 23 26.61 43.21 30.82
C ARG E 23 25.28 43.77 31.32
N LYS E 24 24.55 44.39 30.41
CA LYS E 24 23.25 44.98 30.72
C LYS E 24 22.15 44.21 30.01
N VAL E 25 22.37 42.94 29.68
CA VAL E 25 21.35 42.16 28.98
C VAL E 25 20.03 42.12 29.76
N PRO E 26 19.02 42.88 29.30
CA PRO E 26 17.73 42.88 29.99
C PRO E 26 16.79 41.83 29.40
N HIS E 27 15.77 41.47 30.16
CA HIS E 27 14.77 40.50 29.71
C HIS E 27 15.32 39.18 29.21
N LEU E 28 16.31 38.63 29.93
CA LEU E 28 16.90 37.35 29.57
C LEU E 28 15.94 36.24 29.97
N VAL E 29 15.69 35.31 29.05
CA VAL E 29 14.80 34.20 29.32
C VAL E 29 15.41 32.89 28.85
N VAL E 30 15.55 31.95 29.78
CA VAL E 30 16.10 30.64 29.47
C VAL E 30 15.04 29.63 29.88
N GLY E 31 14.80 28.64 29.04
CA GLY E 31 13.78 27.67 29.37
C GLY E 31 13.91 26.31 28.72
N HIS E 32 13.25 25.33 29.32
CA HIS E 32 13.25 23.96 28.84
C HIS E 32 11.84 23.72 28.31
N LYS E 33 11.76 23.39 27.02
CA LYS E 33 10.46 23.16 26.36
C LYS E 33 9.47 22.29 27.12
N SER E 34 9.96 21.37 27.94
CA SER E 34 9.07 20.47 28.68
C SER E 34 8.90 20.75 30.18
N TYR E 35 9.93 21.30 30.81
CA TYR E 35 9.87 21.52 32.24
C TYR E 35 9.47 22.90 32.76
N GLY E 36 9.89 23.96 32.07
CA GLY E 36 9.56 25.30 32.52
C GLY E 36 10.60 26.32 32.08
N LYS E 37 10.58 27.50 32.70
CA LYS E 37 11.53 28.54 32.35
C LYS E 37 11.84 29.48 33.51
N ILE E 38 12.80 30.36 33.29
CA ILE E 38 13.18 31.33 34.28
C ILE E 38 13.36 32.65 33.53
N GLU E 39 12.67 33.69 33.98
CA GLU E 39 12.77 35.01 33.37
C GLU E 39 13.44 35.94 34.34
N PHE E 40 14.55 36.54 33.94
CA PHE E 40 15.23 37.44 34.85
C PHE E 40 14.53 38.80 34.80
N LEU E 41 14.15 39.31 35.97
CA LEU E 41 13.43 40.58 36.07
C LEU E 41 14.35 41.74 36.40
N GLU E 42 15.62 41.57 36.10
CA GLU E 42 16.62 42.58 36.37
C GLU E 42 17.72 42.42 35.31
N PRO E 43 18.41 43.51 34.96
CA PRO E 43 19.45 43.32 33.94
C PRO E 43 20.47 42.26 34.38
N VAL E 44 20.94 41.48 33.41
CA VAL E 44 21.90 40.40 33.66
C VAL E 44 23.24 40.64 32.98
N ASP E 45 24.32 40.23 33.63
CA ASP E 45 25.67 40.38 33.09
C ASP E 45 26.19 39.04 32.53
N LEU E 46 26.20 38.92 31.20
CA LEU E 46 26.64 37.69 30.53
C LEU E 46 28.09 37.76 30.06
N ALA E 47 28.85 38.68 30.63
CA ALA E 47 30.26 38.83 30.29
C ALA E 47 31.08 37.75 30.99
N GLY E 48 31.95 37.09 30.23
CA GLY E 48 32.77 36.04 30.81
C GLY E 48 32.02 34.73 30.93
N ILE E 49 30.94 34.60 30.18
CA ILE E 49 30.12 33.40 30.21
C ILE E 49 29.88 32.89 28.79
N PRO E 50 30.19 31.61 28.53
CA PRO E 50 29.98 31.02 27.20
C PRO E 50 28.47 30.88 26.93
N LEU E 51 27.96 31.78 26.10
CA LEU E 51 26.54 31.83 25.77
C LEU E 51 25.80 30.50 25.55
N THR E 52 26.51 29.39 25.41
CA THR E 52 25.82 28.11 25.20
C THR E 52 25.69 27.34 26.52
N SER E 53 26.27 27.89 27.59
CA SER E 53 26.20 27.28 28.91
C SER E 53 24.84 27.54 29.54
N LEU E 54 24.25 28.68 29.19
CA LEU E 54 22.94 29.04 29.72
C LEU E 54 21.94 27.99 29.27
N GLY E 55 22.35 27.15 28.33
CA GLY E 55 21.48 26.11 27.82
C GLY E 55 21.17 25.02 28.83
N GLY E 56 22.16 24.24 29.20
CA GLY E 56 21.93 23.18 30.16
C GLY E 56 23.11 22.98 31.08
N VAL E 57 23.99 23.97 31.13
CA VAL E 57 25.17 23.91 31.97
C VAL E 57 24.96 24.80 33.18
N ILE E 58 24.68 26.07 32.92
CA ILE E 58 24.45 27.04 33.99
C ILE E 58 23.02 26.95 34.50
N ILE E 59 22.05 27.03 33.60
CA ILE E 59 20.65 26.91 33.97
C ILE E 59 20.12 25.56 33.50
N THR E 60 19.69 24.72 34.44
CA THR E 60 19.18 23.39 34.08
C THR E 60 17.78 23.10 34.61
N PHE E 61 17.00 22.38 33.82
CA PHE E 61 15.64 22.01 34.20
C PHE E 61 15.43 20.50 34.22
N GLU E 62 14.56 20.07 35.13
CA GLU E 62 14.20 18.68 35.32
C GLU E 62 12.78 18.73 35.89
N PRO E 63 12.04 17.63 35.82
CA PRO E 63 10.67 17.67 36.36
C PRO E 63 10.54 18.39 37.71
N LYS E 64 9.65 19.37 37.74
CA LYS E 64 9.38 20.17 38.94
C LYS E 64 10.57 20.91 39.57
N THR E 65 11.76 20.80 38.97
CA THR E 65 12.94 21.47 39.53
C THR E 65 13.69 22.36 38.53
N CYS E 66 14.39 23.36 39.06
CA CYS E 66 15.18 24.29 38.27
C CYS E 66 16.49 24.47 39.01
N ILE E 67 17.60 24.03 38.43
CA ILE E 67 18.90 24.13 39.07
C ILE E 67 19.82 25.13 38.37
N ILE E 68 20.31 26.11 39.11
CA ILE E 68 21.20 27.11 38.55
C ILE E 68 22.63 26.89 39.03
N TYR E 69 23.57 26.87 38.10
CA TYR E 69 24.97 26.65 38.40
C TYR E 69 25.19 25.25 38.95
N ALA E 70 25.51 24.33 38.05
CA ALA E 70 25.76 22.95 38.45
C ALA E 70 26.81 22.96 39.55
N ASN E 71 27.01 21.78 40.14
CA ASN E 71 27.97 21.59 41.21
C ASN E 71 29.26 22.38 40.94
N LEU E 72 29.92 22.77 42.02
CA LEU E 72 31.14 23.59 41.99
C LEU E 72 30.75 25.00 41.52
N PRO E 73 29.93 25.68 42.33
CA PRO E 73 29.47 27.04 42.00
C PRO E 73 30.23 28.14 42.76
N ASN E 74 31.03 28.92 42.04
CA ASN E 74 31.77 30.02 42.65
C ASN E 74 30.70 31.08 42.86
N ARG E 75 29.46 30.58 42.90
CA ARG E 75 28.25 31.38 43.07
C ARG E 75 28.48 32.87 43.11
N PRO E 76 28.14 33.55 42.01
CA PRO E 76 28.31 34.99 41.95
C PRO E 76 27.63 35.62 43.16
N LYS E 77 28.13 36.77 43.55
CA LYS E 77 27.59 37.52 44.68
C LYS E 77 26.27 38.13 44.24
N ARG E 78 25.44 38.50 45.21
CA ARG E 78 24.14 39.08 44.91
C ARG E 78 24.21 40.29 43.98
N GLY E 79 23.37 40.27 42.94
CA GLY E 79 23.33 41.34 41.98
C GLY E 79 24.44 41.22 40.97
N GLU E 80 25.18 40.12 41.04
CA GLU E 80 26.30 39.87 40.15
C GLU E 80 26.02 38.81 39.11
N GLY E 81 26.38 39.10 37.87
CA GLY E 81 26.18 38.15 36.79
C GLY E 81 24.76 37.67 36.64
N ILE E 82 24.48 36.48 37.15
CA ILE E 82 23.16 35.89 37.04
C ILE E 82 22.40 35.87 38.36
N ASN E 83 23.11 36.10 39.46
CA ASN E 83 22.48 36.09 40.78
C ASN E 83 21.64 37.36 40.98
N VAL E 84 20.43 37.32 40.42
CA VAL E 84 19.53 38.47 40.44
C VAL E 84 18.07 37.99 40.56
N ARG E 85 17.14 38.91 40.79
CA ARG E 85 15.73 38.54 40.92
C ARG E 85 15.19 37.93 39.63
N ALA E 86 14.36 36.91 39.74
CA ALA E 86 13.81 36.26 38.55
C ALA E 86 12.47 35.55 38.77
N ARG E 87 11.69 35.40 37.70
CA ARG E 87 10.41 34.70 37.76
C ARG E 87 10.54 33.29 37.17
N ILE E 88 10.38 32.28 38.02
CA ILE E 88 10.48 30.90 37.58
C ILE E 88 9.11 30.31 37.35
N THR E 89 8.97 29.54 36.26
CA THR E 89 7.70 28.90 35.90
C THR E 89 7.90 27.39 35.75
N CYS E 90 7.18 26.59 36.54
CA CYS E 90 7.29 25.13 36.44
C CYS E 90 5.99 24.50 35.96
N PHE E 91 6.08 23.72 34.89
CA PHE E 91 4.91 23.07 34.32
C PHE E 91 4.59 21.76 35.03
N ASN E 92 3.30 21.42 35.05
CA ASN E 92 2.81 20.20 35.67
C ASN E 92 3.24 19.98 37.11
N CYS E 93 2.79 20.88 37.98
CA CYS E 93 3.09 20.78 39.40
C CYS E 93 1.77 20.51 40.13
N TYR E 94 1.02 19.53 39.64
CA TYR E 94 -0.26 19.17 40.24
C TYR E 94 -0.02 18.40 41.54
N PRO E 95 -1.07 18.24 42.35
CA PRO E 95 -0.98 17.50 43.61
C PRO E 95 -0.94 16.02 43.20
N VAL E 96 -0.35 15.17 44.02
CA VAL E 96 -0.28 13.76 43.65
C VAL E 96 -1.14 12.84 44.50
N ASP E 97 -1.71 11.83 43.85
CA ASP E 97 -2.55 10.85 44.52
C ASP E 97 -1.61 9.88 45.22
N LYS E 98 -1.70 9.83 46.55
CA LYS E 98 -0.82 9.00 47.37
C LYS E 98 -0.80 7.48 47.11
N SER E 99 -1.83 6.94 46.50
CA SER E 99 -1.85 5.51 46.27
C SER E 99 -1.40 5.12 44.86
N THR E 100 -1.15 6.14 44.05
CA THR E 100 -0.75 5.92 42.66
C THR E 100 0.50 6.69 42.28
N ARG E 101 0.65 7.85 42.91
CA ARG E 101 1.78 8.72 42.65
C ARG E 101 1.54 9.46 41.32
N LYS E 102 0.31 9.35 40.83
CA LYS E 102 -0.06 10.04 39.60
C LYS E 102 -0.63 11.41 39.94
N PRO E 103 -0.53 12.35 38.99
CA PRO E 103 -1.01 13.72 39.13
C PRO E 103 -2.52 13.81 39.22
N ILE E 104 -3.02 14.57 40.18
CA ILE E 104 -4.45 14.78 40.32
C ILE E 104 -4.78 16.09 39.63
N LYS E 105 -5.34 16.00 38.43
CA LYS E 105 -5.66 17.18 37.65
C LYS E 105 -7.04 17.84 37.86
N ASP E 106 -7.82 17.34 38.80
CA ASP E 106 -9.13 17.92 39.08
C ASP E 106 -8.93 19.15 39.95
N PRO E 107 -9.42 20.31 39.50
CA PRO E 107 -9.30 21.59 40.22
C PRO E 107 -10.00 21.70 41.58
N ASN E 108 -10.91 20.78 41.89
CA ASN E 108 -11.64 20.82 43.15
C ASN E 108 -11.32 19.75 44.20
N HIS E 109 -10.32 18.92 43.95
CA HIS E 109 -9.97 17.89 44.92
C HIS E 109 -9.35 18.47 46.19
N GLN E 110 -9.64 17.82 47.32
CA GLN E 110 -9.12 18.26 48.62
C GLN E 110 -7.68 18.71 48.53
N LEU E 111 -6.85 17.93 47.86
CA LEU E 111 -5.44 18.27 47.73
C LEU E 111 -5.19 19.63 47.07
N VAL E 112 -6.07 20.06 46.18
CA VAL E 112 -5.90 21.33 45.49
C VAL E 112 -5.75 22.46 46.49
N LYS E 113 -6.82 22.73 47.22
CA LYS E 113 -6.83 23.79 48.21
C LYS E 113 -5.57 23.76 49.07
N ARG E 114 -5.24 22.57 49.56
CA ARG E 114 -4.07 22.38 50.41
C ARG E 114 -2.76 22.56 49.64
N HIS E 115 -2.73 22.07 48.41
CA HIS E 115 -1.57 22.17 47.54
C HIS E 115 -1.16 23.63 47.37
N ILE E 116 -2.11 24.46 46.96
CA ILE E 116 -1.90 25.88 46.76
C ILE E 116 -1.44 26.53 48.07
N GLU E 117 -2.16 26.23 49.14
CA GLU E 117 -1.85 26.75 50.48
C GLU E 117 -0.41 26.40 50.84
N ARG E 118 0.05 25.25 50.37
CA ARG E 118 1.42 24.78 50.61
C ARG E 118 2.41 25.62 49.80
N LEU E 119 2.09 25.84 48.54
CA LEU E 119 2.95 26.62 47.65
C LEU E 119 3.12 28.04 48.16
N LYS E 120 2.05 28.61 48.71
CA LYS E 120 2.10 29.97 49.21
C LYS E 120 3.10 30.11 50.34
N LYS E 121 3.77 29.02 50.68
CA LYS E 121 4.81 29.04 51.71
C LYS E 121 5.92 28.04 51.36
N ASN E 122 6.73 28.39 50.36
CA ASN E 122 7.81 27.54 49.86
C ASN E 122 9.18 28.15 50.23
N PRO E 123 10.28 27.36 50.10
CA PRO E 123 11.67 27.75 50.41
C PRO E 123 12.23 28.96 49.64
N ASN E 124 11.99 30.16 50.18
CA ASN E 124 12.42 31.44 49.59
C ASN E 124 11.79 31.67 48.21
N SER E 125 10.96 30.73 47.78
CA SER E 125 10.28 30.86 46.52
C SER E 125 8.97 31.61 46.74
N LYS E 126 8.97 32.92 46.55
CA LYS E 126 7.77 33.74 46.72
C LYS E 126 6.69 33.41 45.69
N PHE E 127 5.63 32.77 46.17
CA PHE E 127 4.49 32.35 45.34
C PHE E 127 3.82 33.46 44.55
N GLU E 128 3.70 33.28 43.24
CA GLU E 128 3.04 34.27 42.39
C GLU E 128 1.73 33.70 41.86
N SER E 129 1.72 32.43 41.46
CA SER E 129 0.50 31.82 40.94
C SER E 129 0.58 30.32 40.75
N TYR E 130 -0.60 29.69 40.77
CA TYR E 130 -0.74 28.26 40.54
C TYR E 130 -2.06 28.02 39.79
N ASP E 131 -1.98 27.45 38.60
CA ASP E 131 -3.17 27.17 37.81
C ASP E 131 -3.64 25.74 38.08
N ALA E 132 -4.80 25.62 38.72
CA ALA E 132 -5.35 24.31 39.07
C ALA E 132 -5.42 23.30 37.92
N ASP E 133 -5.80 23.79 36.74
CA ASP E 133 -5.93 22.94 35.54
C ASP E 133 -4.58 22.64 34.88
N SER E 134 -3.84 23.71 34.58
CA SER E 134 -2.53 23.61 33.94
C SER E 134 -1.54 22.85 34.83
N GLY E 135 -1.60 23.16 36.12
CA GLY E 135 -0.70 22.55 37.07
C GLY E 135 0.57 23.37 37.01
N THR E 136 0.47 24.53 36.37
CA THR E 136 1.61 25.41 36.23
C THR E 136 1.80 26.25 37.49
N TYR E 137 3.00 26.16 38.03
CA TYR E 137 3.36 26.86 39.25
C TYR E 137 4.37 27.97 38.92
N VAL E 138 4.05 29.19 39.34
CA VAL E 138 4.92 30.33 39.08
C VAL E 138 5.31 31.00 40.38
N PHE E 139 6.60 31.27 40.54
CA PHE E 139 7.07 31.93 41.76
C PHE E 139 8.26 32.85 41.46
N ILE E 140 8.57 33.75 42.38
CA ILE E 140 9.67 34.69 42.22
C ILE E 140 10.76 34.42 43.26
N VAL E 141 12.01 34.56 42.86
CA VAL E 141 13.15 34.37 43.77
C VAL E 141 14.01 35.64 43.66
N ASN E 142 14.45 36.19 44.78
CA ASN E 142 15.22 37.41 44.73
C ASN E 142 16.62 37.24 44.17
N HIS E 143 17.21 36.07 44.33
CA HIS E 143 18.55 35.81 43.82
C HIS E 143 18.62 34.42 43.18
N ALA E 144 18.70 34.39 41.86
CA ALA E 144 18.74 33.15 41.09
C ALA E 144 19.75 32.12 41.57
N ALA E 145 20.98 32.57 41.84
CA ALA E 145 22.03 31.67 42.31
C ALA E 145 22.12 31.57 43.83
N GLU E 146 21.11 30.95 44.43
CA GLU E 146 21.04 30.79 45.89
C GLU E 146 19.88 29.87 46.26
N GLY F 9 23.82 -18.96 47.32
CA GLY F 9 23.47 -19.85 48.46
C GLY F 9 22.32 -20.78 48.12
N PHE F 10 21.62 -21.29 49.13
CA PHE F 10 20.47 -22.19 48.95
C PHE F 10 19.24 -21.34 49.28
N LYS F 11 18.12 -21.96 49.61
CA LYS F 11 16.98 -21.16 50.04
C LYS F 11 16.41 -20.20 48.98
N VAL F 12 17.17 -19.95 47.92
CA VAL F 12 16.73 -19.04 46.87
C VAL F 12 15.30 -19.26 46.38
N VAL F 13 14.94 -20.50 46.10
CA VAL F 13 13.59 -20.80 45.64
C VAL F 13 12.63 -20.42 46.77
N GLU F 14 12.98 -20.82 47.98
CA GLU F 14 12.18 -20.55 49.18
C GLU F 14 11.94 -19.05 49.34
N VAL F 15 13.01 -18.25 49.21
CA VAL F 15 12.89 -16.81 49.33
C VAL F 15 12.05 -16.20 48.19
N GLY F 16 12.30 -16.66 46.96
CA GLY F 16 11.56 -16.16 45.81
C GLY F 16 10.08 -16.44 45.96
N LEU F 17 9.75 -17.60 46.53
CA LEU F 17 8.36 -17.97 46.74
C LEU F 17 7.70 -17.01 47.71
N ALA F 18 8.41 -16.71 48.80
CA ALA F 18 7.90 -15.78 49.81
C ALA F 18 7.68 -14.41 49.21
N ASN F 20 7.08 -13.68 46.12
CA ASN F 20 5.96 -13.78 45.21
C ASN F 20 4.63 -13.85 45.97
N THR F 21 4.63 -14.54 47.10
CA THR F 21 3.42 -14.66 47.91
C THR F 21 3.01 -13.27 48.38
N LYS F 22 3.98 -12.47 48.81
CA LYS F 22 3.71 -11.12 49.28
C LYS F 22 3.07 -10.25 48.20
N LYS F 23 3.42 -10.46 46.94
CA LYS F 23 2.81 -9.68 45.87
C LYS F 23 1.35 -10.03 45.77
N GLN F 24 1.10 -11.33 45.72
CA GLN F 24 -0.25 -11.82 45.65
C GLN F 24 -1.00 -11.31 46.84
N ILE F 25 -0.31 -11.18 47.97
CA ILE F 25 -0.95 -10.65 49.16
C ILE F 25 -1.19 -9.16 48.95
N GLY F 26 -0.36 -8.56 48.11
CA GLY F 26 -0.52 -7.15 47.84
C GLY F 26 -1.81 -6.91 47.09
N ASP F 27 -2.09 -7.76 46.11
CA ASP F 27 -3.31 -7.64 45.30
C ASP F 27 -4.52 -7.94 46.17
N PHE F 28 -4.39 -8.93 47.05
CA PHE F 28 -5.47 -9.29 47.92
C PHE F 28 -5.99 -8.06 48.65
N PHE F 29 -5.10 -7.34 49.32
CA PHE F 29 -5.52 -6.15 50.05
C PHE F 29 -5.90 -4.98 49.15
N LYS F 30 -5.42 -4.97 47.91
CA LYS F 30 -5.76 -3.89 47.00
C LYS F 30 -7.21 -4.12 46.60
N ASN F 31 -7.52 -5.34 46.21
CA ASN F 31 -8.85 -5.72 45.77
C ASN F 31 -9.74 -6.14 46.93
N LEU F 32 -9.50 -5.52 48.08
CA LEU F 32 -10.26 -5.80 49.27
C LEU F 32 -10.77 -4.48 49.83
N ASN F 33 -10.54 -3.40 49.09
CA ASN F 33 -10.99 -2.07 49.51
C ASN F 33 -11.51 -1.28 48.31
N LEU G 7 7.71 -10.75 22.06
CA LEU G 7 7.75 -9.95 23.31
C LEU G 7 9.03 -9.15 23.37
N SER G 8 8.89 -7.84 23.41
CA SER G 8 10.03 -6.94 23.46
C SER G 8 10.92 -7.14 24.69
N ALA G 9 10.50 -8.03 25.59
CA ALA G 9 11.25 -8.27 26.81
C ALA G 9 12.29 -9.37 26.73
N LEU G 10 12.41 -10.00 25.57
CA LEU G 10 13.36 -11.09 25.41
C LEU G 10 14.80 -10.61 25.65
N PRO G 11 15.58 -11.37 26.45
CA PRO G 11 16.97 -11.06 26.80
C PRO G 11 17.87 -10.46 25.70
N ILE G 12 17.86 -11.09 24.53
CA ILE G 12 18.66 -10.66 23.38
C ILE G 12 18.50 -9.20 22.94
N PHE G 13 17.34 -8.60 23.22
CA PHE G 13 17.07 -7.21 22.82
C PHE G 13 17.52 -6.08 23.75
N GLN G 14 18.14 -6.42 24.87
CA GLN G 14 18.57 -5.38 25.80
C GLN G 14 19.73 -4.60 25.17
N ALA G 15 19.78 -3.30 25.44
CA ALA G 15 20.82 -2.45 24.86
C ALA G 15 22.14 -2.45 25.64
N SER G 16 22.96 -1.43 25.39
CA SER G 16 24.29 -1.27 26.02
C SER G 16 24.47 -2.05 27.32
N PRO G 23 25.34 1.70 15.16
CA PRO G 23 24.52 1.02 14.15
C PRO G 23 23.86 -0.26 14.70
N ARG G 24 22.56 -0.42 14.45
CA ARG G 24 21.81 -1.60 14.94
C ARG G 24 21.00 -2.30 13.86
N TYR G 25 21.15 -3.62 13.78
CA TYR G 25 20.41 -4.37 12.79
C TYR G 25 19.73 -5.57 13.41
N ILE G 26 18.71 -6.08 12.73
CA ILE G 26 17.97 -7.22 13.20
C ILE G 26 17.48 -8.02 12.00
N PHE G 27 17.60 -9.33 12.07
CA PHE G 27 17.17 -10.22 10.99
C PHE G 27 16.53 -11.45 11.63
N SER G 28 15.69 -12.14 10.86
CA SER G 28 15.06 -13.34 11.36
C SER G 28 15.29 -14.40 10.31
N SER G 29 14.99 -15.64 10.66
CA SER G 29 15.23 -16.76 9.76
C SER G 29 14.25 -17.87 10.07
N GLN G 30 14.14 -18.85 9.18
CA GLN G 30 13.25 -20.00 9.38
C GLN G 30 11.85 -19.64 9.92
N ASN G 31 11.09 -18.93 9.10
CA ASN G 31 9.75 -18.51 9.45
C ASN G 31 9.64 -17.68 10.74
N GLY G 32 10.53 -16.70 10.90
CA GLY G 32 10.51 -15.84 12.07
C GLY G 32 10.85 -16.56 13.36
N THR G 33 11.45 -17.73 13.23
CA THR G 33 11.82 -18.55 14.36
C THR G 33 13.22 -18.23 14.97
N ARG G 34 14.19 -17.82 14.16
CA ARG G 34 15.54 -17.49 14.64
C ARG G 34 15.79 -15.99 14.48
N ILE G 35 16.33 -15.36 15.52
CA ILE G 35 16.62 -13.93 15.50
C ILE G 35 18.11 -13.62 15.56
N VAL G 36 18.55 -12.69 14.71
CA VAL G 36 19.94 -12.22 14.72
C VAL G 36 19.86 -10.74 15.04
N PHE G 37 20.72 -10.28 15.94
CA PHE G 37 20.73 -8.91 16.39
C PHE G 37 22.16 -8.40 16.41
N ILE G 38 22.44 -7.29 15.70
CA ILE G 38 23.77 -6.71 15.70
C ILE G 38 23.79 -5.37 16.46
N GLN G 39 24.76 -5.24 17.37
CA GLN G 39 24.89 -4.05 18.18
C GLN G 39 26.28 -3.99 18.84
N ASP G 40 26.95 -2.84 18.70
CA ASP G 40 28.29 -2.65 19.25
C ASP G 40 29.29 -3.64 18.70
N ASN G 41 29.19 -3.94 17.41
CA ASN G 41 30.07 -4.89 16.76
C ASN G 41 30.02 -6.27 17.38
N ILE G 42 28.84 -6.65 17.85
CA ILE G 42 28.65 -7.99 18.42
C ILE G 42 27.40 -8.60 17.78
N ILE G 43 27.50 -9.88 17.42
CA ILE G 43 26.37 -10.60 16.83
C ILE G 43 25.67 -11.39 17.91
N ARG G 44 24.36 -11.17 18.03
CA ARG G 44 23.56 -11.91 18.99
C ARG G 44 22.61 -12.78 18.18
N TRP G 45 22.51 -14.06 18.52
CA TRP G 45 21.61 -14.95 17.80
C TRP G 45 20.86 -15.79 18.81
N TYR G 46 19.57 -15.97 18.56
CA TYR G 46 18.74 -16.73 19.48
C TYR G 46 17.67 -17.49 18.73
N ASN G 47 17.60 -18.81 18.94
CA ASN G 47 16.57 -19.58 18.29
C ASN G 47 15.39 -19.69 19.26
N VAL G 48 14.31 -19.02 18.91
CA VAL G 48 13.09 -18.98 19.70
C VAL G 48 12.52 -20.33 20.20
N LEU G 49 12.73 -21.41 19.45
CA LEU G 49 12.19 -22.70 19.87
C LEU G 49 13.23 -23.65 20.47
N THR G 50 14.51 -23.34 20.26
CA THR G 50 15.62 -24.19 20.67
C THR G 50 16.48 -23.79 21.86
N ASP G 51 16.74 -22.49 22.01
CA ASP G 51 17.61 -22.02 23.09
C ASP G 51 16.84 -21.52 24.30
N SER G 52 17.57 -21.29 25.39
CA SER G 52 16.98 -20.75 26.60
C SER G 52 17.71 -19.43 26.81
N LEU G 53 18.89 -19.33 26.20
CA LEU G 53 19.70 -18.12 26.29
C LEU G 53 20.18 -17.76 24.89
N TYR G 54 20.54 -16.50 24.69
CA TYR G 54 21.05 -16.08 23.39
C TYR G 54 22.58 -16.19 23.46
N HIS G 55 23.24 -16.05 22.33
CA HIS G 55 24.69 -16.16 22.32
C HIS G 55 25.30 -14.97 21.60
N SER G 56 26.61 -14.77 21.79
CA SER G 56 27.29 -13.65 21.17
C SER G 56 28.64 -13.97 20.58
N LEU G 57 29.05 -13.12 19.65
CA LEU G 57 30.34 -13.23 19.00
C LEU G 57 30.77 -11.83 18.66
N ASN G 58 31.61 -11.25 19.51
CA ASN G 58 32.10 -9.89 19.29
C ASN G 58 33.09 -9.93 18.13
N PHE G 59 32.86 -9.11 17.11
CA PHE G 59 33.76 -9.11 15.96
C PHE G 59 34.54 -7.81 15.77
N SER G 60 34.59 -6.97 16.81
CA SER G 60 35.31 -5.69 16.77
C SER G 60 36.73 -5.91 16.30
N ARG G 61 37.30 -7.02 16.74
CA ARG G 61 38.66 -7.40 16.39
C ARG G 61 38.85 -7.54 14.89
N HIS G 62 37.75 -7.80 14.17
CA HIS G 62 37.81 -7.95 12.72
C HIS G 62 37.19 -6.80 11.97
N LEU G 63 36.23 -6.12 12.59
CA LEU G 63 35.55 -5.00 11.94
C LEU G 63 34.78 -4.16 12.94
N VAL G 64 34.97 -2.86 12.87
CA VAL G 64 34.24 -1.92 13.71
C VAL G 64 33.35 -1.23 12.69
N LEU G 65 32.05 -1.25 12.91
CA LEU G 65 31.13 -0.64 11.95
C LEU G 65 30.96 0.86 12.17
N ASP G 66 30.54 1.56 11.13
CA ASP G 66 30.25 3.00 11.21
C ASP G 66 28.92 3.12 10.48
N ASP G 67 28.16 4.19 10.71
CA ASP G 67 26.85 4.34 10.08
C ASP G 67 26.81 4.28 8.56
N THR G 68 27.97 4.20 7.92
CA THR G 68 28.05 4.14 6.46
C THR G 68 27.87 2.72 5.92
N PHE G 69 28.10 1.73 6.77
CA PHE G 69 27.99 0.33 6.37
C PHE G 69 26.54 -0.10 6.21
N HIS G 70 26.33 -1.08 5.33
CA HIS G 70 25.01 -1.68 5.12
C HIS G 70 25.26 -3.14 5.51
N VAL G 71 24.28 -3.80 6.09
CA VAL G 71 24.46 -5.22 6.41
C VAL G 71 23.19 -5.97 5.99
N ILE G 72 23.37 -7.08 5.31
CA ILE G 72 22.24 -7.88 4.87
C ILE G 72 22.45 -9.31 5.32
N SER G 73 21.36 -10.06 5.38
CA SER G 73 21.40 -11.45 5.80
C SER G 73 20.94 -12.39 4.69
N SER G 74 21.48 -13.59 4.66
CA SER G 74 21.04 -14.53 3.65
C SER G 74 19.69 -14.99 4.17
N THR G 75 18.78 -15.35 3.27
CA THR G 75 17.45 -15.80 3.69
C THR G 75 17.54 -17.00 4.63
N SER G 76 18.49 -17.89 4.38
CA SER G 76 18.67 -19.06 5.23
C SER G 76 19.03 -18.61 6.65
N GLY G 77 19.56 -17.39 6.77
CA GLY G 77 19.94 -16.89 8.07
C GLY G 77 21.29 -17.39 8.56
N ASP G 78 22.04 -18.05 7.68
CA ASP G 78 23.34 -18.56 8.08
C ASP G 78 24.49 -17.59 7.85
N LEU G 79 24.29 -16.62 6.96
CA LEU G 79 25.33 -15.66 6.66
C LEU G 79 24.90 -14.19 6.72
N LEU G 80 25.86 -13.34 7.10
CA LEU G 80 25.66 -11.90 7.15
C LEU G 80 26.71 -11.31 6.21
N CYS G 81 26.34 -10.22 5.56
CA CYS G 81 27.25 -9.53 4.65
C CYS G 81 27.27 -8.07 5.05
N LEU G 82 28.40 -7.60 5.54
CA LEU G 82 28.54 -6.21 5.97
C LEU G 82 29.44 -5.51 4.97
N PHE G 83 28.99 -4.39 4.44
CA PHE G 83 29.76 -3.68 3.43
C PHE G 83 29.54 -2.17 3.35
N ASN G 84 30.49 -1.51 2.71
CA ASN G 84 30.42 -0.08 2.48
C ASN G 84 30.80 0.16 1.03
N ASP G 85 31.20 1.38 0.69
CA ASP G 85 31.54 1.66 -0.70
C ASP G 85 32.91 1.11 -1.07
N ASN G 86 33.63 0.59 -0.08
CA ASN G 86 34.96 0.11 -0.35
C ASN G 86 35.24 -1.35 -0.11
N GLU G 87 34.63 -1.92 0.92
CA GLU G 87 34.89 -3.33 1.23
C GLU G 87 33.67 -4.13 1.60
N ILE G 88 33.83 -5.46 1.55
CA ILE G 88 32.77 -6.42 1.85
C ILE G 88 33.24 -7.50 2.83
N PHE G 89 32.43 -7.78 3.85
CA PHE G 89 32.76 -8.82 4.80
C PHE G 89 31.61 -9.82 4.82
N VAL G 90 31.93 -11.09 5.00
CA VAL G 90 30.89 -12.10 5.08
C VAL G 90 31.16 -12.96 6.32
N GLU G 92 29.70 -15.83 9.31
CA GLU G 92 28.82 -16.95 9.55
C GLU G 92 28.23 -16.87 10.95
N VAL G 93 26.90 -16.78 11.04
CA VAL G 93 26.23 -16.74 12.35
C VAL G 93 26.50 -18.11 12.97
N PRO G 94 27.15 -18.14 14.15
CA PRO G 94 27.51 -19.37 14.88
C PRO G 94 26.35 -20.23 15.43
N TRP G 95 25.33 -20.48 14.61
CA TRP G 95 24.22 -21.28 15.07
C TRP G 95 24.76 -22.64 15.49
N GLY G 96 24.41 -23.08 16.69
CA GLY G 96 24.90 -24.37 17.12
C GLY G 96 26.05 -24.29 18.09
N TYR G 97 26.82 -23.22 18.00
CA TYR G 97 27.93 -23.03 18.92
C TYR G 97 27.32 -22.32 20.11
N SER G 98 27.93 -22.46 21.27
CA SER G 98 27.42 -21.82 22.48
C SER G 98 28.50 -20.98 23.14
N ASN G 99 29.68 -21.57 23.25
CA ASN G 99 30.79 -20.87 23.89
C ASN G 99 31.89 -20.60 22.87
N VAL G 100 31.75 -19.49 22.16
CA VAL G 100 32.73 -19.11 21.16
C VAL G 100 33.86 -18.28 21.78
N GLU G 101 34.82 -18.97 22.39
CA GLU G 101 35.95 -18.30 23.03
C GLU G 101 37.22 -18.36 22.19
N ASP G 102 37.64 -19.57 21.85
CA ASP G 102 38.83 -19.78 21.03
C ASP G 102 39.00 -18.70 19.98
N VAL G 103 40.08 -17.93 20.08
CA VAL G 103 40.33 -16.88 19.11
C VAL G 103 40.42 -17.53 17.72
N SER G 104 40.87 -18.79 17.69
CA SER G 104 41.00 -19.54 16.44
C SER G 104 39.63 -19.95 15.89
N ILE G 105 38.71 -20.28 16.79
CA ILE G 105 37.35 -20.67 16.41
C ILE G 105 36.52 -19.47 15.97
N GLN G 106 36.79 -18.30 16.55
CA GLN G 106 36.05 -17.09 16.21
C GLN G 106 36.46 -16.55 14.86
N ASP G 107 37.69 -16.82 14.48
CA ASP G 107 38.19 -16.34 13.19
C ASP G 107 37.63 -17.24 12.11
N ALA G 108 37.19 -18.42 12.53
CA ALA G 108 36.60 -19.39 11.61
C ALA G 108 35.32 -18.80 11.02
N PHE G 109 34.68 -17.93 11.78
CA PHE G 109 33.44 -17.31 11.35
C PHE G 109 33.62 -16.16 10.37
N GLN G 110 34.87 -15.81 10.09
CA GLN G 110 35.14 -14.74 9.13
C GLN G 110 35.36 -15.54 7.86
N ILE G 111 34.35 -15.54 7.02
CA ILE G 111 34.37 -16.34 5.80
C ILE G 111 34.91 -15.71 4.53
N PHE G 112 34.74 -14.41 4.34
CA PHE G 112 35.19 -13.78 3.11
C PHE G 112 35.39 -12.28 3.25
N HIS G 113 36.37 -11.75 2.53
CA HIS G 113 36.65 -10.32 2.57
C HIS G 113 37.05 -9.81 1.20
N TYR G 114 36.70 -8.56 0.91
CA TYR G 114 37.03 -7.99 -0.39
C TYR G 114 37.08 -6.49 -0.29
N SER G 115 38.07 -5.90 -0.94
CA SER G 115 38.23 -4.44 -0.98
C SER G 115 38.48 -4.10 -2.45
N ILE G 116 37.98 -2.96 -2.91
CA ILE G 116 38.17 -2.57 -4.28
C ILE G 116 39.64 -2.23 -4.53
N ASP G 117 40.35 -1.94 -3.45
CA ASP G 117 41.77 -1.62 -3.53
C ASP G 117 42.57 -2.87 -3.87
N GLU G 118 41.90 -4.02 -3.87
CA GLU G 118 42.54 -5.29 -4.19
C GLU G 118 42.81 -5.41 -5.69
N GLU G 119 42.33 -4.44 -6.46
CA GLU G 119 42.54 -4.47 -7.89
C GLU G 119 43.46 -3.36 -8.40
N GLU G 120 44.40 -3.76 -9.24
CA GLU G 120 45.40 -2.89 -9.87
C GLU G 120 45.04 -1.41 -9.85
N PRO G 123 42.04 4.00 -10.86
CA PRO G 123 40.65 3.99 -11.30
C PRO G 123 39.86 2.79 -10.74
N LYS G 124 39.44 2.89 -9.48
CA LYS G 124 38.70 1.82 -8.83
C LYS G 124 37.27 2.24 -8.52
N SER G 125 36.31 1.53 -9.12
CA SER G 125 34.90 1.83 -8.92
C SER G 125 34.41 1.33 -7.58
N SER G 126 33.67 2.16 -6.87
CA SER G 126 33.19 1.79 -5.56
C SER G 126 31.90 0.98 -5.58
N ILE G 127 31.66 0.26 -4.49
CA ILE G 127 30.49 -0.58 -4.32
C ILE G 127 29.24 0.24 -4.07
N LYS G 128 28.18 -0.10 -4.80
CA LYS G 128 26.90 0.59 -4.66
C LYS G 128 25.88 -0.30 -3.95
N LYS G 129 25.86 -1.59 -4.29
CA LYS G 129 24.92 -2.53 -3.69
C LYS G 129 25.41 -3.95 -3.73
N VAL G 130 25.02 -4.73 -2.71
CA VAL G 130 25.41 -6.14 -2.63
C VAL G 130 24.20 -7.00 -2.31
N LEU G 131 24.12 -8.17 -2.93
CA LEU G 131 23.01 -9.11 -2.71
C LEU G 131 23.52 -10.53 -2.69
N PHE G 132 22.92 -11.37 -1.87
CA PHE G 132 23.31 -12.78 -1.86
C PHE G 132 22.57 -13.35 -3.07
N HIS G 133 23.13 -14.37 -3.72
CA HIS G 133 22.42 -14.98 -4.83
C HIS G 133 21.41 -15.89 -4.11
N PRO G 134 20.11 -15.70 -4.40
CA PRO G 134 19.05 -16.48 -3.79
C PRO G 134 19.18 -17.98 -3.94
N LYS G 135 19.85 -18.43 -4.98
CA LYS G 135 19.94 -19.85 -5.17
C LYS G 135 21.31 -20.45 -5.26
N SER G 136 22.20 -19.98 -4.41
CA SER G 136 23.54 -20.54 -4.37
C SER G 136 23.61 -21.56 -3.21
N TYR G 137 24.23 -22.70 -3.47
CA TYR G 137 24.37 -23.74 -2.46
C TYR G 137 25.18 -23.15 -1.30
N ARG G 138 24.70 -23.35 -0.08
CA ARG G 138 25.36 -22.81 1.10
C ARG G 138 25.54 -21.29 1.05
N ASP G 139 24.67 -20.59 0.34
CA ASP G 139 24.73 -19.13 0.24
C ASP G 139 26.11 -18.61 -0.15
N SER G 140 26.86 -19.42 -0.90
CA SER G 140 28.22 -19.09 -1.30
C SER G 140 28.44 -18.04 -2.39
N CYS G 141 27.41 -17.34 -2.81
CA CYS G 141 27.59 -16.39 -3.90
C CYS G 141 27.03 -15.00 -3.62
N ILE G 142 27.87 -13.97 -3.71
CA ILE G 142 27.39 -12.62 -3.51
C ILE G 142 27.47 -11.84 -4.82
N VAL G 143 26.45 -11.04 -5.09
CA VAL G 143 26.40 -10.26 -6.31
C VAL G 143 26.73 -8.84 -5.95
N VAL G 144 27.70 -8.25 -6.63
CA VAL G 144 28.11 -6.89 -6.34
C VAL G 144 27.96 -5.91 -7.49
N LEU G 145 27.18 -4.85 -7.27
CA LEU G 145 26.97 -3.80 -8.28
C LEU G 145 27.85 -2.61 -7.90
N LYS G 146 28.66 -2.13 -8.84
CA LYS G 146 29.53 -0.98 -8.57
C LYS G 146 29.06 0.27 -9.31
N GLU G 147 29.60 1.44 -8.97
CA GLU G 147 29.25 2.70 -9.65
C GLU G 147 29.45 2.49 -11.14
N ASP G 148 30.32 1.53 -11.43
CA ASP G 148 30.70 1.07 -12.76
C ASP G 148 29.50 0.70 -13.62
N ASP G 149 28.47 0.17 -12.96
CA ASP G 149 27.25 -0.35 -13.57
C ASP G 149 27.67 -1.78 -13.89
N THR G 150 28.82 -2.13 -13.34
CA THR G 150 29.40 -3.44 -13.51
C THR G 150 28.79 -4.34 -12.42
N ILE G 151 28.48 -5.58 -12.74
CA ILE G 151 27.89 -6.50 -11.77
C ILE G 151 28.81 -7.70 -11.63
N THR G 152 29.28 -7.96 -10.40
CA THR G 152 30.21 -9.06 -10.15
C THR G 152 29.74 -10.13 -9.19
N PHE G 154 31.01 -13.11 -6.68
CA PHE G 154 32.14 -13.66 -5.94
C PHE G 154 31.72 -14.98 -5.30
N ASP G 155 32.61 -15.96 -5.34
CA ASP G 155 32.32 -17.23 -4.71
C ASP G 155 32.97 -17.18 -3.33
N ILE G 156 32.15 -16.88 -2.33
CA ILE G 156 32.58 -16.79 -0.95
C ILE G 156 33.41 -17.98 -0.43
N LEU G 157 33.14 -19.17 -0.93
CA LEU G 157 33.83 -20.36 -0.46
C LEU G 157 34.89 -20.96 -1.37
N ASN G 158 35.42 -20.21 -2.33
CA ASN G 158 36.40 -20.83 -3.21
C ASN G 158 37.32 -19.83 -3.91
N SER G 159 38.58 -19.77 -3.48
CA SER G 159 39.56 -18.87 -4.06
C SER G 159 40.06 -19.37 -5.42
N GLN G 160 39.76 -20.63 -5.71
CA GLN G 160 40.16 -21.24 -6.98
C GLN G 160 39.08 -20.87 -8.00
N GLU G 161 38.41 -19.74 -7.75
CA GLU G 161 37.35 -19.22 -8.60
C GLU G 161 37.59 -17.72 -8.81
N LYS G 162 37.93 -17.33 -10.02
CA LYS G 162 38.16 -15.91 -10.29
C LYS G 162 36.78 -15.27 -10.44
N PRO G 163 36.53 -14.19 -9.69
CA PRO G 163 35.23 -13.52 -9.77
C PRO G 163 34.75 -13.33 -11.20
N ILE G 164 33.44 -13.37 -11.40
CA ILE G 164 32.89 -13.18 -12.73
C ILE G 164 32.34 -11.78 -12.84
N VAL G 165 32.70 -11.09 -13.91
CA VAL G 165 32.24 -9.73 -14.10
C VAL G 165 31.35 -9.63 -15.31
N LEU G 166 30.11 -9.22 -15.08
CA LEU G 166 29.14 -9.07 -16.15
C LEU G 166 28.87 -7.60 -16.35
N ASN G 167 28.34 -7.26 -17.52
CA ASN G 167 28.06 -5.89 -17.94
C ASN G 167 29.34 -5.04 -17.89
N LYS G 168 30.43 -5.58 -18.45
CA LYS G 168 31.72 -4.89 -18.49
C LYS G 168 31.62 -3.64 -19.34
N PRO G 169 32.47 -2.65 -19.06
CA PRO G 169 32.42 -1.42 -19.87
C PRO G 169 32.81 -1.68 -21.32
N ASN G 170 32.28 -0.85 -22.22
CA ASN G 170 32.56 -0.98 -23.65
C ASN G 170 33.40 0.16 -24.20
N ASN G 171 33.94 -0.06 -25.39
CA ASN G 171 34.73 0.94 -26.09
C ASN G 171 33.86 1.38 -27.25
N SER G 172 32.61 1.69 -26.92
CA SER G 172 31.65 2.12 -27.92
C SER G 172 31.31 3.58 -27.69
N PHE G 173 30.71 4.18 -28.70
CA PHE G 173 30.25 5.56 -28.67
C PHE G 173 28.79 5.42 -29.06
N GLY G 174 28.01 6.48 -28.85
CA GLY G 174 26.61 6.39 -29.21
C GLY G 174 25.78 5.80 -28.08
N LEU G 175 24.49 5.64 -28.35
CA LEU G 175 23.55 5.12 -27.35
C LEU G 175 23.47 3.59 -27.16
N ASP G 176 23.27 3.21 -25.90
CA ASP G 176 23.09 1.83 -25.45
C ASP G 176 24.12 0.75 -25.81
N ALA G 177 25.40 1.00 -25.52
CA ALA G 177 26.39 -0.02 -25.79
C ALA G 177 26.05 -1.23 -24.91
N ARG G 178 25.85 -0.96 -23.61
CA ARG G 178 25.50 -1.95 -22.58
C ARG G 178 24.61 -1.20 -21.59
N VAL G 179 24.17 -1.88 -20.52
CA VAL G 179 23.31 -1.21 -19.55
C VAL G 179 24.05 -0.26 -18.63
N ASN G 180 23.67 1.02 -18.68
CA ASN G 180 24.28 2.05 -17.85
C ASN G 180 23.30 2.69 -16.87
N ASP G 181 23.82 3.31 -15.83
CA ASP G 181 23.00 3.98 -14.81
C ASP G 181 22.04 3.07 -14.05
N ILE G 182 22.54 1.97 -13.51
CA ILE G 182 21.70 1.05 -12.76
C ILE G 182 21.47 1.62 -11.37
N THR G 183 20.22 1.74 -10.95
CA THR G 183 19.89 2.27 -9.62
C THR G 183 19.57 1.17 -8.66
N ASP G 184 19.04 0.06 -9.18
CA ASP G 184 18.66 -1.04 -8.32
C ASP G 184 18.75 -2.40 -9.03
N LEU G 185 18.78 -3.44 -8.22
CA LEU G 185 18.90 -4.81 -8.65
C LEU G 185 17.92 -5.63 -7.83
N GLU G 186 17.39 -6.68 -8.44
CA GLU G 186 16.43 -7.52 -7.75
C GLU G 186 16.33 -8.85 -8.47
N PHE G 187 16.36 -9.93 -7.71
CA PHE G 187 16.25 -11.25 -8.30
C PHE G 187 14.79 -11.64 -8.50
N SER G 188 14.52 -12.31 -9.60
CA SER G 188 13.19 -12.80 -9.87
C SER G 188 13.00 -13.97 -8.89
N LYS G 189 11.75 -14.29 -8.55
CA LYS G 189 11.50 -15.39 -7.64
C LYS G 189 11.72 -16.73 -8.32
N ASP G 190 12.12 -16.69 -9.59
CA ASP G 190 12.41 -17.92 -10.33
C ASP G 190 13.79 -18.39 -9.88
N GLY G 191 14.59 -17.43 -9.41
CA GLY G 191 15.93 -17.71 -8.94
C GLY G 191 17.03 -17.71 -9.99
N LEU G 192 16.66 -17.79 -11.26
CA LEU G 192 17.61 -17.80 -12.35
C LEU G 192 17.72 -16.45 -13.09
N THR G 193 16.88 -15.48 -12.72
CA THR G 193 16.87 -14.18 -13.43
C THR G 193 17.19 -12.98 -12.55
N LEU G 194 17.99 -12.06 -13.08
CA LEU G 194 18.35 -10.85 -12.34
C LEU G 194 17.83 -9.62 -13.08
N TYR G 195 16.88 -8.92 -12.47
CA TYR G 195 16.28 -7.73 -13.07
C TYR G 195 17.09 -6.51 -12.65
N CYS G 196 17.30 -5.60 -13.60
CA CYS G 196 18.07 -4.38 -13.35
C CYS G 196 17.23 -3.19 -13.72
N LEU G 197 17.18 -2.22 -12.83
CA LEU G 197 16.43 -1.00 -13.08
C LEU G 197 17.46 0.10 -13.37
N ASN G 198 17.49 0.62 -14.60
CA ASN G 198 18.44 1.67 -14.95
C ASN G 198 17.75 3.02 -15.15
N THR G 199 18.54 4.07 -15.22
CA THR G 199 18.02 5.42 -15.34
C THR G 199 18.30 6.19 -16.61
N THR G 200 19.24 5.70 -17.42
CA THR G 200 19.62 6.37 -18.66
C THR G 200 18.48 7.15 -19.34
N GLU G 201 17.29 6.57 -19.41
CA GLU G 201 16.16 7.24 -20.05
C GLU G 201 14.93 7.35 -19.18
N GLY G 202 15.10 7.78 -17.93
CA GLY G 202 13.97 7.94 -17.04
C GLY G 202 13.60 6.67 -16.28
N GLY G 203 14.09 5.53 -16.76
CA GLY G 203 13.80 4.28 -16.08
C GLY G 203 13.40 3.16 -17.01
N ASP G 204 14.13 2.05 -16.95
CA ASP G 204 13.84 0.89 -17.78
C ASP G 204 14.26 -0.37 -17.04
N ILE G 205 13.82 -1.52 -17.54
CA ILE G 205 14.16 -2.78 -16.91
C ILE G 205 14.94 -3.69 -17.86
N PHE G 206 16.04 -4.23 -17.38
CA PHE G 206 16.85 -5.14 -18.19
C PHE G 206 16.91 -6.41 -17.39
N ALA G 207 17.47 -7.46 -17.97
CA ALA G 207 17.54 -8.70 -17.24
C ALA G 207 18.62 -9.64 -17.71
N PHE G 208 19.22 -10.34 -16.75
CA PHE G 208 20.23 -11.34 -17.01
C PHE G 208 19.55 -12.69 -16.83
N TYR G 209 19.46 -13.46 -17.90
CA TYR G 209 18.82 -14.77 -17.85
C TYR G 209 19.65 -15.71 -18.73
N PRO G 210 20.36 -16.69 -18.13
CA PRO G 210 20.43 -16.97 -16.68
C PRO G 210 21.49 -16.17 -15.92
N PHE G 211 21.29 -16.00 -14.61
CA PHE G 211 22.28 -15.33 -13.78
C PHE G 211 22.60 -16.37 -12.72
N LEU G 212 23.51 -17.27 -13.03
CA LEU G 212 23.82 -18.38 -12.14
C LEU G 212 25.06 -18.32 -11.29
N PRO G 213 25.00 -18.93 -10.10
CA PRO G 213 26.14 -18.96 -9.17
C PRO G 213 27.02 -20.14 -9.64
N SER G 214 28.08 -20.47 -8.90
CA SER G 214 28.95 -21.57 -9.33
C SER G 214 28.35 -22.93 -8.95
N VAL G 215 27.49 -22.93 -7.94
CA VAL G 215 26.81 -24.15 -7.50
C VAL G 215 25.37 -23.76 -7.20
N LEU G 216 24.49 -24.10 -8.14
CA LEU G 216 23.08 -23.76 -8.06
C LEU G 216 22.22 -24.61 -7.13
N LEU G 217 21.45 -23.94 -6.29
CA LEU G 217 20.51 -24.61 -5.38
C LEU G 217 19.27 -24.82 -6.22
N LEU G 218 18.85 -26.07 -6.36
CA LEU G 218 17.68 -26.36 -7.18
C LEU G 218 17.01 -27.64 -6.68
N ASN G 219 15.76 -27.53 -6.22
CA ASN G 219 15.06 -28.72 -5.77
C ASN G 219 14.44 -29.43 -6.97
N GLU G 220 13.95 -30.65 -6.74
CA GLU G 220 13.39 -31.44 -7.82
C GLU G 220 12.22 -30.78 -8.55
N LYS G 221 11.35 -30.12 -7.78
CA LYS G 221 10.16 -29.44 -8.32
C LYS G 221 10.59 -28.37 -9.30
N ASP G 222 11.50 -27.51 -8.85
CA ASP G 222 12.03 -26.42 -9.67
C ASP G 222 12.86 -26.90 -10.85
N LEU G 223 13.62 -27.98 -10.68
CA LEU G 223 14.42 -28.51 -11.77
C LEU G 223 13.51 -28.96 -12.92
N ASN G 224 12.40 -29.60 -12.58
CA ASN G 224 11.47 -30.06 -13.61
C ASN G 224 10.66 -28.92 -14.21
N LEU G 225 10.46 -27.85 -13.44
CA LEU G 225 9.72 -26.73 -13.97
C LEU G 225 10.49 -26.06 -15.11
N ILE G 226 11.79 -25.79 -14.93
CA ILE G 226 12.50 -25.15 -16.04
C ILE G 226 12.82 -26.11 -17.18
N LEU G 227 12.77 -27.42 -16.91
CA LEU G 227 13.01 -28.38 -17.96
C LEU G 227 11.77 -28.38 -18.85
N ASN G 228 10.60 -28.44 -18.21
CA ASN G 228 9.34 -28.43 -18.94
C ASN G 228 9.13 -27.13 -19.71
N LYS G 229 9.43 -25.99 -19.09
CA LYS G 229 9.26 -24.72 -19.79
C LYS G 229 10.17 -24.74 -21.01
N SER G 230 11.33 -25.33 -20.84
CA SER G 230 12.31 -25.45 -21.93
C SER G 230 11.81 -26.33 -23.07
N LEU G 231 11.11 -27.40 -22.72
CA LEU G 231 10.55 -28.28 -23.73
C LEU G 231 9.38 -27.65 -24.46
N VAL G 232 8.58 -26.85 -23.75
CA VAL G 232 7.43 -26.22 -24.37
C VAL G 232 7.87 -25.20 -25.42
N TYR G 234 10.82 -25.36 -27.08
CA TYR G 234 11.50 -26.09 -28.13
C TYR G 234 10.48 -26.55 -29.16
N GLU G 235 9.33 -26.98 -28.67
CA GLU G 235 8.23 -27.43 -29.51
C GLU G 235 7.61 -26.23 -30.22
N SER G 236 7.59 -25.10 -29.53
CA SER G 236 7.04 -23.86 -30.04
C SER G 236 7.82 -23.31 -31.24
N LEU G 237 8.91 -23.98 -31.61
CA LEU G 237 9.73 -23.53 -32.73
C LEU G 237 9.15 -23.94 -34.08
N ASP G 238 9.16 -23.02 -35.04
CA ASP G 238 8.63 -23.31 -36.37
C ASP G 238 9.57 -22.77 -37.42
N SER G 239 9.02 -22.03 -38.38
CA SER G 239 9.78 -21.44 -39.47
C SER G 239 9.81 -19.93 -39.29
N THR G 240 8.69 -19.37 -38.86
CA THR G 240 8.60 -17.92 -38.66
C THR G 240 9.41 -17.53 -37.44
N THR G 241 10.25 -18.45 -36.95
CA THR G 241 11.08 -18.17 -35.78
C THR G 241 12.43 -17.56 -36.21
N ASP G 242 12.79 -16.46 -35.55
CA ASP G 242 14.05 -15.77 -35.81
C ASP G 242 15.18 -16.76 -35.59
N VAL G 243 16.22 -16.68 -36.41
CA VAL G 243 17.36 -17.59 -36.28
C VAL G 243 18.11 -17.45 -34.95
N ILE G 244 18.30 -16.21 -34.52
CA ILE G 244 19.00 -15.93 -33.28
C ILE G 244 18.22 -16.52 -32.09
N VAL G 245 16.89 -16.38 -32.12
CA VAL G 245 16.01 -16.91 -31.07
C VAL G 245 16.09 -18.42 -31.05
N LYS G 246 15.94 -19.01 -32.22
CA LYS G 246 15.98 -20.46 -32.38
C LYS G 246 17.27 -21.02 -31.76
N ARG G 247 18.36 -20.29 -31.97
CA ARG G 247 19.64 -20.72 -31.43
C ARG G 247 19.59 -20.77 -29.91
N ASN G 248 19.13 -19.66 -29.30
CA ASN G 248 19.02 -19.56 -27.84
C ASN G 248 18.14 -20.65 -27.23
N VAL G 249 16.95 -20.84 -27.81
CA VAL G 249 16.02 -21.84 -27.32
C VAL G 249 16.65 -23.22 -27.35
N ILE G 250 17.38 -23.53 -28.41
CA ILE G 250 18.02 -24.84 -28.48
C ILE G 250 19.15 -24.90 -27.46
N LYS G 251 19.86 -23.79 -27.28
CA LYS G 251 20.93 -23.74 -26.29
C LYS G 251 20.34 -23.91 -24.92
N GLN G 252 19.23 -23.25 -24.67
CA GLN G 252 18.58 -23.35 -23.37
C GLN G 252 18.27 -24.80 -23.06
N LEU G 253 17.63 -25.47 -24.00
CA LEU G 253 17.25 -26.87 -23.78
C LEU G 253 18.46 -27.76 -23.58
N GLN G 254 19.55 -27.48 -24.29
CA GLN G 254 20.76 -28.29 -24.15
C GLN G 254 21.33 -28.08 -22.75
N PHE G 255 21.37 -26.82 -22.33
CA PHE G 255 21.89 -26.46 -21.02
C PHE G 255 21.06 -27.04 -19.87
N VAL G 256 19.76 -26.83 -19.89
CA VAL G 256 18.90 -27.34 -18.83
C VAL G 256 18.92 -28.86 -18.79
N SER G 257 19.18 -29.49 -19.93
CA SER G 257 19.26 -30.94 -19.99
C SER G 257 20.55 -31.41 -19.33
N LYS G 258 21.62 -30.67 -19.55
CA LYS G 258 22.90 -31.01 -18.96
C LYS G 258 22.80 -30.83 -17.45
N LEU G 259 22.02 -29.83 -17.00
CA LEU G 259 21.85 -29.60 -15.57
C LEU G 259 21.18 -30.82 -14.99
N HIS G 260 20.09 -31.23 -15.63
CA HIS G 260 19.35 -32.40 -15.19
C HIS G 260 20.24 -33.64 -15.11
N GLU G 261 21.29 -33.70 -15.92
CA GLU G 261 22.19 -34.84 -15.93
C GLU G 261 23.18 -34.84 -14.79
N ASN G 262 23.53 -33.66 -14.30
CA ASN G 262 24.50 -33.59 -13.22
C ASN G 262 23.93 -33.16 -11.89
N TRP G 263 22.61 -33.01 -11.86
CA TRP G 263 21.93 -32.60 -10.65
C TRP G 263 22.12 -33.64 -9.55
N ASN G 264 22.54 -33.18 -8.38
CA ASN G 264 22.73 -34.06 -7.22
C ASN G 264 21.43 -34.00 -6.41
N SER G 265 20.60 -35.05 -6.50
CA SER G 265 19.33 -35.03 -5.80
C SER G 265 19.40 -34.96 -4.29
N ARG G 266 20.39 -35.64 -3.70
CA ARG G 266 20.51 -35.64 -2.25
C ARG G 266 20.91 -34.30 -1.63
N PHE G 267 21.48 -33.41 -2.42
CA PHE G 267 21.84 -32.10 -1.91
C PHE G 267 21.01 -31.05 -2.60
N GLY G 268 20.30 -31.45 -3.65
CA GLY G 268 19.47 -30.53 -4.40
C GLY G 268 20.29 -29.38 -4.95
N LYS G 269 21.45 -29.72 -5.51
CA LYS G 269 22.33 -28.72 -6.07
C LYS G 269 22.94 -29.25 -7.36
N VAL G 270 23.60 -28.38 -8.10
CA VAL G 270 24.26 -28.75 -9.34
C VAL G 270 25.37 -27.76 -9.64
N ASP G 271 26.51 -28.26 -10.12
CA ASP G 271 27.63 -27.38 -10.42
C ASP G 271 27.44 -26.70 -11.76
N ILE G 272 27.90 -25.46 -11.87
CA ILE G 272 27.77 -24.73 -13.11
C ILE G 272 29.11 -24.15 -13.55
N GLN G 273 29.60 -24.63 -14.70
CA GLN G 273 30.88 -24.24 -15.27
C GLN G 273 30.94 -22.76 -15.66
N LYS G 274 32.08 -22.14 -15.42
CA LYS G 274 32.29 -20.72 -15.72
C LYS G 274 31.82 -20.30 -17.10
N GLU G 275 31.83 -21.22 -18.06
CA GLU G 275 31.40 -20.91 -19.42
C GLU G 275 29.93 -20.49 -19.52
N TYR G 276 29.06 -21.19 -18.79
CA TYR G 276 27.62 -20.90 -18.81
C TYR G 276 27.20 -19.72 -17.93
N ARG G 277 28.16 -19.11 -17.24
CA ARG G 277 27.84 -18.01 -16.35
C ARG G 277 28.04 -16.63 -16.96
N LEU G 278 28.67 -16.56 -18.13
CA LEU G 278 28.89 -15.27 -18.79
C LEU G 278 27.69 -15.04 -19.69
N ALA G 279 26.80 -14.16 -19.27
CA ALA G 279 25.60 -13.88 -20.06
C ALA G 279 25.43 -12.39 -20.31
N LYS G 280 24.95 -12.05 -21.50
CA LYS G 280 24.73 -10.65 -21.83
C LYS G 280 23.31 -10.21 -21.55
N VAL G 281 23.18 -9.00 -21.02
CA VAL G 281 21.89 -8.43 -20.67
C VAL G 281 20.88 -8.41 -21.78
N GLN G 282 19.64 -8.64 -21.38
CA GLN G 282 18.50 -8.62 -22.30
C GLN G 282 17.74 -7.34 -21.94
N GLY G 283 17.02 -6.79 -22.91
CA GLY G 283 16.28 -5.56 -22.64
C GLY G 283 16.52 -4.45 -23.65
N PRO G 284 15.86 -3.30 -23.49
CA PRO G 284 14.91 -3.05 -22.39
C PRO G 284 13.60 -3.81 -22.53
N PHE G 285 13.00 -4.10 -21.39
CA PHE G 285 11.73 -4.77 -21.39
C PHE G 285 10.70 -3.74 -21.83
N THR G 286 9.64 -4.25 -22.43
CA THR G 286 8.53 -3.43 -22.85
C THR G 286 7.60 -3.32 -21.64
N ILE G 287 7.20 -2.12 -21.26
CA ILE G 287 6.27 -1.98 -20.14
C ILE G 287 4.97 -1.46 -20.74
N ASN G 288 4.04 -2.37 -21.00
CA ASN G 288 2.75 -2.03 -21.60
C ASN G 288 1.54 -2.21 -20.68
N PRO G 289 0.71 -1.16 -20.54
CA PRO G 289 0.81 0.16 -21.17
C PRO G 289 1.47 1.14 -20.21
N PHE G 290 2.56 1.77 -20.65
CA PHE G 290 3.26 2.71 -19.79
C PHE G 290 2.51 4.03 -19.53
N PRO G 291 2.35 4.40 -18.25
CA PRO G 291 1.65 5.62 -17.83
C PRO G 291 2.33 6.87 -18.37
N GLY G 292 1.58 7.70 -19.09
CA GLY G 292 2.15 8.91 -19.65
C GLY G 292 2.80 9.86 -18.67
N GLU G 293 2.19 10.08 -17.51
CA GLU G 293 2.75 10.99 -16.52
C GLU G 293 4.21 10.69 -16.21
N LEU G 294 4.48 9.41 -15.96
CA LEU G 294 5.80 8.92 -15.59
C LEU G 294 6.96 9.26 -16.51
N TYR G 295 6.67 9.71 -17.73
CA TYR G 295 7.74 10.07 -18.65
C TYR G 295 8.47 11.28 -18.09
N ASP G 296 7.82 11.98 -17.17
CA ASP G 296 8.41 13.17 -16.55
C ASP G 296 9.12 12.87 -15.25
N TYR G 297 9.23 11.60 -14.91
CA TYR G 297 9.91 11.22 -13.67
C TYR G 297 10.94 10.12 -13.88
N THR G 298 11.56 9.69 -12.79
CA THR G 298 12.57 8.65 -12.86
C THR G 298 12.29 7.46 -11.94
N ALA G 299 12.62 6.27 -12.43
CA ALA G 299 12.42 5.05 -11.67
C ALA G 299 13.45 5.03 -10.52
N THR G 300 12.99 4.63 -9.34
CA THR G 300 13.84 4.61 -8.15
C THR G 300 14.28 3.23 -7.66
N ASN G 301 13.31 2.36 -7.43
CA ASN G 301 13.60 1.01 -6.94
C ASN G 301 12.80 -0.06 -7.66
N ILE G 302 13.23 -1.30 -7.50
CA ILE G 302 12.55 -2.42 -8.10
C ILE G 302 12.51 -3.54 -7.06
N ALA G 303 11.37 -4.18 -6.98
CA ALA G 303 11.20 -5.27 -6.02
C ALA G 303 10.43 -6.39 -6.69
N THR G 304 10.59 -7.59 -6.15
CA THR G 304 9.91 -8.74 -6.67
C THR G 304 9.06 -9.33 -5.55
N ILE G 305 7.77 -9.53 -5.83
CA ILE G 305 6.87 -10.07 -4.82
C ILE G 305 6.24 -11.35 -5.29
N LEU G 306 6.35 -12.37 -4.43
CA LEU G 306 5.80 -13.68 -4.72
C LEU G 306 4.27 -13.69 -4.53
N ILE G 307 3.57 -14.27 -5.51
CA ILE G 307 2.12 -14.36 -5.52
C ILE G 307 1.57 -15.71 -5.04
N ASP G 308 2.28 -16.79 -5.34
CA ASP G 308 1.86 -18.11 -4.91
C ASP G 308 3.07 -18.98 -4.61
N ASN G 309 2.94 -20.29 -4.76
CA ASN G 309 4.04 -21.21 -4.50
C ASN G 309 4.60 -21.85 -5.77
N GLY G 310 4.38 -21.20 -6.90
CA GLY G 310 4.85 -21.73 -8.17
C GLY G 310 5.69 -20.73 -8.93
N GLN G 311 6.46 -19.92 -8.20
CA GLN G 311 7.32 -18.90 -8.80
C GLN G 311 6.60 -17.77 -9.51
N ASN G 312 5.28 -17.65 -9.31
CA ASN G 312 4.53 -16.57 -9.94
C ASN G 312 4.77 -15.28 -9.14
N GLU G 313 5.20 -14.23 -9.82
CA GLU G 313 5.54 -12.96 -9.17
C GLU G 313 5.05 -11.68 -9.84
N ILE G 314 5.17 -10.60 -9.10
CA ILE G 314 4.82 -9.29 -9.59
C ILE G 314 6.06 -8.44 -9.46
N VAL G 315 6.38 -7.67 -10.50
CA VAL G 315 7.54 -6.80 -10.43
C VAL G 315 7.06 -5.42 -10.04
N CYS G 316 7.66 -4.84 -9.01
CA CYS G 316 7.25 -3.51 -8.57
C CYS G 316 8.36 -2.48 -8.78
N VAL G 317 7.99 -1.32 -9.33
CA VAL G 317 8.94 -0.25 -9.58
C VAL G 317 8.52 1.10 -9.00
N SER G 318 9.46 1.78 -8.35
CA SER G 318 9.26 3.10 -7.74
C SER G 318 9.55 4.21 -8.72
N PHE G 319 8.98 5.40 -8.46
CA PHE G 319 9.21 6.56 -9.31
C PHE G 319 9.25 7.86 -8.50
N ASP G 320 9.97 8.85 -9.02
CA ASP G 320 10.10 10.17 -8.40
C ASP G 320 8.80 10.73 -7.83
N ASP G 321 7.71 10.57 -8.58
CA ASP G 321 6.41 11.11 -8.16
C ASP G 321 5.76 10.36 -7.01
N GLY G 322 6.53 9.54 -6.30
CA GLY G 322 5.97 8.78 -5.20
C GLY G 322 4.93 7.80 -5.71
N SER G 323 5.13 7.35 -6.95
CA SER G 323 4.21 6.42 -7.60
C SER G 323 4.79 5.01 -7.65
N LEU G 324 3.92 4.04 -7.83
CA LEU G 324 4.32 2.64 -7.87
C LEU G 324 3.63 1.96 -9.03
N ILE G 325 4.32 1.13 -9.79
CA ILE G 325 3.65 0.43 -10.87
C ILE G 325 3.88 -1.07 -10.66
N LEU G 326 2.78 -1.81 -10.55
CA LEU G 326 2.84 -3.26 -10.35
C LEU G 326 2.76 -3.90 -11.73
N LEU G 327 3.81 -4.63 -12.11
CA LEU G 327 3.90 -5.25 -13.42
C LEU G 327 3.84 -6.76 -13.37
N PHE G 328 3.49 -7.36 -14.51
CA PHE G 328 3.37 -8.80 -14.64
C PHE G 328 4.00 -9.23 -15.96
N LYS G 329 4.91 -10.21 -15.89
CA LYS G 329 5.59 -10.72 -17.08
C LYS G 329 4.79 -11.83 -17.75
N ASP G 330 4.18 -11.49 -18.90
CA ASP G 330 3.32 -12.43 -19.66
C ASP G 330 4.02 -13.38 -20.63
N LEU G 331 5.18 -12.98 -21.14
CA LEU G 331 5.88 -13.86 -22.07
C LEU G 331 7.02 -14.62 -21.43
N GLU G 332 7.32 -15.80 -21.95
CA GLU G 332 8.38 -16.60 -21.39
C GLU G 332 9.68 -16.22 -22.07
N SER G 334 13.74 -16.49 -23.04
CA SER G 334 14.62 -17.58 -23.40
C SER G 334 15.98 -17.14 -22.87
N SER G 336 19.92 -16.36 -22.81
CA SER G 336 20.79 -15.79 -23.84
C SER G 336 22.15 -15.46 -23.25
N TRP G 337 23.21 -15.81 -23.98
CA TRP G 337 24.56 -15.56 -23.50
C TRP G 337 25.37 -14.60 -24.38
N ASP G 338 25.33 -14.80 -25.71
CA ASP G 338 26.07 -13.96 -26.65
C ASP G 338 25.34 -12.72 -27.11
N VAL G 339 24.22 -12.96 -27.80
CA VAL G 339 23.39 -11.91 -28.38
C VAL G 339 23.35 -10.54 -27.68
N ASP G 340 23.89 -9.52 -28.36
CA ASP G 340 23.88 -8.17 -27.82
C ASP G 340 22.50 -7.60 -28.06
N ASN G 341 22.05 -6.75 -27.15
CA ASN G 341 20.74 -6.13 -27.28
C ASN G 341 19.65 -7.15 -27.59
N TYR G 342 19.76 -8.32 -27.00
CA TYR G 342 18.76 -9.34 -27.22
C TYR G 342 17.50 -8.90 -26.50
N VAL G 343 16.41 -8.95 -27.23
CA VAL G 343 15.11 -8.62 -26.69
C VAL G 343 14.37 -9.81 -27.26
N TYR G 344 13.27 -10.20 -26.64
CA TYR G 344 12.50 -11.34 -27.12
C TYR G 344 11.72 -11.80 -25.94
N ASN G 345 10.42 -11.57 -26.02
CA ASN G 345 9.54 -11.93 -24.95
C ASN G 345 9.95 -11.19 -23.67
N ASN G 346 10.72 -10.11 -23.85
CA ASN G 346 11.11 -9.26 -22.72
C ASN G 346 9.91 -8.33 -22.60
N SER G 347 8.80 -8.89 -22.14
CA SER G 347 7.57 -8.15 -22.02
C SER G 347 6.94 -8.12 -20.63
N LEU G 348 6.61 -6.92 -20.18
CA LEU G 348 5.96 -6.69 -18.90
C LEU G 348 4.66 -5.94 -19.16
N VAL G 349 3.64 -6.28 -18.39
CA VAL G 349 2.33 -5.67 -18.54
C VAL G 349 1.94 -4.97 -17.25
N LEU G 350 1.35 -3.77 -17.35
CA LEU G 350 0.95 -3.00 -16.18
C LEU G 350 -0.38 -3.51 -15.64
N ILE G 351 -0.42 -3.84 -14.34
CA ILE G 351 -1.64 -4.34 -13.72
C ILE G 351 -2.30 -3.23 -12.92
N GLU G 352 -1.47 -2.44 -12.26
CA GLU G 352 -1.99 -1.34 -11.46
C GLU G 352 -0.93 -0.30 -11.14
N ARG G 353 -1.39 0.91 -10.81
CA ARG G 353 -0.50 1.98 -10.42
C ARG G 353 -0.98 2.49 -9.05
N VAL G 354 -0.04 2.72 -8.15
CA VAL G 354 -0.35 3.19 -6.82
C VAL G 354 0.39 4.50 -6.53
N LYS G 355 -0.36 5.59 -6.36
CA LYS G 355 0.27 6.87 -6.05
C LYS G 355 0.21 7.10 -4.54
N LEU G 356 1.37 7.12 -3.90
CA LEU G 356 1.43 7.30 -2.46
C LEU G 356 1.72 8.76 -2.14
N GLN G 357 2.00 9.55 -3.17
CA GLN G 357 2.26 10.97 -3.01
C GLN G 357 3.24 11.29 -1.88
N ARG G 358 4.12 10.34 -1.59
CA ARG G 358 5.14 10.52 -0.55
C ARG G 358 6.46 10.16 -1.21
N GLU G 359 7.57 10.66 -0.68
CA GLU G 359 8.87 10.34 -1.25
C GLU G 359 9.25 8.91 -0.87
N ILE G 360 9.18 7.99 -1.82
CA ILE G 360 9.52 6.60 -1.55
C ILE G 360 11.02 6.42 -1.44
N LYS G 361 11.48 6.11 -0.23
CA LYS G 361 12.90 5.92 0.02
C LYS G 361 13.37 4.48 -0.16
N SER G 362 12.45 3.51 -0.17
CA SER G 362 12.83 2.12 -0.37
C SER G 362 11.68 1.12 -0.34
N LEU G 363 11.89 -0.03 -0.96
CA LEU G 363 10.90 -1.10 -1.00
C LEU G 363 11.47 -2.32 -0.29
N ILE G 364 10.63 -3.01 0.46
CA ILE G 364 11.06 -4.18 1.21
C ILE G 364 10.01 -5.27 1.19
N THR G 365 10.45 -6.52 1.21
CA THR G 365 9.53 -7.66 1.22
C THR G 365 9.98 -8.69 2.24
N LEU G 366 9.02 -9.41 2.79
CA LEU G 366 9.33 -10.45 3.76
C LEU G 366 8.83 -11.75 3.16
N PRO G 367 9.75 -12.65 2.80
CA PRO G 367 9.45 -13.95 2.21
C PRO G 367 8.23 -14.64 2.79
N GLU G 368 8.03 -14.47 4.09
CA GLU G 368 6.90 -15.10 4.77
C GLU G 368 5.50 -14.58 4.40
N GLN G 369 5.41 -13.46 3.69
CA GLN G 369 4.11 -12.91 3.32
C GLN G 369 3.93 -12.65 1.83
N LEU G 370 3.13 -13.48 1.18
CA LEU G 370 2.88 -13.34 -0.26
C LEU G 370 2.08 -12.08 -0.57
N GLY G 371 2.21 -11.61 -1.81
CA GLY G 371 1.48 -10.44 -2.25
C GLY G 371 1.48 -9.20 -1.37
N LYS G 372 2.47 -9.05 -0.51
CA LYS G 372 2.53 -7.87 0.35
C LYS G 372 3.90 -7.20 0.17
N LEU G 373 3.88 -5.86 0.11
CA LEU G 373 5.09 -5.11 -0.07
C LEU G 373 5.15 -3.95 0.91
N TYR G 374 6.30 -3.74 1.53
CA TYR G 374 6.46 -2.64 2.47
C TYR G 374 7.13 -1.48 1.72
N VAL G 375 6.58 -0.28 1.86
CA VAL G 375 7.13 0.87 1.19
C VAL G 375 7.53 1.88 2.23
N ILE G 376 8.82 2.15 2.33
CA ILE G 376 9.30 3.11 3.29
C ILE G 376 9.37 4.50 2.68
N SER G 377 8.41 5.34 3.04
CA SER G 377 8.36 6.72 2.54
C SER G 377 9.25 7.58 3.46
N ASP G 378 8.88 8.84 3.69
CA ASP G 378 9.73 9.67 4.53
C ASP G 378 9.56 9.50 6.02
N ASN G 379 8.34 9.26 6.48
CA ASN G 379 8.12 9.08 7.91
C ASN G 379 7.13 7.98 8.17
N ILE G 380 6.75 7.29 7.10
CA ILE G 380 5.80 6.19 7.22
C ILE G 380 6.36 4.93 6.63
N ILE G 381 5.80 3.82 7.08
CA ILE G 381 6.13 2.52 6.54
C ILE G 381 4.73 2.07 6.19
N GLN G 382 4.42 2.05 4.91
CA GLN G 382 3.10 1.61 4.47
C GLN G 382 3.22 0.19 3.94
N GLN G 383 2.10 -0.50 3.85
CA GLN G 383 2.12 -1.85 3.33
C GLN G 383 1.07 -1.98 2.25
N VAL G 384 1.54 -2.20 1.02
CA VAL G 384 0.65 -2.38 -0.10
C VAL G 384 0.29 -3.86 -0.09
N ASN G 385 -1.00 -4.17 -0.07
CA ASN G 385 -1.43 -5.56 -0.05
C ASN G 385 -2.27 -5.86 -1.29
N PHE G 386 -1.69 -6.60 -2.23
CA PHE G 386 -2.44 -6.91 -3.44
C PHE G 386 -2.90 -8.35 -3.60
N SER G 388 -5.71 -9.24 -2.87
CA SER G 388 -7.13 -9.10 -3.17
C SER G 388 -7.33 -9.69 -4.55
N TRP G 389 -6.48 -9.24 -5.49
CA TRP G 389 -6.54 -9.69 -6.87
C TRP G 389 -5.49 -10.73 -7.24
N ALA G 390 -4.31 -10.61 -6.63
CA ALA G 390 -3.21 -11.53 -6.93
C ALA G 390 -3.56 -13.00 -6.70
N SER G 391 -4.32 -13.29 -5.65
CA SER G 391 -4.71 -14.67 -5.33
C SER G 391 -5.55 -15.28 -6.44
N THR G 392 -6.39 -14.46 -7.06
CA THR G 392 -7.26 -14.91 -8.14
C THR G 392 -6.42 -15.07 -9.40
N LEU G 393 -5.50 -14.13 -9.60
CA LEU G 393 -4.61 -14.11 -10.75
C LEU G 393 -3.80 -15.39 -10.85
N SER G 394 -3.29 -15.89 -9.73
CA SER G 394 -2.51 -17.11 -9.77
C SER G 394 -3.41 -18.33 -9.97
N LYS G 395 -4.65 -18.26 -9.48
CA LYS G 395 -5.57 -19.38 -9.65
C LYS G 395 -5.85 -19.57 -11.13
N SER G 396 -6.11 -18.47 -11.82
CA SER G 396 -6.41 -18.55 -13.25
C SER G 396 -5.18 -18.96 -14.04
N ILE G 397 -3.99 -18.57 -13.59
CA ILE G 397 -2.78 -18.97 -14.31
C ILE G 397 -2.61 -20.47 -14.16
N ASN G 398 -2.82 -20.96 -12.96
CA ASN G 398 -2.68 -22.38 -12.68
C ASN G 398 -3.87 -23.24 -13.12
N GLU G 399 -5.04 -22.65 -13.25
CA GLU G 399 -6.21 -23.40 -13.69
C GLU G 399 -6.60 -23.08 -15.14
N SER G 400 -5.73 -22.35 -15.83
CA SER G 400 -5.94 -21.97 -17.22
C SER G 400 -7.34 -21.46 -17.49
N ASP G 401 -7.90 -20.67 -16.58
CA ASP G 401 -9.24 -20.13 -16.76
C ASP G 401 -9.20 -18.63 -16.55
N LEU G 402 -9.44 -17.87 -17.62
CA LEU G 402 -9.41 -16.41 -17.53
C LEU G 402 -10.64 -15.75 -16.91
N ASN G 403 -11.79 -16.42 -16.97
CA ASN G 403 -13.05 -15.90 -16.45
C ASN G 403 -13.01 -15.14 -15.13
N PRO G 404 -12.48 -15.78 -14.08
CA PRO G 404 -12.40 -15.11 -12.77
C PRO G 404 -11.94 -13.65 -12.85
N LEU G 405 -11.00 -13.38 -13.75
CA LEU G 405 -10.45 -12.03 -13.93
C LEU G 405 -11.49 -11.00 -14.29
N ALA G 406 -12.52 -11.43 -15.01
CA ALA G 406 -13.60 -10.54 -15.43
C ALA G 406 -14.25 -9.90 -14.21
N GLY G 407 -14.30 -8.57 -14.20
CA GLY G 407 -14.89 -7.87 -13.08
C GLY G 407 -13.91 -7.44 -12.01
N LEU G 408 -13.06 -8.38 -11.57
CA LEU G 408 -12.07 -8.07 -10.54
C LEU G 408 -11.51 -6.66 -10.63
N LYS G 409 -11.54 -5.96 -9.51
CA LYS G 409 -10.97 -4.62 -9.48
C LYS G 409 -9.56 -4.78 -8.94
N PHE G 410 -8.59 -4.38 -9.75
CA PHE G 410 -7.20 -4.49 -9.38
C PHE G 410 -6.75 -3.31 -8.56
N GLU G 411 -7.24 -3.26 -7.33
CA GLU G 411 -6.90 -2.20 -6.39
C GLU G 411 -6.25 -2.87 -5.18
N SER G 412 -5.09 -2.38 -4.79
CA SER G 412 -4.40 -2.96 -3.66
C SER G 412 -4.77 -2.23 -2.39
N LYS G 413 -4.81 -2.96 -1.28
CA LYS G 413 -5.14 -2.38 0.02
C LYS G 413 -3.91 -1.70 0.57
N LEU G 414 -3.98 -0.38 0.72
CA LEU G 414 -2.87 0.39 1.26
C LEU G 414 -3.08 0.46 2.77
N GLU G 415 -2.00 0.42 3.54
CA GLU G 415 -2.15 0.47 5.00
C GLU G 415 -0.92 1.00 5.71
N ASP G 416 -1.12 2.00 6.57
CA ASP G 416 -0.03 2.59 7.32
C ASP G 416 0.40 1.67 8.45
N ILE G 417 1.64 1.21 8.38
CA ILE G 417 2.18 0.30 9.39
C ILE G 417 2.67 1.04 10.61
N ALA G 418 3.45 2.08 10.40
CA ALA G 418 3.96 2.84 11.52
C ALA G 418 4.68 4.11 11.07
N THR G 419 4.91 5.00 12.03
CA THR G 419 5.61 6.25 11.77
C THR G 419 7.07 6.06 12.16
N ILE G 420 7.95 6.37 11.23
CA ILE G 420 9.38 6.23 11.46
C ILE G 420 10.06 7.58 11.37
N GLU G 421 11.37 7.57 11.55
CA GLU G 421 12.18 8.78 11.47
C GLU G 421 13.46 8.49 10.72
N ARG G 422 13.94 7.27 10.85
CA ARG G 422 15.16 6.84 10.18
C ARG G 422 14.82 5.51 9.51
N ILE G 423 14.89 5.45 8.17
CA ILE G 423 14.57 4.19 7.45
C ILE G 423 14.92 2.99 8.32
N PRO G 424 13.93 2.44 9.03
CA PRO G 424 14.17 1.29 9.90
C PRO G 424 14.56 0.00 9.22
N ASN G 425 14.99 -0.94 10.06
CA ASN G 425 15.41 -2.27 9.68
C ASN G 425 14.21 -3.15 10.04
N LEU G 426 13.69 -3.90 9.08
CA LEU G 426 12.53 -4.74 9.34
C LEU G 426 12.89 -6.19 9.51
N ALA G 427 11.99 -6.92 10.18
CA ALA G 427 12.18 -8.36 10.43
C ALA G 427 10.88 -9.01 10.88
N TYR G 428 10.57 -10.15 10.30
CA TYR G 428 9.38 -10.91 10.64
C TYR G 428 9.73 -11.86 11.78
N ILE G 429 8.97 -11.80 12.87
CA ILE G 429 9.22 -12.67 14.01
C ILE G 429 7.97 -13.44 14.39
N ASN G 430 8.05 -14.76 14.33
CA ASN G 430 6.93 -15.60 14.68
C ASN G 430 7.07 -15.97 16.16
N TRP G 431 6.26 -15.36 17.02
CA TRP G 431 6.36 -15.65 18.44
C TRP G 431 5.05 -16.10 19.07
N ASN G 432 5.08 -17.33 19.60
CA ASN G 432 3.91 -17.93 20.24
C ASN G 432 2.63 -17.72 19.44
N ASP G 433 2.60 -18.34 18.26
CA ASP G 433 1.45 -18.27 17.36
C ASP G 433 1.05 -16.88 16.91
N GLN G 434 1.96 -15.93 17.00
CA GLN G 434 1.66 -14.58 16.55
C GLN G 434 2.79 -13.98 15.76
N SER G 435 2.56 -13.79 14.47
CA SER G 435 3.57 -13.21 13.60
C SER G 435 3.64 -11.71 13.90
N ASN G 436 4.86 -11.18 13.94
CA ASN G 436 5.06 -9.79 14.25
C ASN G 436 6.09 -9.16 13.33
N LEU G 437 6.18 -7.83 13.39
CA LEU G 437 7.13 -7.07 12.59
C LEU G 437 8.00 -6.27 13.54
N ALA G 438 9.30 -6.50 13.50
CA ALA G 438 10.20 -5.77 14.36
C ALA G 438 10.74 -4.58 13.59
N LEU G 439 10.53 -3.38 14.12
CA LEU G 439 11.03 -2.17 13.48
C LEU G 439 12.21 -1.68 14.28
N SER G 441 15.63 0.81 14.69
CA SER G 441 16.22 2.10 14.31
C SER G 441 17.32 2.43 15.32
N ASN G 442 18.11 3.44 14.99
CA ASN G 442 19.20 3.84 15.87
C ASN G 442 18.70 3.91 17.30
N LYS G 443 17.66 4.73 17.49
CA LYS G 443 17.06 4.98 18.79
C LYS G 443 15.99 4.02 19.32
N THR G 444 15.35 3.27 18.44
CA THR G 444 14.28 2.41 18.93
C THR G 444 14.31 0.95 18.46
N LEU G 445 13.33 0.20 18.93
CA LEU G 445 13.10 -1.20 18.61
C LEU G 445 11.65 -1.47 18.95
N THR G 446 10.80 -1.41 17.94
CA THR G 446 9.37 -1.61 18.11
C THR G 446 8.93 -2.95 17.53
N PHE G 447 7.78 -3.44 18.00
CA PHE G 447 7.22 -4.67 17.51
C PHE G 447 5.74 -4.41 17.21
N GLN G 448 5.22 -5.01 16.16
CA GLN G 448 3.82 -4.81 15.79
C GLN G 448 3.21 -6.09 15.26
N ASN G 449 1.93 -6.27 15.50
CA ASN G 449 1.22 -7.45 15.05
C ASN G 449 1.00 -7.43 13.54
N ILE G 450 1.09 -8.61 12.93
CA ILE G 450 0.90 -8.75 11.50
C ILE G 450 -0.19 -9.80 11.28
N SER G 451 -1.19 -9.44 10.48
CA SER G 451 -2.28 -10.37 10.20
C SER G 451 -1.85 -11.38 9.12
N SER G 452 -1.95 -12.66 9.46
CA SER G 452 -1.59 -13.77 8.58
C SER G 452 -0.12 -14.17 8.70
N ASN H 2 33.04 -3.95 -46.44
CA ASN H 2 31.81 -4.17 -47.20
C ASN H 2 31.19 -2.92 -47.82
N GLU H 3 30.25 -3.15 -48.72
CA GLU H 3 29.54 -2.12 -49.47
C GLU H 3 28.89 -1.03 -48.62
N ASN H 4 28.78 -1.29 -47.32
CA ASN H 4 28.15 -0.35 -46.40
C ASN H 4 29.02 0.85 -45.99
N TYR H 5 30.33 0.62 -45.84
CA TYR H 5 31.24 1.68 -45.45
C TYR H 5 31.86 2.47 -46.59
N TYR H 6 32.50 3.58 -46.24
CA TYR H 6 33.15 4.47 -47.20
C TYR H 6 34.16 5.34 -46.46
N ILE H 7 35.29 5.62 -47.11
CA ILE H 7 36.33 6.45 -46.51
C ILE H 7 36.65 7.67 -47.39
N SER H 8 37.09 8.74 -46.74
CA SER H 8 37.47 9.96 -47.43
C SER H 8 38.74 10.47 -46.77
N PRO H 9 39.82 10.68 -47.56
CA PRO H 9 39.90 10.47 -49.01
C PRO H 9 39.85 8.99 -49.46
N SER H 10 39.63 8.80 -50.76
CA SER H 10 39.54 7.46 -51.36
C SER H 10 40.50 6.46 -50.77
N LEU H 11 40.11 5.19 -50.80
CA LEU H 11 40.96 4.14 -50.28
C LEU H 11 42.17 4.13 -51.23
N ASP H 12 41.93 4.64 -52.44
CA ASP H 12 42.95 4.75 -53.48
C ASP H 12 43.90 5.88 -53.14
N THR H 13 43.33 7.08 -52.99
CA THR H 13 44.09 8.27 -52.65
C THR H 13 45.02 7.99 -51.47
N LEU H 14 44.48 7.35 -50.43
CA LEU H 14 45.25 7.02 -49.24
C LEU H 14 46.40 6.04 -49.52
N SER H 15 46.21 5.18 -50.50
CA SER H 15 47.22 4.19 -50.87
C SER H 15 48.48 4.83 -51.43
N SER H 16 48.32 5.89 -52.21
CA SER H 16 49.44 6.59 -52.82
C SER H 16 50.21 7.54 -51.88
N TYR H 17 49.64 7.81 -50.71
CA TYR H 17 50.27 8.70 -49.73
C TYR H 17 51.65 8.24 -49.31
N SER H 18 52.58 9.20 -49.23
CA SER H 18 53.96 8.93 -48.83
C SER H 18 53.94 8.26 -47.46
N LEU H 19 54.86 7.32 -47.24
CA LEU H 19 54.93 6.63 -45.96
C LEU H 19 54.97 7.68 -44.84
N LEU H 20 55.43 8.88 -45.19
CA LEU H 20 55.52 9.99 -44.25
C LEU H 20 54.18 10.69 -44.05
N GLN H 21 53.57 11.13 -45.15
CA GLN H 21 52.28 11.81 -45.10
C GLN H 21 51.10 10.88 -44.86
N LEU H 22 51.39 9.68 -44.36
CA LEU H 22 50.34 8.72 -44.04
C LEU H 22 50.24 8.75 -42.52
N ARG H 23 50.80 9.81 -41.95
CA ARG H 23 50.81 10.05 -40.51
C ARG H 23 50.14 11.38 -40.20
N LYS H 24 50.02 12.22 -41.22
CA LYS H 24 49.39 13.53 -41.08
C LYS H 24 48.07 13.56 -41.87
N VAL H 25 47.46 12.40 -42.07
CA VAL H 25 46.20 12.38 -42.83
C VAL H 25 45.13 13.26 -42.20
N PRO H 26 44.86 14.43 -42.82
CA PRO H 26 43.85 15.33 -42.26
C PRO H 26 42.47 15.06 -42.88
N HIS H 27 41.43 15.53 -42.20
CA HIS H 27 40.06 15.38 -42.68
C HIS H 27 39.64 13.96 -43.04
N LEU H 28 40.04 13.00 -42.20
CA LEU H 28 39.68 11.60 -42.42
C LEU H 28 38.21 11.41 -42.06
N VAL H 29 37.48 10.73 -42.95
CA VAL H 29 36.06 10.49 -42.71
C VAL H 29 35.72 9.04 -43.02
N VAL H 30 35.19 8.34 -42.03
CA VAL H 30 34.78 6.95 -42.18
C VAL H 30 33.29 6.90 -41.84
N GLY H 31 32.51 6.21 -42.67
CA GLY H 31 31.09 6.16 -42.37
C GLY H 31 30.35 4.96 -42.92
N HIS H 32 29.20 4.69 -42.32
CA HIS H 32 28.33 3.58 -42.71
C HIS H 32 27.11 4.21 -43.38
N LYS H 33 26.89 3.88 -44.65
CA LYS H 33 25.78 4.45 -45.42
C LYS H 33 24.42 4.50 -44.71
N SER H 34 24.18 3.59 -43.79
CA SER H 34 22.89 3.54 -43.10
C SER H 34 22.88 4.02 -41.65
N TYR H 35 24.00 3.87 -40.94
CA TYR H 35 24.06 4.24 -39.53
C TYR H 35 24.62 5.60 -39.13
N GLY H 36 25.65 6.06 -39.82
CA GLY H 36 26.23 7.35 -39.48
C GLY H 36 27.69 7.41 -39.88
N LYS H 37 28.40 8.41 -39.36
CA LYS H 37 29.82 8.57 -39.68
C LYS H 37 30.60 9.23 -38.55
N ILE H 38 31.90 9.26 -38.72
CA ILE H 38 32.79 9.87 -37.75
C ILE H 38 33.81 10.68 -38.54
N GLU H 39 33.91 11.98 -38.26
CA GLU H 39 34.85 12.85 -38.95
C GLU H 39 35.93 13.24 -37.96
N PHE H 40 37.19 12.93 -38.27
CA PHE H 40 38.25 13.32 -37.35
C PHE H 40 38.58 14.79 -37.57
N LEU H 41 38.57 15.56 -36.48
CA LEU H 41 38.81 16.99 -36.53
C LEU H 41 40.25 17.34 -36.18
N GLU H 42 41.13 16.36 -36.33
CA GLU H 42 42.54 16.53 -36.03
C GLU H 42 43.31 15.60 -36.96
N PRO H 43 44.56 15.95 -37.29
CA PRO H 43 45.29 15.04 -38.18
C PRO H 43 45.38 13.64 -37.59
N VAL H 44 45.26 12.63 -38.44
CA VAL H 44 45.30 11.23 -38.03
C VAL H 44 46.52 10.47 -38.60
N ASP H 45 47.06 9.55 -37.80
CA ASP H 45 48.22 8.75 -38.19
C ASP H 45 47.76 7.34 -38.62
N LEU H 46 47.75 7.09 -39.93
CA LEU H 46 47.33 5.80 -40.48
C LEU H 46 48.49 4.87 -40.80
N ALA H 47 49.64 5.15 -40.20
CA ALA H 47 50.83 4.34 -40.40
C ALA H 47 50.74 3.07 -39.55
N GLY H 48 51.01 1.92 -40.16
CA GLY H 48 50.95 0.66 -39.44
C GLY H 48 49.53 0.16 -39.33
N ILE H 49 48.65 0.67 -40.19
CA ILE H 49 47.26 0.27 -40.17
C ILE H 49 46.79 -0.12 -41.57
N PRO H 50 46.23 -1.34 -41.73
CA PRO H 50 45.75 -1.81 -43.03
C PRO H 50 44.52 -0.99 -43.45
N LEU H 51 44.72 -0.07 -44.38
CA LEU H 51 43.68 0.83 -44.87
C LEU H 51 42.27 0.27 -45.08
N THR H 52 42.10 -1.05 -45.08
CA THR H 52 40.76 -1.63 -45.27
C THR H 52 40.12 -1.99 -43.93
N SER H 53 40.87 -1.81 -42.84
CA SER H 53 40.38 -2.10 -41.49
C SER H 53 39.48 -0.95 -41.01
N LEU H 54 39.77 0.26 -41.49
CA LEU H 54 38.97 1.43 -41.13
C LEU H 54 37.54 1.21 -41.63
N GLY H 55 37.36 0.19 -42.47
CA GLY H 55 36.04 -0.11 -43.01
C GLY H 55 35.06 -0.62 -41.95
N GLY H 56 35.30 -1.82 -41.45
CA GLY H 56 34.41 -2.38 -40.44
C GLY H 56 35.15 -3.18 -39.40
N VAL H 57 36.47 -2.97 -39.34
CA VAL H 57 37.31 -3.68 -38.37
C VAL H 57 37.66 -2.72 -37.23
N ILE H 58 38.27 -1.60 -37.58
CA ILE H 58 38.67 -0.58 -36.61
C ILE H 58 37.47 0.29 -36.24
N ILE H 59 36.84 0.88 -37.25
CA ILE H 59 35.67 1.73 -37.03
C ILE H 59 34.42 0.98 -37.47
N THR H 60 33.51 0.72 -36.53
CA THR H 60 32.29 -0.01 -36.86
C THR H 60 31.01 0.70 -36.46
N PHE H 61 29.98 0.57 -37.29
CA PHE H 61 28.68 1.19 -37.02
C PHE H 61 27.56 0.17 -36.93
N GLU H 62 26.59 0.48 -36.08
CA GLU H 62 25.40 -0.33 -35.86
C GLU H 62 24.34 0.68 -35.44
N PRO H 63 23.04 0.31 -35.52
CA PRO H 63 21.99 1.27 -35.14
C PRO H 63 22.30 2.05 -33.85
N LYS H 64 22.26 3.38 -33.97
CA LYS H 64 22.51 4.29 -32.86
C LYS H 64 23.88 4.17 -32.16
N THR H 65 24.74 3.26 -32.61
CA THR H 65 26.06 3.07 -31.99
C THR H 65 27.24 3.17 -32.96
N CYS H 66 28.39 3.54 -32.42
CA CYS H 66 29.63 3.68 -33.18
C CYS H 66 30.74 3.06 -32.32
N ILE H 67 31.29 1.94 -32.77
CA ILE H 67 32.33 1.28 -31.99
C ILE H 67 33.71 1.38 -32.66
N ILE H 68 34.68 1.90 -31.92
CA ILE H 68 36.03 2.04 -32.45
C ILE H 68 36.96 1.03 -31.80
N TYR H 69 37.71 0.31 -32.63
CA TYR H 69 38.64 -0.71 -32.18
C TYR H 69 37.88 -1.86 -31.52
N ALA H 70 37.56 -2.89 -32.31
CA ALA H 70 36.86 -4.06 -31.79
C ALA H 70 37.66 -4.57 -30.57
N ASN H 71 37.10 -5.53 -29.82
CA ASN H 71 37.79 -6.06 -28.63
C ASN H 71 39.32 -6.12 -28.75
N LEU H 72 40.01 -5.81 -27.66
CA LEU H 72 41.48 -5.81 -27.58
C LEU H 72 42.09 -4.61 -28.31
N PRO H 73 41.84 -3.38 -27.82
CA PRO H 73 42.41 -2.19 -28.47
C PRO H 73 43.94 -2.20 -28.41
N ASN H 74 44.58 -1.56 -29.39
CA ASN H 74 46.04 -1.49 -29.45
C ASN H 74 46.62 -0.44 -28.49
N ARG H 75 45.73 0.28 -27.81
CA ARG H 75 46.10 1.31 -26.83
C ARG H 75 46.71 2.59 -27.40
N PRO H 76 46.14 3.12 -28.50
CA PRO H 76 46.73 4.35 -29.04
C PRO H 76 46.80 5.44 -27.97
N LYS H 77 47.98 6.01 -27.77
CA LYS H 77 48.10 7.09 -26.79
C LYS H 77 47.43 8.32 -27.38
N ARG H 78 46.99 9.24 -26.52
CA ARG H 78 46.32 10.45 -26.97
C ARG H 78 47.10 11.24 -28.01
N GLY H 79 46.42 11.62 -29.09
CA GLY H 79 47.05 12.37 -30.17
C GLY H 79 47.87 11.46 -31.07
N GLU H 80 47.78 10.15 -30.83
CA GLU H 80 48.52 9.17 -31.61
C GLU H 80 47.63 8.37 -32.56
N GLY H 81 48.10 8.23 -33.79
CA GLY H 81 47.36 7.47 -34.78
C GLY H 81 45.94 7.94 -35.00
N ILE H 82 45.00 7.24 -34.38
CA ILE H 82 43.58 7.58 -34.53
C ILE H 82 42.97 8.18 -33.27
N ASN H 83 43.67 8.06 -32.14
CA ASN H 83 43.17 8.60 -30.86
C ASN H 83 43.28 10.13 -30.86
N VAL H 84 42.30 10.77 -31.50
CA VAL H 84 42.28 12.20 -31.67
C VAL H 84 40.83 12.74 -31.64
N ARG H 85 40.66 14.05 -31.52
CA ARG H 85 39.32 14.64 -31.46
C ARG H 85 38.54 14.32 -32.74
N ALA H 86 37.24 14.06 -32.60
CA ALA H 86 36.42 13.75 -33.78
C ALA H 86 34.93 14.04 -33.59
N ARG H 87 34.23 14.26 -34.69
CA ARG H 87 32.79 14.51 -34.64
C ARG H 87 32.01 13.26 -35.08
N ILE H 88 31.29 12.65 -34.14
CA ILE H 88 30.50 11.47 -34.44
C ILE H 88 29.03 11.81 -34.73
N THR H 89 28.47 11.15 -35.73
CA THR H 89 27.08 11.38 -36.12
C THR H 89 26.31 10.05 -36.12
N CYS H 90 25.25 9.96 -35.31
CA CYS H 90 24.45 8.74 -35.27
C CYS H 90 23.02 8.98 -35.78
N PHE H 91 22.62 8.16 -36.75
CA PHE H 91 21.30 8.28 -37.34
C PHE H 91 20.26 7.53 -36.54
N ASN H 92 19.04 8.06 -36.56
CA ASN H 92 17.90 7.48 -35.87
C ASN H 92 18.10 7.22 -34.38
N CYS H 93 18.29 8.30 -33.64
CA CYS H 93 18.46 8.21 -32.20
C CYS H 93 17.27 8.90 -31.57
N TYR H 94 16.06 8.51 -32.01
CA TYR H 94 14.84 9.08 -31.47
C TYR H 94 14.55 8.48 -30.09
N PRO H 95 13.62 9.11 -29.34
CA PRO H 95 13.25 8.62 -28.01
C PRO H 95 12.37 7.39 -28.28
N VAL H 96 12.32 6.45 -27.34
CA VAL H 96 11.52 5.26 -27.56
C VAL H 96 10.27 5.17 -26.70
N ASP H 97 9.20 4.66 -27.29
CA ASP H 97 7.95 4.47 -26.56
C ASP H 97 8.13 3.22 -25.70
N LYS H 98 8.01 3.38 -24.40
CA LYS H 98 8.19 2.29 -23.44
C LYS H 98 7.31 1.05 -23.53
N SER H 99 6.13 1.18 -24.14
CA SER H 99 5.24 0.03 -24.24
C SER H 99 5.37 -0.71 -25.56
N THR H 100 6.17 -0.16 -26.46
CA THR H 100 6.35 -0.73 -27.80
C THR H 100 7.81 -0.93 -28.16
N ARG H 101 8.64 -0.06 -27.62
CA ARG H 101 10.08 -0.08 -27.89
C ARG H 101 10.33 0.48 -29.30
N LYS H 102 9.29 1.11 -29.87
CA LYS H 102 9.40 1.74 -31.17
C LYS H 102 9.78 3.19 -31.04
N PRO H 103 10.46 3.73 -32.06
CA PRO H 103 10.92 5.13 -32.10
C PRO H 103 9.78 6.13 -32.13
N ILE H 104 9.86 7.15 -31.29
CA ILE H 104 8.86 8.20 -31.24
C ILE H 104 9.40 9.35 -32.08
N LYS H 105 8.89 9.49 -33.30
CA LYS H 105 9.35 10.51 -34.23
C LYS H 105 8.65 11.86 -34.18
N ASP H 106 7.73 12.05 -33.25
CA ASP H 106 7.06 13.34 -33.11
C ASP H 106 7.98 14.30 -32.35
N PRO H 107 8.31 15.46 -32.96
CA PRO H 107 9.18 16.47 -32.36
C PRO H 107 8.70 17.14 -31.06
N ASN H 108 7.41 17.02 -30.76
CA ASN H 108 6.86 17.64 -29.55
C ASN H 108 6.46 16.73 -28.39
N HIS H 109 6.74 15.44 -28.49
CA HIS H 109 6.39 14.53 -27.40
C HIS H 109 7.23 14.76 -26.14
N GLN H 110 6.61 14.58 -24.98
CA GLN H 110 7.29 14.77 -23.70
C GLN H 110 8.72 14.24 -23.71
N LEU H 111 8.89 13.04 -24.25
CA LEU H 111 10.22 12.43 -24.31
C LEU H 111 11.24 13.26 -25.07
N VAL H 112 10.79 14.01 -26.08
CA VAL H 112 11.70 14.83 -26.86
C VAL H 112 12.52 15.74 -25.96
N LYS H 113 11.83 16.70 -25.35
CA LYS H 113 12.48 17.66 -24.47
C LYS H 113 13.46 16.97 -23.52
N ARG H 114 13.00 15.89 -22.89
CA ARG H 114 13.81 15.13 -21.95
C ARG H 114 14.95 14.39 -22.63
N HIS H 115 14.66 13.86 -23.81
CA HIS H 115 15.64 13.12 -24.60
C HIS H 115 16.86 13.99 -24.87
N ILE H 116 16.62 15.17 -25.42
CA ILE H 116 17.65 16.14 -25.75
C ILE H 116 18.44 16.52 -24.49
N GLU H 117 17.69 16.86 -23.45
CA GLU H 117 18.24 17.24 -22.15
C GLU H 117 19.16 16.13 -21.66
N ARG H 118 18.82 14.90 -21.99
CA ARG H 118 19.61 13.74 -21.59
C ARG H 118 20.91 13.69 -22.40
N LEU H 119 20.78 13.93 -23.70
CA LEU H 119 21.94 13.90 -24.59
C LEU H 119 22.95 14.96 -24.20
N LYS H 120 22.45 16.12 -23.79
CA LYS H 120 23.31 17.23 -23.38
C LYS H 120 24.09 17.00 -22.09
N LYS H 121 23.46 16.33 -21.13
CA LYS H 121 24.09 16.06 -19.83
C LYS H 121 25.07 14.91 -19.95
N ASN H 122 25.86 14.94 -21.02
CA ASN H 122 26.85 13.90 -21.26
C ASN H 122 28.19 14.64 -21.36
N PRO H 123 29.01 14.57 -20.31
CA PRO H 123 30.33 15.25 -20.29
C PRO H 123 31.38 14.76 -21.29
N ASN H 124 31.21 13.56 -21.84
CA ASN H 124 32.17 12.98 -22.79
C ASN H 124 31.67 13.04 -24.23
N SER H 125 30.46 12.58 -24.46
CA SER H 125 29.91 12.67 -25.80
C SER H 125 29.42 14.11 -25.87
N LYS H 126 30.35 15.10 -25.90
CA LYS H 126 29.95 16.51 -25.94
C LYS H 126 28.91 16.80 -27.03
N PHE H 127 27.68 16.99 -26.59
CA PHE H 127 26.55 17.24 -27.47
C PHE H 127 26.69 18.43 -28.41
N GLU H 128 26.50 18.19 -29.70
CA GLU H 128 26.59 19.26 -30.70
C GLU H 128 25.21 19.53 -31.30
N SER H 129 24.45 18.47 -31.59
CA SER H 129 23.13 18.67 -32.15
C SER H 129 22.28 17.41 -32.22
N TYR H 130 20.96 17.63 -32.23
CA TYR H 130 19.98 16.56 -32.34
C TYR H 130 18.79 17.07 -33.18
N ASP H 131 18.54 16.41 -34.31
CA ASP H 131 17.44 16.81 -35.17
C ASP H 131 16.19 16.00 -34.82
N ALA H 132 15.18 16.68 -34.28
CA ALA H 132 13.93 16.03 -33.86
C ALA H 132 13.29 15.12 -34.92
N ASP H 133 13.29 15.59 -36.17
CA ASP H 133 12.71 14.85 -37.29
C ASP H 133 13.62 13.74 -37.79
N SER H 134 14.86 14.10 -38.12
CA SER H 134 15.84 13.15 -38.62
C SER H 134 16.15 12.07 -37.60
N GLY H 135 16.24 12.51 -36.35
CA GLY H 135 16.58 11.61 -35.25
C GLY H 135 18.09 11.49 -35.29
N THR H 136 18.73 12.39 -36.03
CA THR H 136 20.18 12.37 -36.15
C THR H 136 20.81 13.08 -34.96
N TYR H 137 21.71 12.36 -34.32
CA TYR H 137 22.40 12.85 -33.14
C TYR H 137 23.89 13.07 -33.47
N VAL H 138 24.36 14.29 -33.21
CA VAL H 138 25.75 14.63 -33.46
C VAL H 138 26.44 15.10 -32.20
N PHE H 139 27.64 14.56 -31.95
CA PHE H 139 28.39 14.94 -30.76
C PHE H 139 29.89 14.91 -31.03
N ILE H 140 30.67 15.54 -30.16
CA ILE H 140 32.13 15.57 -30.30
C ILE H 140 32.80 14.82 -29.16
N VAL H 141 33.91 14.16 -29.45
CA VAL H 141 34.66 13.43 -28.43
C VAL H 141 36.10 13.88 -28.58
N ASN H 142 36.76 14.18 -27.47
CA ASN H 142 38.14 14.65 -27.54
C ASN H 142 39.14 13.61 -27.96
N HIS H 143 38.89 12.35 -27.64
CA HIS H 143 39.81 11.28 -27.99
C HIS H 143 39.03 10.06 -28.52
N ALA H 144 39.10 9.83 -29.83
CA ALA H 144 38.38 8.73 -30.48
C ALA H 144 38.55 7.37 -29.81
N ALA H 145 39.78 7.01 -29.46
CA ALA H 145 40.06 5.72 -28.84
C ALA H 145 40.05 5.80 -27.32
N GLU H 146 38.85 6.00 -26.76
CA GLU H 146 38.67 6.10 -25.31
C GLU H 146 37.18 6.12 -24.98
N LYS I 5 6.20 -42.26 -16.45
CA LYS I 5 6.28 -41.66 -17.81
C LYS I 5 5.13 -40.71 -18.14
N ASP I 6 3.89 -41.17 -18.00
CA ASP I 6 2.74 -40.31 -18.31
C ASP I 6 2.69 -39.07 -17.41
N LYS I 8 5.18 -37.81 -15.88
CA LYS I 8 6.38 -37.05 -16.23
C LYS I 8 6.07 -36.20 -17.45
N GLY I 9 5.55 -36.85 -18.49
CA GLY I 9 5.20 -36.15 -19.72
C GLY I 9 3.92 -35.36 -19.52
N PHE I 10 3.37 -35.44 -18.32
CA PHE I 10 2.16 -34.71 -18.05
C PHE I 10 2.44 -33.35 -17.45
N LYS I 11 3.59 -33.09 -16.79
CA LYS I 11 3.62 -31.72 -16.36
C LYS I 11 3.82 -30.81 -17.56
N VAL I 12 4.52 -31.29 -18.59
CA VAL I 12 4.76 -30.47 -19.79
C VAL I 12 3.50 -29.80 -20.34
N VAL I 13 2.42 -30.56 -20.51
CA VAL I 13 1.18 -29.99 -21.02
C VAL I 13 0.71 -28.93 -20.03
N GLU I 14 0.73 -29.29 -18.77
CA GLU I 14 0.32 -28.41 -17.69
C GLU I 14 1.11 -27.09 -17.73
N VAL I 15 2.43 -27.19 -17.89
CA VAL I 15 3.28 -26.00 -17.94
C VAL I 15 3.00 -25.16 -19.19
N GLY I 16 2.91 -25.84 -20.34
CA GLY I 16 2.62 -25.14 -21.58
C GLY I 16 1.30 -24.38 -21.50
N LEU I 17 0.30 -24.98 -20.85
CA LEU I 17 -1.00 -24.35 -20.70
C LEU I 17 -0.89 -23.07 -19.88
N ALA I 18 -0.11 -23.14 -18.80
CA ALA I 18 0.11 -21.99 -17.94
C ALA I 18 0.81 -20.88 -18.72
N ASN I 20 0.77 -20.35 -21.88
CA ASN I 20 -0.19 -19.86 -22.85
C ASN I 20 -1.24 -18.97 -22.18
N THR I 21 -1.65 -19.34 -20.97
CA THR I 21 -2.64 -18.55 -20.26
C THR I 21 -2.07 -17.17 -20.00
N LYS I 22 -0.81 -17.10 -19.60
CA LYS I 22 -0.14 -15.84 -19.31
C LYS I 22 -0.09 -14.93 -20.53
N LYS I 23 0.01 -15.49 -21.74
CA LYS I 23 0.02 -14.65 -22.93
C LYS I 23 -1.33 -13.97 -23.03
N GLN I 24 -2.38 -14.72 -22.76
CA GLN I 24 -3.74 -14.21 -22.79
C GLN I 24 -3.95 -13.17 -21.70
N ILE I 25 -3.47 -13.49 -20.51
CA ILE I 25 -3.59 -12.56 -19.38
C ILE I 25 -2.85 -11.27 -19.74
N GLY I 26 -1.89 -11.39 -20.64
CA GLY I 26 -1.14 -10.21 -21.06
C GLY I 26 -2.06 -9.27 -21.81
N ASP I 27 -2.85 -9.84 -22.73
CA ASP I 27 -3.79 -9.06 -23.52
C ASP I 27 -4.88 -8.46 -22.63
N PHE I 28 -5.32 -9.25 -21.65
CA PHE I 28 -6.34 -8.80 -20.73
C PHE I 28 -5.94 -7.45 -20.13
N PHE I 29 -4.75 -7.39 -19.55
CA PHE I 29 -4.29 -6.15 -18.94
C PHE I 29 -3.91 -5.07 -19.94
N LYS I 30 -3.59 -5.45 -21.17
CA LYS I 30 -3.26 -4.47 -22.19
C LYS I 30 -4.58 -3.76 -22.57
N ASN I 31 -5.60 -4.56 -22.85
CA ASN I 31 -6.91 -4.07 -23.24
C ASN I 31 -7.82 -3.73 -22.06
N LEU I 32 -7.22 -3.20 -21.01
CA LEU I 32 -7.93 -2.83 -19.79
C LEU I 32 -7.40 -1.48 -19.33
N ARG J 6 -31.19 -32.82 -79.46
CA ARG J 6 -31.06 -34.12 -78.72
C ARG J 6 -29.62 -34.40 -78.26
N LEU J 7 -29.43 -34.41 -76.94
CA LEU J 7 -28.13 -34.63 -76.30
C LEU J 7 -27.41 -35.89 -76.72
N SER J 8 -28.15 -36.99 -76.84
CA SER J 8 -27.55 -38.25 -77.22
C SER J 8 -27.04 -38.22 -78.66
N ALA J 9 -27.03 -37.03 -79.25
CA ALA J 9 -26.59 -36.88 -80.63
C ALA J 9 -25.27 -36.14 -80.78
N LEU J 10 -24.83 -35.45 -79.73
CA LEU J 10 -23.57 -34.70 -79.79
C LEU J 10 -22.44 -35.53 -80.41
N PRO J 11 -21.56 -34.88 -81.19
CA PRO J 11 -20.42 -35.53 -81.84
C PRO J 11 -19.54 -36.30 -80.86
N ILE J 12 -19.15 -35.61 -79.80
CA ILE J 12 -18.30 -36.15 -78.74
C ILE J 12 -18.63 -37.58 -78.30
N PHE J 13 -19.87 -38.02 -78.49
CA PHE J 13 -20.24 -39.36 -78.06
C PHE J 13 -20.11 -40.48 -79.11
N GLN J 14 -19.81 -40.11 -80.36
CA GLN J 14 -19.67 -41.09 -81.42
C GLN J 14 -18.62 -42.17 -81.13
N ALA J 15 -19.08 -43.42 -81.10
CA ALA J 15 -18.22 -44.55 -80.80
C ALA J 15 -17.17 -44.87 -81.86
N SER J 16 -16.54 -46.05 -81.70
CA SER J 16 -15.49 -46.59 -82.57
C SER J 16 -14.78 -45.63 -83.52
N PRO J 23 -12.28 -49.73 -72.41
CA PRO J 23 -12.74 -48.96 -71.25
C PRO J 23 -13.27 -47.57 -71.63
N ARG J 24 -14.46 -47.21 -71.12
CA ARG J 24 -15.07 -45.92 -71.42
C ARG J 24 -15.50 -45.13 -70.19
N TYR J 25 -15.14 -43.86 -70.15
CA TYR J 25 -15.51 -43.03 -69.02
C TYR J 25 -16.10 -41.71 -69.48
N ILE J 26 -16.88 -41.11 -68.60
CA ILE J 26 -17.51 -39.83 -68.88
C ILE J 26 -17.59 -39.01 -67.59
N PHE J 27 -17.26 -37.72 -67.68
CA PHE J 27 -17.28 -36.82 -66.54
C PHE J 27 -17.83 -35.50 -67.02
N SER J 28 -18.35 -34.70 -66.10
CA SER J 28 -18.88 -33.39 -66.43
C SER J 28 -18.25 -32.41 -65.46
N SER J 29 -18.41 -31.13 -65.73
CA SER J 29 -17.80 -30.10 -64.92
C SER J 29 -18.63 -28.83 -65.01
N GLN J 30 -18.39 -27.88 -64.13
CA GLN J 30 -19.11 -26.60 -64.13
C GLN J 30 -20.63 -26.73 -64.34
N ASN J 31 -21.30 -27.32 -63.37
CA ASN J 31 -22.73 -27.51 -63.41
C ASN J 31 -23.24 -28.27 -64.65
N GLY J 32 -22.56 -29.35 -65.01
CA GLY J 32 -22.96 -30.17 -66.15
C GLY J 32 -22.82 -29.47 -67.47
N THR J 33 -22.01 -28.43 -67.47
CA THR J 33 -21.79 -27.62 -68.65
C THR J 33 -20.65 -28.14 -69.56
N ARG J 34 -19.60 -28.74 -68.97
CA ARG J 34 -18.47 -29.26 -69.75
C ARG J 34 -18.44 -30.79 -69.66
N ILE J 35 -18.23 -31.45 -70.80
CA ILE J 35 -18.18 -32.91 -70.84
C ILE J 35 -16.80 -33.45 -71.22
N VAL J 36 -16.36 -34.48 -70.51
CA VAL J 36 -15.08 -35.13 -70.81
C VAL J 36 -15.47 -36.59 -71.08
N PHE J 37 -14.92 -37.13 -72.17
CA PHE J 37 -15.23 -38.48 -72.61
C PHE J 37 -13.95 -39.24 -72.95
N ILE J 38 -13.73 -40.39 -72.31
CA ILE J 38 -12.53 -41.17 -72.60
C ILE J 38 -12.89 -42.44 -73.33
N GLN J 39 -12.19 -42.69 -74.43
CA GLN J 39 -12.42 -43.87 -75.26
C GLN J 39 -11.24 -44.13 -76.20
N ASP J 40 -10.76 -45.37 -76.22
CA ASP J 40 -9.61 -45.75 -77.06
C ASP J 40 -8.36 -44.94 -76.73
N ASN J 41 -8.15 -44.68 -75.45
CA ASN J 41 -6.99 -43.92 -75.00
C ASN J 41 -6.94 -42.52 -75.58
N ILE J 42 -8.11 -41.95 -75.82
CA ILE J 42 -8.21 -40.57 -76.31
C ILE J 42 -9.17 -39.80 -75.41
N ILE J 43 -8.79 -38.58 -75.07
CA ILE J 43 -9.63 -37.71 -74.25
C ILE J 43 -10.42 -36.78 -75.16
N ARG J 44 -11.73 -36.77 -74.99
CA ARG J 44 -12.60 -35.87 -75.75
C ARG J 44 -13.19 -34.89 -74.74
N TRP J 45 -13.15 -33.61 -75.06
CA TRP J 45 -13.70 -32.60 -74.17
C TRP J 45 -14.51 -31.61 -74.97
N TYR J 46 -15.68 -31.25 -74.45
CA TYR J 46 -16.55 -30.33 -75.17
C TYR J 46 -17.32 -29.46 -74.20
N ASN J 47 -17.21 -28.14 -74.37
CA ASN J 47 -17.93 -27.21 -73.53
C ASN J 47 -19.24 -26.88 -74.22
N VAL J 48 -20.32 -27.38 -73.64
CA VAL J 48 -21.66 -27.21 -74.16
C VAL J 48 -22.09 -25.78 -74.52
N LEU J 49 -21.56 -24.77 -73.84
CA LEU J 49 -21.94 -23.38 -74.11
C LEU J 49 -20.92 -22.59 -74.92
N THR J 50 -19.70 -23.12 -75.00
CA THR J 50 -18.59 -22.43 -75.66
C THR J 50 -18.08 -22.92 -77.00
N ASP J 51 -18.07 -24.24 -77.20
CA ASP J 51 -17.55 -24.80 -78.44
C ASP J 51 -18.62 -25.12 -79.46
N SER J 52 -18.19 -25.43 -80.67
CA SER J 52 -19.11 -25.83 -81.73
C SER J 52 -18.66 -27.24 -82.11
N LEU J 53 -17.42 -27.56 -81.77
CA LEU J 53 -16.86 -28.89 -82.03
C LEU J 53 -16.16 -29.36 -80.76
N TYR J 54 -15.97 -30.67 -80.64
CA TYR J 54 -15.27 -31.22 -79.49
C TYR J 54 -13.81 -31.35 -79.90
N HIS J 55 -12.95 -31.63 -78.93
CA HIS J 55 -11.53 -31.75 -79.25
C HIS J 55 -10.98 -33.04 -78.68
N SER J 56 -9.80 -33.44 -79.16
CA SER J 56 -9.20 -34.67 -78.73
C SER J 56 -7.71 -34.59 -78.45
N LEU J 57 -7.26 -35.54 -77.63
CA LEU J 57 -5.86 -35.66 -77.25
C LEU J 57 -5.61 -37.13 -77.00
N ASN J 58 -5.09 -37.82 -78.02
CA ASN J 58 -4.78 -39.23 -77.91
C ASN J 58 -3.56 -39.39 -77.01
N PHE J 59 -3.70 -40.23 -75.98
CA PHE J 59 -2.59 -40.41 -75.05
C PHE J 59 -1.99 -41.82 -75.03
N SER J 60 -2.34 -42.62 -76.03
CA SER J 60 -1.83 -43.99 -76.16
C SER J 60 -0.31 -44.01 -76.02
N ARG J 61 0.32 -42.97 -76.57
CA ARG J 61 1.75 -42.85 -76.53
C ARG J 61 2.26 -42.81 -75.10
N HIS J 62 1.41 -42.38 -74.18
CA HIS J 62 1.80 -42.29 -72.77
C HIS J 62 1.17 -43.35 -71.90
N LEU J 63 0.01 -43.85 -72.30
CA LEU J 63 -0.67 -44.87 -71.52
C LEU J 63 -1.76 -45.55 -72.30
N VAL J 64 -1.76 -46.88 -72.28
CA VAL J 64 -2.80 -47.65 -72.94
C VAL J 64 -3.55 -48.23 -71.76
N LEU J 65 -4.85 -47.99 -71.68
CA LEU J 65 -5.64 -48.48 -70.56
C LEU J 65 -6.12 -49.92 -70.73
N ASP J 66 -6.39 -50.58 -69.62
CA ASP J 66 -6.93 -51.95 -69.63
C ASP J 66 -8.08 -51.86 -68.62
N ASP J 67 -9.02 -52.79 -68.67
CA ASP J 67 -10.16 -52.75 -67.76
C ASP J 67 -9.86 -52.76 -66.27
N THR J 68 -8.59 -52.90 -65.92
CA THR J 68 -8.19 -52.90 -64.51
C THR J 68 -8.00 -51.48 -63.95
N PHE J 69 -7.80 -50.51 -64.82
CA PHE J 69 -7.60 -49.12 -64.40
C PHE J 69 -8.89 -48.46 -63.92
N HIS J 70 -8.74 -47.49 -63.03
CA HIS J 70 -9.86 -46.69 -62.54
C HIS J 70 -9.47 -45.29 -62.97
N VAL J 71 -10.44 -44.45 -63.32
CA VAL J 71 -10.11 -43.08 -63.65
C VAL J 71 -11.11 -42.17 -62.99
N ILE J 72 -10.61 -41.11 -62.38
CA ILE J 72 -11.47 -40.15 -61.71
C ILE J 72 -11.12 -38.76 -62.20
N SER J 73 -12.05 -37.83 -61.99
CA SER J 73 -11.86 -36.45 -62.41
C SER J 73 -11.93 -35.50 -61.22
N SER J 74 -11.18 -34.42 -61.29
CA SER J 74 -11.23 -33.45 -60.21
C SER J 74 -12.59 -32.76 -60.42
N THR J 75 -13.23 -32.30 -59.35
CA THR J 75 -14.51 -31.63 -59.48
C THR J 75 -14.43 -30.43 -60.42
N SER J 76 -13.30 -29.73 -60.40
CA SER J 76 -13.13 -28.57 -61.27
C SER J 76 -13.17 -29.00 -62.73
N GLY J 77 -12.87 -30.27 -62.95
CA GLY J 77 -12.87 -30.81 -64.31
C GLY J 77 -11.60 -30.52 -65.08
N ASP J 78 -10.59 -30.02 -64.39
CA ASP J 78 -9.35 -29.69 -65.08
C ASP J 78 -8.35 -30.85 -65.11
N LEU J 79 -8.50 -31.78 -64.18
CA LEU J 79 -7.59 -32.92 -64.11
C LEU J 79 -8.26 -34.29 -64.06
N LEU J 80 -7.57 -35.25 -64.66
CA LEU J 80 -8.01 -36.64 -64.66
C LEU J 80 -6.91 -37.41 -63.96
N CYS J 81 -7.30 -38.46 -63.23
CA CYS J 81 -6.34 -39.32 -62.56
C CYS J 81 -6.64 -40.75 -62.98
N LEU J 82 -5.71 -41.37 -63.69
CA LEU J 82 -5.90 -42.75 -64.14
C LEU J 82 -4.92 -43.62 -63.34
N PHE J 83 -5.44 -44.68 -62.72
CA PHE J 83 -4.59 -45.53 -61.91
C PHE J 83 -5.05 -46.99 -61.79
N ASN J 84 -4.11 -47.82 -61.37
CA ASN J 84 -4.36 -49.25 -61.12
C ASN J 84 -3.71 -49.58 -59.80
N ASP J 85 -3.45 -50.86 -59.56
CA ASP J 85 -2.85 -51.24 -58.29
C ASP J 85 -1.38 -50.93 -58.24
N ASN J 86 -0.82 -50.51 -59.36
CA ASN J 86 0.60 -50.26 -59.38
C ASN J 86 1.06 -48.84 -59.69
N GLU J 87 0.35 -48.15 -60.56
CA GLU J 87 0.76 -46.81 -60.91
C GLU J 87 -0.38 -45.79 -60.99
N ILE J 88 0.00 -44.52 -60.99
CA ILE J 88 -0.93 -43.40 -61.06
C ILE J 88 -0.49 -42.38 -62.13
N PHE J 89 -1.45 -41.92 -62.93
CA PHE J 89 -1.17 -40.91 -63.94
C PHE J 89 -2.12 -39.75 -63.68
N VAL J 90 -1.65 -38.53 -63.91
CA VAL J 90 -2.48 -37.35 -63.78
C VAL J 90 -2.36 -36.52 -65.04
N GLU J 92 -3.94 -33.34 -67.64
CA GLU J 92 -4.66 -32.08 -67.69
C GLU J 92 -5.57 -32.04 -68.92
N VAL J 93 -6.86 -31.88 -68.71
CA VAL J 93 -7.79 -31.79 -69.85
C VAL J 93 -7.44 -30.45 -70.52
N PRO J 94 -7.07 -30.49 -71.81
CA PRO J 94 -6.69 -29.31 -72.59
C PRO J 94 -7.77 -28.27 -72.89
N TRP J 95 -8.54 -27.89 -71.88
CA TRP J 95 -9.58 -26.89 -72.07
C TRP J 95 -8.93 -25.63 -72.61
N GLY J 96 -9.46 -25.09 -73.70
CA GLY J 96 -8.87 -23.88 -74.23
C GLY J 96 -8.00 -24.12 -75.44
N TYR J 97 -7.39 -25.29 -75.51
CA TYR J 97 -6.56 -25.62 -76.66
C TYR J 97 -7.50 -26.19 -77.67
N SER J 98 -7.15 -26.09 -78.94
CA SER J 98 -8.00 -26.60 -80.00
C SER J 98 -7.23 -27.58 -80.88
N ASN J 99 -6.02 -27.18 -81.26
CA ASN J 99 -5.22 -28.03 -82.12
C ASN J 99 -4.00 -28.52 -81.37
N VAL J 100 -4.16 -29.62 -80.66
CA VAL J 100 -3.07 -30.17 -79.90
C VAL J 100 -2.25 -31.15 -80.74
N GLU J 101 -1.34 -30.60 -81.56
CA GLU J 101 -0.49 -31.41 -82.42
C GLU J 101 0.92 -31.59 -81.88
N ASP J 102 1.60 -30.47 -81.64
CA ASP J 102 2.96 -30.49 -81.09
C ASP J 102 3.17 -31.63 -80.11
N VAL J 103 4.07 -32.55 -80.44
CA VAL J 103 4.35 -33.65 -79.54
C VAL J 103 4.84 -33.08 -78.22
N SER J 104 5.49 -31.91 -78.29
CA SER J 104 6.00 -31.24 -77.11
C SER J 104 4.87 -30.64 -76.25
N ILE J 105 3.84 -30.13 -76.93
CA ILE J 105 2.69 -29.53 -76.25
C ILE J 105 1.77 -30.61 -75.65
N GLN J 106 1.72 -31.78 -76.27
CA GLN J 106 0.89 -32.88 -75.79
C GLN J 106 1.51 -33.53 -74.57
N ASP J 107 2.83 -33.46 -74.45
CA ASP J 107 3.50 -34.05 -73.31
C ASP J 107 3.32 -33.13 -72.13
N ALA J 108 3.00 -31.87 -72.44
CA ALA J 108 2.79 -30.87 -71.41
C ALA J 108 1.60 -31.24 -70.55
N PHE J 109 0.66 -31.98 -71.15
CA PHE J 109 -0.54 -32.40 -70.45
C PHE J 109 -0.36 -33.61 -69.56
N GLN J 110 0.85 -34.17 -69.55
CA GLN J 110 1.16 -35.30 -68.67
C GLN J 110 1.78 -34.61 -67.48
N ILE J 111 0.98 -34.45 -66.43
CA ILE J 111 1.39 -33.72 -65.25
C ILE J 111 2.09 -34.49 -64.12
N PHE J 112 1.75 -35.75 -63.91
CA PHE J 112 2.35 -36.46 -62.81
C PHE J 112 2.26 -37.96 -62.98
N HIS J 113 3.29 -38.67 -62.51
CA HIS J 113 3.31 -40.12 -62.60
C HIS J 113 3.91 -40.73 -61.34
N TYR J 114 3.43 -41.92 -60.99
CA TYR J 114 3.92 -42.60 -59.81
C TYR J 114 3.70 -44.09 -59.92
N SER J 115 4.71 -44.86 -59.50
CA SER J 115 4.64 -46.31 -59.48
C SER J 115 5.13 -46.74 -58.10
N ILE J 116 4.55 -47.79 -57.56
CA ILE J 116 4.98 -48.27 -56.24
C ILE J 116 6.39 -48.85 -56.33
N ASP J 117 6.80 -49.22 -57.54
CA ASP J 117 8.13 -49.77 -57.76
C ASP J 117 9.17 -48.66 -57.60
N GLU J 118 8.71 -47.43 -57.46
CA GLU J 118 9.60 -46.28 -57.29
C GLU J 118 10.22 -46.26 -55.90
N GLU J 119 9.76 -47.16 -55.04
CA GLU J 119 10.28 -47.22 -53.68
C GLU J 119 11.09 -48.48 -53.39
N GLU J 120 12.25 -48.27 -52.79
CA GLU J 120 13.20 -49.31 -52.40
C GLU J 120 12.60 -50.70 -52.33
N PRO J 123 9.05 -55.61 -50.69
CA PRO J 123 7.80 -55.38 -49.95
C PRO J 123 7.14 -54.04 -50.31
N LYS J 124 6.43 -54.03 -51.44
CA LYS J 124 5.75 -52.83 -51.92
C LYS J 124 4.24 -53.02 -51.90
N SER J 125 3.56 -52.19 -51.12
CA SER J 125 2.11 -52.26 -50.99
C SER J 125 1.43 -51.64 -52.21
N SER J 126 0.45 -52.33 -52.76
CA SER J 126 -0.25 -51.83 -53.92
C SER J 126 -1.36 -50.82 -53.61
N ILE J 127 -1.72 -50.04 -54.62
CA ILE J 127 -2.74 -49.01 -54.53
C ILE J 127 -4.13 -49.60 -54.49
N LYS J 128 -4.93 -49.11 -53.55
CA LYS J 128 -6.31 -49.58 -53.40
C LYS J 128 -7.29 -48.52 -53.89
N LYS J 129 -7.04 -47.26 -53.51
CA LYS J 129 -7.92 -46.19 -53.92
C LYS J 129 -7.20 -44.85 -53.99
N VAL J 130 -7.65 -43.99 -54.91
CA VAL J 130 -7.08 -42.65 -55.07
C VAL J 130 -8.18 -41.58 -55.11
N LEU J 131 -7.93 -40.44 -54.49
CA LEU J 131 -8.89 -39.34 -54.46
C LEU J 131 -8.19 -38.02 -54.60
N PHE J 132 -8.79 -37.07 -55.27
CA PHE J 132 -8.18 -35.73 -55.35
C PHE J 132 -8.53 -35.08 -54.02
N HIS J 133 -7.70 -34.17 -53.52
CA HIS J 133 -8.04 -33.50 -52.28
C HIS J 133 -9.02 -32.44 -52.76
N PRO J 134 -10.22 -32.42 -52.19
CA PRO J 134 -11.26 -31.45 -52.55
C PRO J 134 -10.87 -30.00 -52.42
N LYS J 135 -9.92 -29.71 -51.54
CA LYS J 135 -9.55 -28.32 -51.38
C LYS J 135 -8.09 -27.97 -51.58
N SER J 136 -7.50 -28.52 -52.64
CA SER J 136 -6.13 -28.19 -52.95
C SER J 136 -6.16 -27.17 -54.09
N TYR J 137 -5.33 -26.13 -53.97
CA TYR J 137 -5.23 -25.11 -55.00
C TYR J 137 -4.80 -25.78 -56.31
N ARG J 138 -5.48 -25.46 -57.40
CA ARG J 138 -5.19 -26.06 -58.70
C ARG J 138 -5.26 -27.60 -58.69
N ASP J 139 -6.06 -28.17 -57.80
CA ASP J 139 -6.23 -29.63 -57.71
C ASP J 139 -4.90 -30.38 -57.64
N SER J 140 -3.88 -29.73 -57.05
CA SER J 140 -2.54 -30.28 -56.97
C SER J 140 -2.25 -31.37 -55.96
N CYS J 141 -3.27 -31.91 -55.30
CA CYS J 141 -3.01 -32.94 -54.30
C CYS J 141 -3.83 -34.21 -54.45
N ILE J 142 -3.16 -35.35 -54.53
CA ILE J 142 -3.91 -36.60 -54.62
C ILE J 142 -3.67 -37.42 -53.37
N VAL J 143 -4.73 -38.05 -52.87
CA VAL J 143 -4.66 -38.87 -51.68
C VAL J 143 -4.67 -40.32 -52.10
N VAL J 144 -3.67 -41.07 -51.66
CA VAL J 144 -3.55 -42.48 -52.04
C VAL J 144 -3.60 -43.48 -50.86
N LEU J 145 -4.57 -44.40 -50.92
CA LEU J 145 -4.72 -45.42 -49.89
C LEU J 145 -4.17 -46.73 -50.46
N LYS J 146 -3.26 -47.36 -49.73
CA LYS J 146 -2.68 -48.62 -50.18
C LYS J 146 -3.18 -49.80 -49.35
N GLU J 147 -2.91 -51.03 -49.81
CA GLU J 147 -3.31 -52.23 -49.05
C GLU J 147 -2.76 -52.12 -47.65
N ASP J 148 -1.72 -51.31 -47.55
CA ASP J 148 -0.98 -50.96 -46.34
C ASP J 148 -1.88 -50.43 -45.23
N ASP J 149 -2.92 -49.73 -45.65
CA ASP J 149 -3.88 -49.04 -44.78
C ASP J 149 -3.18 -47.71 -44.55
N THR J 150 -2.12 -47.53 -45.34
CA THR J 150 -1.31 -46.33 -45.33
C THR J 150 -1.98 -45.30 -46.28
N ILE J 151 -2.02 -44.04 -45.87
CA ILE J 151 -2.64 -43.01 -46.70
C ILE J 151 -1.60 -41.96 -47.03
N THR J 152 -1.38 -41.74 -48.33
CA THR J 152 -0.35 -40.81 -48.77
C THR J 152 -0.84 -39.63 -49.61
N PHE J 154 0.32 -36.83 -52.36
CA PHE J 154 1.33 -36.42 -53.33
C PHE J 154 1.02 -35.04 -53.86
N ASP J 155 2.05 -34.22 -54.00
CA ASP J 155 1.85 -32.90 -54.56
C ASP J 155 2.16 -32.98 -56.05
N ILE J 156 1.11 -33.13 -56.84
CA ILE J 156 1.20 -33.24 -58.28
C ILE J 156 2.08 -32.18 -58.98
N LEU J 157 2.13 -30.96 -58.43
CA LEU J 157 2.89 -29.88 -59.03
C LEU J 157 4.21 -29.49 -58.37
N ASN J 158 4.79 -30.35 -57.55
CA ASN J 158 6.03 -29.94 -56.91
C ASN J 158 6.91 -31.10 -56.44
N SER J 159 8.02 -31.33 -57.14
CA SER J 159 8.94 -32.41 -56.78
C SER J 159 9.79 -32.04 -55.56
N GLN J 160 9.78 -30.76 -55.20
CA GLN J 160 10.53 -30.27 -54.05
C GLN J 160 9.66 -30.50 -52.82
N GLU J 161 8.78 -31.50 -52.92
CA GLU J 161 7.87 -31.87 -51.86
C GLU J 161 7.89 -33.39 -51.72
N LYS J 162 8.41 -33.89 -50.61
CA LYS J 162 8.46 -35.33 -50.39
C LYS J 162 7.06 -35.75 -49.94
N PRO J 163 6.48 -36.76 -50.62
CA PRO J 163 5.14 -37.21 -50.24
C PRO J 163 4.96 -37.37 -48.74
N ILE J 164 3.75 -37.10 -48.25
CA ILE J 164 3.47 -37.24 -46.84
C ILE J 164 2.70 -38.55 -46.60
N VAL J 165 3.20 -39.35 -45.67
CA VAL J 165 2.57 -40.61 -45.37
C VAL J 165 1.96 -40.61 -44.00
N LEU J 166 0.65 -40.82 -43.95
CA LEU J 166 -0.07 -40.84 -42.69
C LEU J 166 -0.52 -42.27 -42.44
N ASN J 167 -0.81 -42.55 -41.19
CA ASN J 167 -1.24 -43.87 -40.71
C ASN J 167 -0.16 -44.90 -41.05
N LYS J 168 1.08 -44.58 -40.71
CA LYS J 168 2.22 -45.46 -40.97
C LYS J 168 2.12 -46.72 -40.11
N PRO J 169 2.71 -47.83 -40.58
CA PRO J 169 2.64 -49.06 -39.79
C PRO J 169 3.37 -48.91 -38.45
N ASN J 170 2.93 -49.67 -37.45
CA ASN J 170 3.52 -49.64 -36.13
C ASN J 170 4.25 -50.91 -35.78
N ASN J 171 5.06 -50.82 -34.73
CA ASN J 171 5.82 -51.96 -34.21
C ASN J 171 5.15 -52.30 -32.89
N SER J 172 3.83 -52.40 -32.93
CA SER J 172 3.06 -52.70 -31.75
C SER J 172 2.46 -54.08 -31.89
N PHE J 173 1.98 -54.61 -30.77
CA PHE J 173 1.32 -55.89 -30.70
C PHE J 173 0.02 -55.54 -29.99
N GLY J 174 -0.96 -56.43 -30.02
CA GLY J 174 -2.21 -56.14 -29.37
C GLY J 174 -3.16 -55.40 -30.28
N LEU J 175 -4.31 -55.02 -29.75
CA LEU J 175 -5.35 -54.34 -30.52
C LEU J 175 -5.22 -52.82 -30.70
N ASP J 176 -5.62 -52.37 -31.89
CA ASP J 176 -5.67 -50.96 -32.28
C ASP J 176 -4.42 -50.07 -32.17
N ALA J 177 -3.30 -50.50 -32.73
CA ALA J 177 -2.10 -49.67 -32.68
C ALA J 177 -2.42 -48.40 -33.48
N ARG J 178 -2.95 -48.59 -34.68
CA ARG J 178 -3.35 -47.53 -35.61
C ARG J 178 -4.55 -48.08 -36.40
N VAL J 179 -5.11 -47.30 -37.33
CA VAL J 179 -6.26 -47.79 -38.08
C VAL J 179 -5.89 -48.81 -39.15
N ASN J 180 -6.45 -50.01 -39.03
CA ASN J 180 -6.20 -51.10 -39.97
C ASN J 180 -7.46 -51.53 -40.70
N ASP J 181 -7.29 -52.19 -41.83
CA ASP J 181 -8.40 -52.69 -42.63
C ASP J 181 -9.34 -51.60 -43.17
N ILE J 182 -8.79 -50.58 -43.82
CA ILE J 182 -9.62 -49.51 -44.37
C ILE J 182 -10.24 -49.98 -45.67
N THR J 183 -11.55 -49.87 -45.81
CA THR J 183 -12.24 -50.30 -47.04
C THR J 183 -12.57 -49.13 -47.90
N ASP J 184 -12.79 -47.98 -47.28
CA ASP J 184 -13.15 -46.81 -48.04
C ASP J 184 -12.69 -45.52 -47.37
N LEU J 185 -12.67 -44.46 -48.17
CA LEU J 185 -12.23 -43.14 -47.78
C LEU J 185 -13.23 -42.14 -48.34
N GLU J 186 -13.45 -41.04 -47.62
CA GLU J 186 -14.38 -40.03 -48.08
C GLU J 186 -14.10 -38.73 -47.36
N PHE J 187 -14.06 -37.64 -48.10
CA PHE J 187 -13.83 -36.33 -47.50
C PHE J 187 -15.12 -35.74 -47.02
N SER J 188 -15.05 -35.05 -45.89
CA SER J 188 -16.20 -34.37 -45.34
C SER J 188 -16.39 -33.16 -46.25
N LYS J 189 -17.61 -32.64 -46.31
CA LYS J 189 -17.86 -31.49 -47.14
C LYS J 189 -17.29 -30.22 -46.52
N ASP J 190 -16.65 -30.36 -45.36
CA ASP J 190 -15.99 -29.22 -44.70
C ASP J 190 -14.67 -28.95 -45.45
N GLY J 191 -14.16 -30.01 -46.08
CA GLY J 191 -12.92 -29.93 -46.84
C GLY J 191 -11.64 -30.15 -46.06
N LEU J 192 -11.71 -30.08 -44.73
CA LEU J 192 -10.56 -30.25 -43.88
C LEU J 192 -10.53 -31.61 -43.16
N THR J 193 -11.56 -32.43 -43.35
CA THR J 193 -11.66 -33.73 -42.68
C THR J 193 -11.71 -34.94 -43.60
N LEU J 194 -10.98 -35.99 -43.24
CA LEU J 194 -11.00 -37.20 -44.04
C LEU J 194 -11.55 -38.36 -43.20
N TYR J 195 -12.72 -38.87 -43.58
CA TYR J 195 -13.35 -39.99 -42.87
C TYR J 195 -12.83 -41.30 -43.44
N CYS J 196 -12.56 -42.26 -42.56
CA CYS J 196 -12.08 -43.57 -42.99
C CYS J 196 -13.01 -44.63 -42.45
N LEU J 197 -13.41 -45.56 -43.30
CA LEU J 197 -14.28 -46.66 -42.90
C LEU J 197 -13.40 -47.91 -42.83
N ASN J 198 -13.22 -48.46 -41.64
CA ASN J 198 -12.40 -49.66 -41.51
C ASN J 198 -13.24 -50.89 -41.16
N THR J 199 -12.64 -52.07 -41.26
CA THR J 199 -13.34 -53.31 -41.02
C THR J 199 -12.91 -54.17 -39.85
N THR J 200 -11.75 -53.86 -39.27
CA THR J 200 -11.23 -54.64 -38.15
C THR J 200 -12.31 -55.25 -37.24
N GLU J 201 -13.34 -54.49 -36.91
CA GLU J 201 -14.39 -54.99 -36.03
C GLU J 201 -15.78 -54.85 -36.63
N GLY J 202 -15.95 -55.26 -37.88
CA GLY J 202 -17.26 -55.19 -38.50
C GLY J 202 -17.56 -53.87 -39.15
N GLY J 203 -16.80 -52.83 -38.79
CA GLY J 203 -17.04 -51.53 -39.38
C GLY J 203 -17.05 -50.38 -38.39
N ASP J 204 -16.18 -49.41 -38.61
CA ASP J 204 -16.09 -48.25 -37.74
C ASP J 204 -15.63 -47.05 -38.55
N ILE J 205 -15.77 -45.88 -37.97
CA ILE J 205 -15.37 -44.67 -38.65
C ILE J 205 -14.26 -43.95 -37.90
N PHE J 206 -13.22 -43.56 -38.62
CA PHE J 206 -12.11 -42.83 -38.02
C PHE J 206 -12.00 -41.54 -38.81
N ALA J 207 -11.18 -40.61 -38.36
CA ALA J 207 -11.07 -39.37 -39.09
C ALA J 207 -9.77 -38.63 -38.85
N PHE J 208 -9.30 -38.00 -39.90
CA PHE J 208 -8.08 -37.20 -39.87
C PHE J 208 -8.57 -35.76 -39.90
N TYR J 209 -8.31 -35.02 -38.84
CA TYR J 209 -8.71 -33.62 -38.77
C TYR J 209 -7.56 -32.86 -38.09
N PRO J 210 -6.86 -31.99 -38.83
CA PRO J 210 -7.05 -31.66 -40.26
C PRO J 210 -6.31 -32.58 -41.23
N PHE J 211 -6.82 -32.69 -42.45
CA PHE J 211 -6.16 -33.48 -43.50
C PHE J 211 -5.91 -32.47 -44.62
N LEU J 212 -4.83 -31.72 -44.49
CA LEU J 212 -4.54 -30.65 -45.42
C LEU J 212 -3.55 -30.88 -46.54
N PRO J 213 -3.75 -30.23 -47.70
CA PRO J 213 -2.85 -30.36 -48.85
C PRO J 213 -1.71 -29.37 -48.58
N SER J 214 -0.79 -29.19 -49.53
CA SER J 214 0.31 -28.24 -49.33
C SER J 214 -0.13 -26.79 -49.55
N VAL J 215 -1.17 -26.61 -50.36
CA VAL J 215 -1.71 -25.29 -50.64
C VAL J 215 -3.23 -25.42 -50.60
N LEU J 216 -3.83 -24.97 -49.50
CA LEU J 216 -5.26 -25.07 -49.27
C LEU J 216 -6.13 -24.06 -49.98
N LEU J 217 -7.16 -24.56 -50.65
CA LEU J 217 -8.14 -23.72 -51.33
C LEU J 217 -9.13 -23.34 -50.23
N LEU J 218 -9.29 -22.05 -49.99
CA LEU J 218 -10.20 -21.61 -48.93
C LEU J 218 -10.77 -20.25 -49.26
N ASN J 219 -12.08 -20.14 -49.44
CA ASN J 219 -12.64 -18.82 -49.72
C ASN J 219 -12.86 -18.06 -48.42
N GLU J 220 -13.20 -16.78 -48.54
CA GLU J 220 -13.36 -15.96 -47.36
C GLU J 220 -14.46 -16.46 -46.40
N LYS J 221 -15.56 -16.92 -46.97
CA LYS J 221 -16.67 -17.42 -46.18
C LYS J 221 -16.23 -18.58 -45.32
N ASP J 222 -15.59 -19.56 -45.95
CA ASP J 222 -15.10 -20.74 -45.27
C ASP J 222 -13.96 -20.46 -44.30
N LEU J 223 -13.08 -19.52 -44.65
CA LEU J 223 -11.98 -19.14 -43.76
C LEU J 223 -12.54 -18.58 -42.44
N ASN J 224 -13.60 -17.77 -42.52
CA ASN J 224 -14.17 -17.21 -41.31
C ASN J 224 -15.01 -18.22 -40.55
N LEU J 225 -15.55 -19.22 -41.25
CA LEU J 225 -16.34 -20.22 -40.55
C LEU J 225 -15.45 -21.05 -39.61
N ILE J 226 -14.29 -21.52 -40.08
CA ILE J 226 -13.49 -22.30 -39.14
C ILE J 226 -12.76 -21.45 -38.10
N LEU J 227 -12.66 -20.15 -38.35
CA LEU J 227 -12.03 -19.27 -37.37
C LEU J 227 -13.04 -19.11 -36.25
N ASN J 228 -14.28 -18.83 -36.61
CA ASN J 228 -15.34 -18.66 -35.61
C ASN J 228 -15.59 -19.94 -34.82
N LYS J 229 -15.65 -21.09 -35.49
CA LYS J 229 -15.86 -22.33 -34.77
C LYS J 229 -14.71 -22.48 -33.77
N SER J 230 -13.52 -22.12 -34.21
CA SER J 230 -12.34 -22.21 -33.36
C SER J 230 -12.45 -21.30 -32.14
N LEU J 231 -13.01 -20.11 -32.33
CA LEU J 231 -13.18 -19.17 -31.21
C LEU J 231 -14.25 -19.63 -30.24
N VAL J 232 -15.31 -20.26 -30.75
CA VAL J 232 -16.38 -20.74 -29.88
C VAL J 232 -15.89 -21.84 -28.96
N TYR J 234 -12.67 -22.22 -28.02
CA TYR J 234 -11.65 -21.66 -27.14
C TYR J 234 -12.34 -21.06 -25.92
N GLU J 235 -13.49 -20.44 -26.15
CA GLU J 235 -14.30 -19.84 -25.08
C GLU J 235 -14.95 -20.95 -24.24
N SER J 236 -15.30 -22.03 -24.92
CA SER J 236 -15.92 -23.20 -24.30
C SER J 236 -14.99 -23.91 -23.28
N LEU J 237 -13.75 -23.44 -23.17
CA LEU J 237 -12.79 -24.05 -22.26
C LEU J 237 -12.98 -23.57 -20.83
N ASP J 238 -12.90 -24.47 -19.85
CA ASP J 238 -13.05 -24.04 -18.47
C ASP J 238 -11.90 -24.66 -17.68
N SER J 239 -12.22 -25.37 -16.60
CA SER J 239 -11.19 -26.02 -15.80
C SER J 239 -11.55 -27.50 -15.73
N THR J 240 -12.79 -27.81 -16.12
CA THR J 240 -13.31 -29.19 -16.13
C THR J 240 -12.67 -29.94 -17.30
N THR J 241 -12.49 -29.19 -18.38
CA THR J 241 -11.93 -29.64 -19.64
C THR J 241 -10.65 -30.45 -19.50
N ASP J 242 -10.59 -31.57 -20.24
CA ASP J 242 -9.43 -32.45 -20.25
C ASP J 242 -8.22 -31.64 -20.71
N VAL J 243 -7.06 -31.91 -20.12
CA VAL J 243 -5.85 -31.18 -20.50
C VAL J 243 -5.43 -31.42 -21.96
N ILE J 244 -5.53 -32.66 -22.41
CA ILE J 244 -5.17 -32.99 -23.78
C ILE J 244 -6.09 -32.26 -24.78
N VAL J 245 -7.38 -32.20 -24.46
CA VAL J 245 -8.36 -31.50 -25.30
C VAL J 245 -8.06 -30.01 -25.34
N LYS J 246 -7.85 -29.43 -24.16
CA LYS J 246 -7.55 -28.00 -24.03
C LYS J 246 -6.35 -27.63 -24.88
N ARG J 247 -5.36 -28.52 -24.92
CA ARG J 247 -4.18 -28.28 -25.72
C ARG J 247 -4.55 -28.20 -27.22
N ASN J 248 -5.27 -29.21 -27.71
CA ASN J 248 -5.70 -29.24 -29.10
C ASN J 248 -6.52 -28.00 -29.52
N VAL J 249 -7.53 -27.66 -28.71
CA VAL J 249 -8.38 -26.52 -28.98
C VAL J 249 -7.56 -25.24 -29.09
N ILE J 250 -6.57 -25.09 -28.21
CA ILE J 250 -5.70 -23.91 -28.26
C ILE J 250 -4.82 -23.99 -29.50
N LYS J 251 -4.36 -25.20 -29.83
CA LYS J 251 -3.55 -25.37 -31.03
C LYS J 251 -4.37 -25.06 -32.26
N GLN J 252 -5.62 -25.54 -32.27
CA GLN J 252 -6.50 -25.30 -33.41
C GLN J 252 -6.65 -23.81 -33.64
N LEU J 253 -6.97 -23.07 -32.58
CA LEU J 253 -7.14 -21.64 -32.71
C LEU J 253 -5.87 -20.94 -33.15
N GLN J 254 -4.72 -21.42 -32.70
CA GLN J 254 -3.46 -20.79 -33.09
C GLN J 254 -3.24 -21.02 -34.58
N PHE J 255 -3.48 -22.26 -35.01
CA PHE J 255 -3.30 -22.65 -36.40
C PHE J 255 -4.25 -21.91 -37.33
N VAL J 256 -5.54 -21.94 -37.04
CA VAL J 256 -6.51 -21.26 -37.89
C VAL J 256 -6.22 -19.77 -37.96
N SER J 257 -5.66 -19.22 -36.88
CA SER J 257 -5.34 -17.79 -36.85
C SER J 257 -4.19 -17.50 -37.77
N LYS J 258 -3.22 -18.41 -37.79
CA LYS J 258 -2.05 -18.26 -38.64
C LYS J 258 -2.49 -18.40 -40.10
N LEU J 259 -3.50 -19.23 -40.35
CA LEU J 259 -3.98 -19.39 -41.73
C LEU J 259 -4.56 -18.05 -42.15
N HIS J 260 -5.40 -17.48 -41.28
CA HIS J 260 -6.03 -16.20 -41.54
C HIS J 260 -5.00 -15.11 -41.83
N GLU J 261 -3.82 -15.25 -41.24
CA GLU J 261 -2.76 -14.26 -41.44
C GLU J 261 -2.04 -14.39 -42.76
N ASN J 262 -2.00 -15.59 -43.32
CA ASN J 262 -1.32 -15.79 -44.59
C ASN J 262 -2.22 -16.09 -45.76
N TRP J 263 -3.52 -16.03 -45.52
CA TRP J 263 -4.49 -16.28 -46.55
C TRP J 263 -4.35 -15.24 -47.66
N ASN J 264 -4.28 -15.71 -48.90
CA ASN J 264 -4.19 -14.84 -50.08
C ASN J 264 -5.63 -14.67 -50.58
N SER J 265 -6.24 -13.51 -50.33
CA SER J 265 -7.63 -13.32 -50.73
C SER J 265 -7.89 -13.35 -52.23
N ARG J 266 -6.97 -12.83 -53.01
CA ARG J 266 -7.15 -12.80 -54.45
C ARG J 266 -7.12 -14.14 -55.14
N PHE J 267 -6.54 -15.16 -54.49
CA PHE J 267 -6.51 -16.49 -55.06
C PHE J 267 -7.31 -17.44 -54.20
N GLY J 268 -7.74 -16.93 -53.05
CA GLY J 268 -8.52 -17.74 -52.13
C GLY J 268 -7.78 -19.02 -51.75
N LYS J 269 -6.50 -18.87 -51.44
CA LYS J 269 -5.68 -20.01 -51.10
C LYS J 269 -4.76 -19.61 -49.96
N VAL J 270 -4.08 -20.60 -49.40
CA VAL J 270 -3.13 -20.38 -48.30
C VAL J 270 -2.15 -21.54 -48.26
N ASP J 271 -0.87 -21.24 -48.05
CA ASP J 271 0.13 -22.30 -47.97
C ASP J 271 0.14 -22.98 -46.62
N ILE J 272 0.40 -24.27 -46.61
CA ILE J 272 0.43 -25.03 -45.36
C ILE J 272 1.72 -25.81 -45.22
N GLN J 273 2.49 -25.45 -44.20
CA GLN J 273 3.79 -26.06 -43.92
C GLN J 273 3.71 -27.52 -43.55
N LYS J 274 4.67 -28.31 -44.04
CA LYS J 274 4.71 -29.76 -43.77
C LYS J 274 4.49 -30.16 -42.32
N GLU J 275 4.83 -29.26 -41.40
CA GLU J 275 4.66 -29.56 -39.98
C GLU J 275 3.19 -29.75 -39.58
N TYR J 276 2.31 -28.90 -40.11
CA TYR J 276 0.89 -28.96 -39.78
C TYR J 276 0.12 -30.02 -40.53
N ARG J 277 0.80 -30.75 -41.41
CA ARG J 277 0.13 -31.77 -42.19
C ARG J 277 0.23 -33.18 -41.64
N LEU J 278 1.08 -33.39 -40.64
CA LEU J 278 1.21 -34.70 -40.04
C LEU J 278 0.21 -34.77 -38.89
N ALA J 279 -0.88 -35.51 -39.11
CA ALA J 279 -1.91 -35.61 -38.09
C ALA J 279 -2.26 -37.06 -37.81
N LYS J 280 -2.53 -37.37 -36.55
CA LYS J 280 -2.88 -38.74 -36.16
C LYS J 280 -4.38 -38.94 -36.15
N VAL J 281 -4.81 -40.09 -36.61
CA VAL J 281 -6.22 -40.44 -36.69
C VAL J 281 -6.95 -40.33 -35.40
N GLN J 282 -8.20 -39.90 -35.52
CA GLN J 282 -9.11 -39.77 -34.38
C GLN J 282 -10.11 -40.91 -34.56
N GLY J 283 -10.68 -41.40 -33.46
CA GLY J 283 -11.64 -42.49 -33.55
C GLY J 283 -11.37 -43.67 -32.62
N PRO J 284 -12.24 -44.69 -32.64
CA PRO J 284 -13.42 -44.74 -33.51
C PRO J 284 -14.52 -43.78 -33.09
N PHE J 285 -15.32 -43.38 -34.08
CA PHE J 285 -16.46 -42.52 -33.83
C PHE J 285 -17.52 -43.37 -33.19
N THR J 286 -18.33 -42.73 -32.37
CA THR J 286 -19.43 -43.39 -31.70
C THR J 286 -20.59 -43.30 -32.68
N ILE J 287 -21.26 -44.41 -32.96
CA ILE J 287 -22.43 -44.38 -33.87
C ILE J 287 -23.64 -44.73 -33.02
N ASN J 288 -24.34 -43.69 -32.57
CA ASN J 288 -25.49 -43.85 -31.69
C ASN J 288 -26.84 -43.46 -32.32
N PRO J 289 -27.82 -44.36 -32.28
CA PRO J 289 -27.81 -45.71 -31.71
C PRO J 289 -27.51 -46.75 -32.79
N PHE J 290 -26.48 -47.56 -32.57
CA PHE J 290 -26.12 -48.57 -33.56
C PHE J 290 -27.10 -49.73 -33.64
N PRO J 291 -27.60 -50.04 -34.85
CA PRO J 291 -28.55 -51.13 -35.11
C PRO J 291 -27.98 -52.49 -34.73
N GLY J 292 -28.69 -53.21 -33.86
CA GLY J 292 -28.21 -54.51 -33.43
C GLY J 292 -27.91 -55.52 -34.53
N GLU J 293 -28.77 -55.60 -35.54
CA GLU J 293 -28.58 -56.57 -36.63
C GLU J 293 -27.21 -56.48 -37.24
N LEU J 294 -26.80 -55.27 -37.55
CA LEU J 294 -25.52 -54.98 -38.20
C LEU J 294 -24.26 -55.51 -37.53
N TYR J 295 -24.34 -55.92 -36.28
CA TYR J 295 -23.17 -56.47 -35.61
C TYR J 295 -22.79 -57.77 -36.31
N ASP J 296 -23.72 -58.33 -37.07
CA ASP J 296 -23.48 -59.60 -37.79
C ASP J 296 -23.01 -59.36 -39.21
N TYR J 297 -22.80 -58.09 -39.58
CA TYR J 297 -22.34 -57.77 -40.93
C TYR J 297 -21.13 -56.85 -40.94
N THR J 298 -20.68 -56.51 -42.15
CA THR J 298 -19.52 -55.64 -42.28
C THR J 298 -19.80 -54.40 -43.12
N ALA J 299 -19.21 -53.29 -42.72
CA ALA J 299 -19.35 -52.02 -43.43
C ALA J 299 -18.61 -52.12 -44.76
N THR J 300 -19.24 -51.61 -45.83
CA THR J 300 -18.66 -51.68 -47.17
C THR J 300 -18.13 -50.39 -47.76
N ASN J 301 -18.98 -49.36 -47.77
CA ASN J 301 -18.59 -48.06 -48.31
C ASN J 301 -19.04 -46.92 -47.44
N ILE J 302 -18.45 -45.76 -47.69
CA ILE J 302 -18.82 -44.58 -46.96
C ILE J 302 -18.89 -43.42 -47.97
N ALA J 303 -19.92 -42.60 -47.82
CA ALA J 303 -20.12 -41.47 -48.71
C ALA J 303 -20.54 -40.26 -47.90
N THR J 304 -20.30 -39.10 -48.48
CA THR J 304 -20.68 -37.87 -47.83
C THR J 304 -21.63 -37.12 -48.73
N ILE J 305 -22.79 -36.75 -48.19
CA ILE J 305 -23.81 -36.04 -48.97
C ILE J 305 -24.13 -34.68 -48.40
N LEU J 306 -24.03 -33.68 -49.26
CA LEU J 306 -24.30 -32.31 -48.86
C LEU J 306 -25.82 -32.07 -48.72
N ILE J 307 -26.19 -31.41 -47.63
CA ILE J 307 -27.58 -31.10 -47.31
C ILE J 307 -27.99 -29.65 -47.68
N ASP J 308 -27.08 -28.71 -47.52
CA ASP J 308 -27.36 -27.32 -47.85
C ASP J 308 -26.12 -26.65 -48.42
N ASN J 309 -25.99 -25.35 -48.21
CA ASN J 309 -24.86 -24.58 -48.72
C ASN J 309 -23.95 -24.08 -47.60
N GLY J 310 -24.02 -24.72 -46.44
CA GLY J 310 -23.21 -24.31 -45.32
C GLY J 310 -22.41 -25.47 -44.75
N GLN J 311 -21.93 -26.34 -45.63
CA GLN J 311 -21.13 -27.50 -45.23
C GLN J 311 -21.88 -28.54 -44.37
N ASN J 312 -23.20 -28.44 -44.27
CA ASN J 312 -23.94 -29.42 -43.48
C ASN J 312 -24.09 -30.70 -44.32
N GLU J 313 -23.68 -31.82 -43.73
CA GLU J 313 -23.72 -33.09 -44.46
C GLU J 313 -24.23 -34.29 -43.70
N ILE J 314 -24.42 -35.37 -44.45
CA ILE J 314 -24.87 -36.63 -43.87
C ILE J 314 -23.84 -37.68 -44.28
N VAL J 315 -23.42 -38.50 -43.33
CA VAL J 315 -22.46 -39.53 -43.63
C VAL J 315 -23.24 -40.81 -43.92
N CYS J 316 -22.95 -41.45 -45.04
CA CYS J 316 -23.65 -42.68 -45.39
C CYS J 316 -22.71 -43.88 -45.42
N VAL J 317 -23.14 -44.99 -44.79
CA VAL J 317 -22.32 -46.20 -44.75
C VAL J 317 -23.08 -47.45 -45.24
N SER J 318 -22.39 -48.25 -46.06
CA SER J 318 -22.93 -49.50 -46.62
C SER J 318 -22.60 -50.68 -45.71
N PHE J 319 -23.39 -51.75 -45.83
CA PHE J 319 -23.17 -52.95 -45.05
C PHE J 319 -23.52 -54.21 -45.85
N ASP J 320 -22.88 -55.33 -45.48
CA ASP J 320 -23.10 -56.63 -46.12
C ASP J 320 -24.55 -56.96 -46.40
N ASP J 321 -25.42 -56.67 -45.43
CA ASP J 321 -26.85 -56.98 -45.56
C ASP J 321 -27.60 -56.09 -46.53
N GLY J 322 -26.89 -55.39 -47.41
CA GLY J 322 -27.54 -54.51 -48.36
C GLY J 322 -28.28 -53.41 -47.63
N SER J 323 -27.76 -53.03 -46.48
CA SER J 323 -28.36 -52.00 -45.65
C SER J 323 -27.56 -50.69 -45.74
N LEU J 324 -28.20 -49.60 -45.35
CA LEU J 324 -27.59 -48.29 -45.41
C LEU J 324 -27.92 -47.56 -44.12
N ILE J 325 -26.96 -46.85 -43.54
CA ILE J 325 -27.27 -46.08 -42.35
C ILE J 325 -26.85 -44.64 -42.61
N LEU J 326 -27.82 -43.73 -42.49
CA LEU J 326 -27.58 -42.32 -42.71
C LEU J 326 -27.27 -41.73 -41.34
N LEU J 327 -26.09 -41.14 -41.21
CA LEU J 327 -25.64 -40.61 -39.94
C LEU J 327 -25.46 -39.10 -39.97
N PHE J 328 -25.47 -38.50 -38.78
CA PHE J 328 -25.31 -37.06 -38.62
C PHE J 328 -24.33 -36.76 -37.47
N LYS J 329 -23.34 -35.92 -37.73
CA LYS J 329 -22.34 -35.56 -36.74
C LYS J 329 -22.82 -34.37 -35.90
N ASP J 330 -23.20 -34.64 -34.64
CA ASP J 330 -23.72 -33.62 -33.72
C ASP J 330 -22.69 -32.81 -32.94
N LEU J 331 -21.53 -33.39 -32.67
CA LEU J 331 -20.52 -32.65 -31.91
C LEU J 331 -19.45 -32.07 -32.80
N GLU J 332 -18.87 -30.97 -32.36
CA GLU J 332 -17.83 -30.32 -33.14
C GLU J 332 -16.48 -30.92 -32.75
N SER J 334 -12.31 -31.29 -32.68
CA SER J 334 -11.21 -30.37 -32.51
C SER J 334 -10.08 -31.00 -33.31
N SER J 336 -6.40 -32.37 -34.20
CA SER J 336 -5.45 -33.09 -33.38
C SER J 336 -4.31 -33.60 -34.25
N TRP J 337 -3.08 -33.47 -33.75
CA TRP J 337 -1.93 -33.91 -34.51
C TRP J 337 -1.12 -34.99 -33.83
N ASP J 338 -0.83 -34.85 -32.53
CA ASP J 338 -0.04 -35.82 -31.75
C ASP J 338 -0.87 -36.94 -31.15
N VAL J 339 -1.74 -36.55 -30.23
CA VAL J 339 -2.58 -37.48 -29.51
C VAL J 339 -2.99 -38.81 -30.18
N ASP J 340 -2.50 -39.92 -29.63
CA ASP J 340 -2.82 -41.24 -30.14
C ASP J 340 -4.20 -41.58 -29.61
N ASN J 341 -4.95 -42.33 -30.40
CA ASN J 341 -6.29 -42.73 -29.99
C ASN J 341 -7.11 -41.57 -29.45
N TYR J 342 -6.94 -40.41 -30.05
CA TYR J 342 -7.70 -39.28 -29.63
C TYR J 342 -9.14 -39.49 -30.06
N VAL J 343 -10.04 -39.29 -29.12
CA VAL J 343 -11.45 -39.40 -29.37
C VAL J 343 -11.84 -38.12 -28.68
N TYR J 344 -12.98 -37.55 -29.04
CA TYR J 344 -13.44 -36.33 -28.41
C TYR J 344 -14.39 -35.70 -29.40
N ASN J 345 -15.65 -35.73 -29.03
CA ASN J 345 -16.68 -35.22 -29.89
C ASN J 345 -16.67 -35.97 -31.22
N ASN J 346 -16.07 -37.17 -31.19
CA ASN J 346 -16.05 -38.04 -32.36
C ASN J 346 -17.38 -38.78 -32.22
N SER J 347 -18.45 -38.02 -32.45
CA SER J 347 -19.80 -38.53 -32.30
C SER J 347 -20.70 -38.45 -33.53
N LEU J 348 -21.30 -39.58 -33.89
CA LEU J 348 -22.23 -39.65 -35.01
C LEU J 348 -23.54 -40.20 -34.48
N VAL J 349 -24.64 -39.68 -35.02
CA VAL J 349 -25.98 -40.08 -34.60
C VAL J 349 -26.74 -40.68 -35.78
N LEU J 350 -27.45 -41.79 -35.55
CA LEU J 350 -28.22 -42.45 -36.61
C LEU J 350 -29.55 -41.73 -36.85
N ILE J 351 -29.80 -41.34 -38.09
CA ILE J 351 -31.03 -40.64 -38.43
C ILE J 351 -31.99 -41.62 -39.09
N GLU J 352 -31.46 -42.52 -39.91
CA GLU J 352 -32.29 -43.51 -40.58
C GLU J 352 -31.50 -44.68 -41.12
N ARG J 353 -32.20 -45.79 -41.33
CA ARG J 353 -31.58 -46.98 -41.90
C ARG J 353 -32.41 -47.37 -43.14
N VAL J 354 -31.73 -47.74 -44.21
CA VAL J 354 -32.40 -48.10 -45.45
C VAL J 354 -31.96 -49.48 -45.90
N LYS J 355 -32.87 -50.44 -45.89
CA LYS J 355 -32.52 -51.80 -46.32
C LYS J 355 -32.94 -51.94 -47.78
N LEU J 356 -31.96 -52.14 -48.66
CA LEU J 356 -32.23 -52.29 -50.08
C LEU J 356 -32.25 -53.76 -50.45
N GLN J 357 -31.91 -54.61 -49.50
CA GLN J 357 -31.91 -56.05 -49.72
C GLN J 357 -31.25 -56.48 -51.03
N ARG J 358 -30.31 -55.68 -51.51
CA ARG J 358 -29.59 -55.98 -52.74
C ARG J 358 -28.11 -55.85 -52.37
N GLU J 359 -27.23 -56.52 -53.12
CA GLU J 359 -25.80 -56.41 -52.83
C GLU J 359 -25.28 -55.04 -53.29
N ILE J 360 -25.03 -54.15 -52.34
CA ILE J 360 -24.53 -52.81 -52.69
C ILE J 360 -23.08 -52.84 -53.12
N LYS J 361 -22.85 -52.59 -54.41
CA LYS J 361 -21.49 -52.61 -54.94
C LYS J 361 -20.76 -51.26 -54.87
N SER J 362 -21.50 -50.17 -54.66
CA SER J 362 -20.87 -48.85 -54.55
C SER J 362 -21.86 -47.69 -54.35
N LEU J 363 -21.34 -46.61 -53.77
CA LEU J 363 -22.11 -45.39 -53.52
C LEU J 363 -21.53 -44.25 -54.34
N ILE J 364 -22.39 -43.43 -54.92
CA ILE J 364 -21.95 -42.32 -55.76
C ILE J 364 -22.79 -41.07 -55.52
N THR J 365 -22.17 -39.92 -55.65
CA THR J 365 -22.87 -38.65 -55.46
C THR J 365 -22.49 -37.67 -56.54
N LEU J 366 -23.41 -36.79 -56.87
CA LEU J 366 -23.18 -35.78 -57.89
C LEU J 366 -23.34 -34.43 -57.19
N PRO J 367 -22.23 -33.70 -57.02
CA PRO J 367 -22.18 -32.39 -56.38
C PRO J 367 -23.39 -31.51 -56.70
N GLU J 368 -23.87 -31.59 -57.93
CA GLU J 368 -25.01 -30.79 -58.38
C GLU J 368 -26.36 -31.09 -57.70
N GLN J 369 -26.46 -32.21 -56.99
CA GLN J 369 -27.73 -32.55 -56.34
C GLN J 369 -27.63 -32.82 -54.85
N LEU J 370 -28.15 -31.89 -54.04
CA LEU J 370 -28.11 -32.04 -52.60
C LEU J 370 -29.00 -33.19 -52.12
N GLY J 371 -28.68 -33.71 -50.94
CA GLY J 371 -29.46 -34.78 -50.33
C GLY J 371 -29.86 -35.99 -51.18
N LYS J 372 -29.13 -36.25 -52.26
CA LYS J 372 -29.43 -37.39 -53.10
C LYS J 372 -28.20 -38.27 -53.22
N LEU J 373 -28.40 -39.58 -53.15
CA LEU J 373 -27.30 -40.52 -53.22
C LEU J 373 -27.63 -41.64 -54.19
N TYR J 374 -26.68 -42.01 -55.04
CA TYR J 374 -26.89 -43.10 -55.98
C TYR J 374 -26.27 -44.35 -55.38
N VAL J 375 -27.02 -45.46 -55.39
CA VAL J 375 -26.51 -46.71 -54.85
C VAL J 375 -26.52 -47.73 -55.96
N ILE J 376 -25.33 -48.20 -56.32
CA ILE J 376 -25.23 -49.19 -57.38
C ILE J 376 -25.25 -50.58 -56.80
N SER J 377 -26.39 -51.24 -56.94
CA SER J 377 -26.55 -52.61 -56.45
C SER J 377 -26.02 -53.57 -57.52
N ASP J 378 -26.61 -54.75 -57.67
CA ASP J 378 -26.09 -55.68 -58.67
C ASP J 378 -26.53 -55.44 -60.11
N ASN J 379 -27.77 -55.01 -60.29
CA ASN J 379 -28.26 -54.75 -61.64
C ASN J 379 -29.10 -53.50 -61.67
N ILE J 380 -29.14 -52.79 -60.55
CA ILE J 380 -29.91 -51.57 -60.48
C ILE J 380 -29.04 -50.41 -60.02
N ILE J 381 -29.51 -49.21 -60.32
CA ILE J 381 -28.87 -48.00 -59.88
C ILE J 381 -30.07 -47.35 -59.24
N GLN J 382 -30.10 -47.33 -57.92
CA GLN J 382 -31.22 -46.72 -57.23
C GLN J 382 -30.77 -45.36 -56.74
N GLN J 383 -31.74 -44.50 -56.41
CA GLN J 383 -31.41 -43.19 -55.91
C GLN J 383 -32.16 -42.92 -54.61
N VAL J 384 -31.41 -42.82 -53.53
CA VAL J 384 -31.99 -42.54 -52.24
C VAL J 384 -32.10 -41.02 -52.18
N ASN J 385 -33.30 -40.51 -51.92
CA ASN J 385 -33.51 -39.07 -51.86
C ASN J 385 -34.01 -38.68 -50.48
N PHE J 386 -33.15 -38.07 -49.67
CA PHE J 386 -33.58 -37.70 -48.33
C PHE J 386 -33.76 -36.22 -48.08
N SER J 388 -36.48 -34.87 -48.22
CA SER J 388 -37.80 -34.80 -47.60
C SER J 388 -37.63 -34.23 -46.20
N TRP J 389 -36.68 -34.82 -45.47
CA TRP J 389 -36.38 -34.41 -44.10
C TRP J 389 -35.12 -33.55 -43.99
N ALA J 390 -34.12 -33.84 -44.81
CA ALA J 390 -32.86 -33.11 -44.78
C ALA J 390 -33.02 -31.61 -44.93
N SER J 391 -33.93 -31.18 -45.80
CA SER J 391 -34.15 -29.75 -46.03
C SER J 391 -34.64 -29.06 -44.77
N THR J 392 -35.45 -29.76 -43.97
CA THR J 392 -35.97 -29.22 -42.73
C THR J 392 -34.86 -29.20 -41.68
N LEU J 393 -34.08 -30.30 -41.69
CA LEU J 393 -32.99 -30.47 -40.76
C LEU J 393 -31.99 -29.33 -40.82
N SER J 394 -31.67 -28.87 -42.03
CA SER J 394 -30.71 -27.79 -42.15
C SER J 394 -31.33 -26.46 -41.77
N LYS J 395 -32.64 -26.33 -41.99
CA LYS J 395 -33.33 -25.09 -41.64
C LYS J 395 -33.27 -24.89 -40.13
N SER J 396 -33.55 -25.95 -39.39
CA SER J 396 -33.52 -25.88 -37.95
C SER J 396 -32.09 -25.67 -37.42
N ILE J 397 -31.10 -26.26 -38.10
CA ILE J 397 -29.71 -26.07 -37.67
C ILE J 397 -29.36 -24.60 -37.85
N ASN J 398 -29.74 -24.05 -39.00
CA ASN J 398 -29.45 -22.66 -39.30
C ASN J 398 -30.36 -21.65 -38.61
N GLU J 399 -31.56 -22.06 -38.23
CA GLU J 399 -32.50 -21.17 -37.55
C GLU J 399 -32.61 -21.47 -36.06
N SER J 400 -31.72 -22.32 -35.57
CA SER J 400 -31.68 -22.71 -34.17
C SER J 400 -33.04 -23.02 -33.59
N ASP J 401 -33.90 -23.66 -34.38
CA ASP J 401 -35.24 -24.01 -33.93
C ASP J 401 -35.51 -25.49 -34.14
N LEU J 402 -35.61 -26.24 -33.05
CA LEU J 402 -35.83 -27.68 -33.12
C LEU J 402 -37.26 -28.13 -33.44
N ASN J 403 -38.24 -27.28 -33.14
CA ASN J 403 -39.65 -27.60 -33.37
C ASN J 403 -40.01 -28.31 -34.67
N PRO J 404 -39.63 -27.73 -35.82
CA PRO J 404 -39.94 -28.36 -37.11
C PRO J 404 -39.69 -29.87 -37.13
N LEU J 405 -38.64 -30.31 -36.44
CA LEU J 405 -38.29 -31.73 -36.40
C LEU J 405 -39.38 -32.60 -35.82
N ALA J 406 -40.14 -32.03 -34.89
CA ALA J 406 -41.23 -32.75 -34.24
C ALA J 406 -42.21 -33.26 -35.30
N GLY J 407 -42.46 -34.57 -35.29
CA GLY J 407 -43.39 -35.14 -36.24
C GLY J 407 -42.74 -35.69 -37.50
N LEU J 408 -41.85 -34.89 -38.10
CA LEU J 408 -41.16 -35.30 -39.33
C LEU J 408 -40.82 -36.77 -39.36
N LYS J 409 -41.19 -37.42 -40.45
CA LYS J 409 -40.86 -38.82 -40.60
C LYS J 409 -39.61 -38.87 -41.44
N PHE J 410 -38.55 -39.43 -40.84
CA PHE J 410 -37.28 -39.53 -41.50
C PHE J 410 -37.19 -40.75 -42.40
N GLU J 411 -37.94 -40.68 -43.50
CA GLU J 411 -37.98 -41.74 -44.48
C GLU J 411 -37.49 -41.15 -45.80
N SER J 412 -36.55 -41.81 -46.44
CA SER J 412 -36.01 -41.33 -47.70
C SER J 412 -36.76 -41.95 -48.88
N LYS J 413 -36.92 -41.17 -49.94
CA LYS J 413 -37.61 -41.65 -51.13
C LYS J 413 -36.63 -42.48 -51.93
N LEU J 414 -36.94 -43.77 -52.05
CA LEU J 414 -36.10 -44.67 -52.82
C LEU J 414 -36.64 -44.66 -54.25
N GLU J 415 -35.76 -44.78 -55.24
CA GLU J 415 -36.22 -44.77 -56.63
C GLU J 415 -35.27 -45.45 -57.59
N ASP J 416 -35.80 -46.37 -58.38
CA ASP J 416 -34.99 -47.10 -59.33
C ASP J 416 -34.69 -46.22 -60.54
N ILE J 417 -33.41 -45.95 -60.74
CA ILE J 417 -32.95 -45.11 -61.83
C ILE J 417 -32.85 -45.88 -63.13
N ALA J 418 -32.21 -47.05 -63.09
CA ALA J 418 -32.06 -47.83 -64.30
C ALA J 418 -31.49 -49.20 -64.03
N THR J 419 -31.59 -50.08 -65.01
CA THR J 419 -31.06 -51.41 -64.88
C THR J 419 -29.71 -51.44 -65.56
N ILE J 420 -28.71 -51.92 -64.84
CA ILE J 420 -27.36 -52.01 -65.36
C ILE J 420 -26.90 -53.44 -65.41
N GLU J 421 -25.66 -53.63 -65.87
CA GLU J 421 -25.06 -54.95 -65.96
C GLU J 421 -23.63 -54.89 -65.50
N ARG J 422 -22.99 -53.75 -65.73
CA ARG J 422 -21.61 -53.54 -65.35
C ARG J 422 -21.59 -52.20 -64.62
N ILE J 423 -21.22 -52.19 -63.34
CA ILE J 423 -21.19 -50.93 -62.57
C ILE J 423 -20.84 -49.76 -63.50
N PRO J 424 -21.87 -49.05 -63.99
CA PRO J 424 -21.63 -47.92 -64.88
C PRO J 424 -20.90 -46.71 -64.32
N ASN J 425 -20.53 -45.83 -65.23
CA ASN J 425 -19.83 -44.60 -64.94
C ASN J 425 -20.93 -43.55 -65.02
N LEU J 426 -21.11 -42.75 -63.97
CA LEU J 426 -22.15 -41.72 -63.99
C LEU J 426 -21.61 -40.33 -64.25
N ALA J 427 -22.50 -39.45 -64.73
CA ALA J 427 -22.15 -38.07 -65.01
C ALA J 427 -23.40 -37.21 -65.18
N TYR J 428 -23.39 -36.04 -64.55
CA TYR J 428 -24.51 -35.10 -64.63
C TYR J 428 -24.26 -34.17 -65.81
N ILE J 429 -25.23 -34.08 -66.71
CA ILE J 429 -25.08 -33.24 -67.88
C ILE J 429 -26.25 -32.27 -68.00
N ASN J 430 -25.96 -30.99 -67.94
CA ASN J 430 -26.99 -29.96 -68.05
C ASN J 430 -27.10 -29.57 -69.53
N TRP J 431 -28.15 -30.02 -70.19
CA TRP J 431 -28.32 -29.71 -71.61
C TRP J 431 -29.64 -29.04 -71.96
N ASN J 432 -29.54 -27.82 -72.48
CA ASN J 432 -30.70 -27.04 -72.86
C ASN J 432 -31.80 -27.07 -71.79
N ASP J 433 -31.49 -26.49 -70.64
CA ASP J 433 -32.43 -26.41 -69.52
C ASP J 433 -32.94 -27.74 -68.97
N GLN J 434 -32.22 -28.81 -69.25
CA GLN J 434 -32.63 -30.11 -68.75
C GLN J 434 -31.46 -30.91 -68.21
N SER J 435 -31.44 -31.09 -66.89
CA SER J 435 -30.38 -31.85 -66.27
C SER J 435 -30.61 -33.33 -66.59
N ASN J 436 -29.52 -34.04 -66.88
CA ASN J 436 -29.62 -35.45 -67.22
C ASN J 436 -28.54 -36.26 -66.53
N LEU J 437 -28.66 -37.57 -66.61
CA LEU J 437 -27.69 -38.49 -66.04
C LEU J 437 -27.18 -39.40 -67.13
N ALA J 438 -25.88 -39.36 -67.37
CA ALA J 438 -25.30 -40.20 -68.40
C ALA J 438 -24.80 -41.49 -67.75
N LEU J 439 -25.30 -42.62 -68.23
CA LEU J 439 -24.88 -43.91 -67.71
C LEU J 439 -23.97 -44.55 -68.75
N SER J 441 -21.15 -47.53 -69.88
CA SER J 441 -20.72 -48.89 -69.63
C SER J 441 -19.90 -49.35 -70.83
N ASN J 442 -19.24 -50.49 -70.70
CA ASN J 442 -18.45 -51.03 -71.78
C ASN J 442 -19.24 -50.97 -73.08
N LYS J 443 -20.41 -51.61 -73.05
CA LYS J 443 -21.30 -51.72 -74.20
C LYS J 443 -22.28 -50.60 -74.48
N THR J 444 -22.61 -49.79 -73.49
CA THR J 444 -23.61 -48.75 -73.72
C THR J 444 -23.25 -47.34 -73.27
N LEU J 445 -24.18 -46.43 -73.54
CA LEU J 445 -24.11 -45.03 -73.18
C LEU J 445 -25.55 -44.53 -73.21
N THR J 446 -26.15 -44.48 -72.03
CA THR J 446 -27.54 -44.06 -71.89
C THR J 446 -27.64 -42.69 -71.24
N PHE J 447 -28.77 -42.02 -71.46
CA PHE J 447 -29.02 -40.72 -70.85
C PHE J 447 -30.41 -40.78 -70.25
N GLN J 448 -30.61 -40.12 -69.12
CA GLN J 448 -31.90 -40.12 -68.44
C GLN J 448 -32.18 -38.79 -67.80
N ASN J 449 -33.44 -38.41 -67.77
CA ASN J 449 -33.84 -37.15 -67.17
C ASN J 449 -33.73 -37.18 -65.66
N ILE J 450 -33.34 -36.05 -65.08
CA ILE J 450 -33.22 -35.92 -63.64
C ILE J 450 -34.05 -34.73 -63.20
N SER J 451 -34.91 -34.95 -62.20
CA SER J 451 -35.75 -33.87 -61.70
C SER J 451 -34.95 -32.98 -60.75
N SER J 452 -34.91 -31.69 -61.06
CA SER J 452 -34.19 -30.67 -60.27
C SER J 452 -32.73 -30.49 -60.73
N ASN K 2 9.13 -48.14 -13.16
CA ASN K 2 8.10 -47.75 -12.20
C ASN K 2 7.37 -48.90 -11.53
N GLU K 3 6.64 -48.56 -10.47
CA GLU K 3 5.87 -49.49 -9.65
C GLU K 3 4.91 -50.39 -10.41
N ASN K 4 4.65 -50.05 -11.66
CA ASN K 4 3.72 -50.80 -12.49
C ASN K 4 4.28 -52.11 -13.05
N TYR K 5 5.55 -52.10 -13.42
CA TYR K 5 6.19 -53.29 -13.99
C TYR K 5 6.82 -54.26 -12.98
N TYR K 6 7.18 -55.44 -13.46
CA TYR K 6 7.80 -56.48 -12.65
C TYR K 6 8.50 -57.48 -13.55
N ILE K 7 9.65 -57.98 -13.11
CA ILE K 7 10.42 -58.94 -13.90
C ILE K 7 10.64 -60.23 -13.12
N SER K 8 10.78 -61.33 -13.86
CA SER K 8 11.03 -62.63 -13.28
C SER K 8 12.04 -63.35 -14.16
N PRO K 9 13.17 -63.80 -13.56
CA PRO K 9 13.52 -63.67 -12.14
C PRO K 9 13.79 -62.24 -11.65
N SER K 10 13.82 -62.07 -10.32
CA SER K 10 14.08 -60.78 -9.67
C SER K 10 15.10 -59.91 -10.40
N LEU K 11 14.96 -58.60 -10.26
CA LEU K 11 15.92 -57.70 -10.88
C LEU K 11 17.23 -57.95 -10.15
N ASP K 12 17.10 -58.50 -8.94
CA ASP K 12 18.24 -58.83 -8.09
C ASP K 12 18.90 -60.10 -8.62
N THR K 13 18.11 -61.16 -8.70
CA THR K 13 18.57 -62.46 -9.18
C THR K 13 19.33 -62.28 -10.50
N LEU K 14 18.77 -61.49 -11.41
CA LEU K 14 19.39 -61.24 -12.70
C LEU K 14 20.72 -60.51 -12.58
N SER K 15 20.85 -59.68 -11.55
CA SER K 15 22.07 -58.91 -11.33
C SER K 15 23.27 -59.78 -11.00
N SER K 16 23.04 -60.84 -10.24
CA SER K 16 24.09 -61.76 -9.84
C SER K 16 24.51 -62.77 -10.93
N TYR K 17 23.72 -62.87 -12.00
CA TYR K 17 24.03 -63.80 -13.08
C TYR K 17 25.40 -63.58 -13.70
N SER K 18 26.10 -64.68 -13.97
CA SER K 18 27.41 -64.64 -14.59
C SER K 18 27.31 -63.91 -15.92
N LEU K 19 28.34 -63.13 -16.25
CA LEU K 19 28.32 -62.39 -17.51
C LEU K 19 27.99 -63.36 -18.64
N LEU K 20 28.28 -64.64 -18.40
CA LEU K 20 28.03 -65.70 -19.38
C LEU K 20 26.57 -66.14 -19.37
N GLN K 21 26.06 -66.51 -18.20
CA GLN K 21 24.69 -66.96 -18.06
C GLN K 21 23.67 -65.83 -18.09
N LEU K 22 24.09 -64.67 -18.59
CA LEU K 22 23.20 -63.53 -18.70
C LEU K 22 22.85 -63.44 -20.20
N ARG K 23 23.10 -64.56 -20.88
CA ARG K 23 22.86 -64.70 -22.31
C ARG K 23 21.91 -65.88 -22.55
N LYS K 24 21.79 -66.75 -21.54
CA LYS K 24 20.93 -67.92 -21.61
C LYS K 24 19.76 -67.76 -20.63
N VAL K 25 19.41 -66.53 -20.29
CA VAL K 25 18.31 -66.32 -19.32
C VAL K 25 17.01 -66.96 -19.80
N PRO K 26 16.63 -68.10 -19.19
CA PRO K 26 15.40 -68.77 -19.59
C PRO K 26 14.22 -68.29 -18.75
N HIS K 27 13.01 -68.52 -19.25
CA HIS K 27 11.80 -68.15 -18.55
C HIS K 27 11.72 -66.70 -18.09
N LEU K 28 12.13 -65.79 -18.96
CA LEU K 28 12.07 -64.37 -18.64
C LEU K 28 10.63 -63.89 -18.74
N VAL K 29 10.17 -63.16 -17.73
CA VAL K 29 8.81 -62.64 -17.72
C VAL K 29 8.79 -61.18 -17.33
N VAL K 30 8.23 -60.34 -18.19
CA VAL K 30 8.13 -58.91 -17.93
C VAL K 30 6.65 -58.58 -18.03
N GLY K 31 6.14 -57.80 -17.09
CA GLY K 31 4.73 -57.48 -17.13
C GLY K 31 4.33 -56.20 -16.43
N HIS K 32 3.16 -55.69 -16.82
CA HIS K 32 2.60 -54.49 -16.26
C HIS K 32 1.40 -54.94 -15.42
N LYS K 33 1.44 -54.64 -14.12
CA LYS K 33 0.38 -55.05 -13.20
C LYS K 33 -1.05 -54.80 -13.67
N SER K 34 -1.27 -53.81 -14.52
CA SER K 34 -2.61 -53.51 -14.98
C SER K 34 -2.94 -53.91 -16.42
N TYR K 35 -1.95 -53.90 -17.30
CA TYR K 35 -2.19 -54.19 -18.70
C TYR K 35 -1.96 -55.61 -19.21
N GLY K 36 -0.94 -56.29 -18.72
CA GLY K 36 -0.66 -57.64 -19.17
C GLY K 36 0.80 -57.99 -19.04
N LYS K 37 1.23 -59.05 -19.71
CA LYS K 37 2.62 -59.48 -19.63
C LYS K 37 3.08 -60.19 -20.88
N ILE K 38 4.37 -60.48 -20.93
CA ILE K 38 4.96 -61.18 -22.05
C ILE K 38 5.92 -62.20 -21.45
N GLU K 39 5.74 -63.47 -21.80
CA GLU K 39 6.60 -64.55 -21.30
C GLU K 39 7.43 -65.07 -22.45
N PHE K 40 8.75 -65.01 -22.35
CA PHE K 40 9.57 -65.50 -23.43
C PHE K 40 9.64 -67.02 -23.32
N LEU K 41 9.33 -67.72 -24.42
CA LEU K 41 9.31 -69.17 -24.45
C LEU K 41 10.58 -69.75 -25.04
N GLU K 42 11.65 -68.97 -25.01
CA GLU K 42 12.94 -69.37 -25.54
C GLU K 42 14.01 -68.63 -24.72
N PRO K 43 15.20 -69.22 -24.59
CA PRO K 43 16.22 -68.49 -23.82
C PRO K 43 16.46 -67.10 -24.39
N VAL K 44 16.68 -66.14 -23.50
CA VAL K 44 16.90 -64.75 -23.88
C VAL K 44 18.31 -64.25 -23.50
N ASP K 45 18.87 -63.39 -24.35
CA ASP K 45 20.21 -62.83 -24.12
C ASP K 45 20.10 -61.39 -23.58
N LEU K 46 20.34 -61.22 -22.28
CA LEU K 46 20.25 -59.92 -21.65
C LEU K 46 21.61 -59.23 -21.50
N ALA K 47 22.59 -59.68 -22.28
CA ALA K 47 23.92 -59.10 -22.25
C ALA K 47 23.91 -57.79 -23.04
N GLY K 48 24.49 -56.74 -22.46
CA GLY K 48 24.56 -55.46 -23.11
C GLY K 48 23.25 -54.69 -22.98
N ILE K 49 22.44 -55.10 -22.01
CA ILE K 49 21.16 -54.45 -21.78
C ILE K 49 21.00 -54.06 -20.31
N PRO K 50 20.71 -52.77 -20.04
CA PRO K 50 20.52 -52.31 -18.66
C PRO K 50 19.25 -52.91 -18.07
N LEU K 51 19.43 -53.91 -17.22
CA LEU K 51 18.33 -54.63 -16.60
C LEU K 51 17.10 -53.83 -16.15
N THR K 52 17.19 -52.50 -16.09
CA THR K 52 16.03 -51.72 -15.66
C THR K 52 15.26 -51.17 -16.85
N SER K 53 15.78 -51.44 -18.06
CA SER K 53 15.14 -50.98 -19.29
C SER K 53 13.98 -51.92 -19.64
N LEU K 54 14.10 -53.18 -19.25
CA LEU K 54 13.06 -54.16 -19.51
C LEU K 54 11.79 -53.73 -18.79
N GLY K 55 11.93 -52.75 -17.90
CA GLY K 55 10.80 -52.24 -17.15
C GLY K 55 9.78 -51.51 -17.99
N GLY K 56 10.15 -50.35 -18.51
CA GLY K 56 9.24 -49.58 -19.33
C GLY K 56 9.95 -48.87 -20.47
N VAL K 57 11.17 -49.30 -20.76
CA VAL K 57 11.97 -48.70 -21.82
C VAL K 57 11.95 -49.64 -23.02
N ILE K 58 12.40 -50.88 -22.81
CA ILE K 58 12.45 -51.89 -23.86
C ILE K 58 11.07 -52.54 -24.05
N ILE K 59 10.49 -53.04 -22.97
CA ILE K 59 9.17 -53.65 -23.02
C ILE K 59 8.16 -52.71 -22.35
N THR K 60 7.18 -52.24 -23.12
CA THR K 60 6.18 -51.33 -22.57
C THR K 60 4.73 -51.77 -22.78
N PHE K 61 3.89 -51.51 -21.79
CA PHE K 61 2.48 -51.88 -21.87
C PHE K 61 1.57 -50.66 -21.76
N GLU K 62 0.43 -50.75 -22.43
CA GLU K 62 -0.61 -49.74 -22.45
C GLU K 62 -1.90 -50.51 -22.70
N PRO K 63 -3.06 -49.92 -22.39
CA PRO K 63 -4.31 -50.64 -22.63
C PRO K 63 -4.36 -51.40 -23.97
N LYS K 64 -4.62 -52.69 -23.89
CA LYS K 64 -4.72 -53.58 -25.06
C LYS K 64 -3.49 -53.67 -25.96
N THR K 65 -2.42 -52.95 -25.62
CA THR K 65 -1.21 -52.98 -26.45
C THR K 65 0.08 -53.34 -25.70
N CYS K 66 1.03 -53.89 -26.43
CA CYS K 66 2.34 -54.28 -25.89
C CYS K 66 3.38 -53.83 -26.91
N ILE K 67 4.20 -52.86 -26.53
CA ILE K 67 5.21 -52.34 -27.44
C ILE K 67 6.63 -52.72 -27.01
N ILE K 68 7.36 -53.36 -27.91
CA ILE K 68 8.73 -53.77 -27.63
C ILE K 68 9.72 -52.90 -28.39
N TYR K 69 10.71 -52.37 -27.67
CA TYR K 69 11.73 -51.50 -28.23
C TYR K 69 11.11 -50.20 -28.73
N ALA K 70 11.13 -49.18 -27.88
CA ALA K 70 10.59 -47.87 -28.23
C ALA K 70 11.22 -47.47 -29.57
N ASN K 71 10.66 -46.49 -30.27
CA ASN K 71 11.18 -46.09 -31.59
C ASN K 71 12.70 -46.05 -31.71
N LEU K 72 13.18 -46.18 -32.96
CA LEU K 72 14.62 -46.23 -33.28
C LEU K 72 15.18 -47.56 -32.72
N PRO K 73 14.58 -48.70 -33.13
CA PRO K 73 15.02 -50.02 -32.66
C PRO K 73 16.41 -50.48 -33.09
N ASN K 74 16.89 -51.53 -32.41
CA ASN K 74 18.20 -52.10 -32.66
C ASN K 74 18.07 -53.35 -33.55
N ARG K 75 16.97 -53.45 -34.29
CA ARG K 75 16.69 -54.57 -35.19
C ARG K 75 17.25 -55.92 -34.73
N PRO K 76 16.97 -56.31 -33.47
CA PRO K 76 17.50 -57.60 -33.00
C PRO K 76 17.25 -58.68 -34.04
N LYS K 77 18.31 -59.31 -34.54
CA LYS K 77 18.08 -60.36 -35.53
C LYS K 77 17.34 -61.49 -34.85
N ARG K 78 16.60 -62.28 -35.63
CA ARG K 78 15.82 -63.38 -35.10
C ARG K 78 16.64 -64.35 -34.24
N GLY K 79 16.11 -64.66 -33.07
CA GLY K 79 16.81 -65.57 -32.16
C GLY K 79 17.92 -64.86 -31.40
N GLU K 80 18.02 -63.55 -31.58
CA GLU K 80 19.04 -62.74 -30.93
C GLU K 80 18.49 -61.87 -29.80
N GLY K 81 19.21 -61.88 -28.68
CA GLY K 81 18.80 -61.08 -27.54
C GLY K 81 17.38 -61.30 -27.07
N ILE K 82 16.47 -60.43 -27.48
CA ILE K 82 15.07 -60.53 -27.07
C ILE K 82 14.14 -60.95 -28.21
N ASN K 83 14.64 -60.89 -29.45
CA ASN K 83 13.82 -61.27 -30.60
C ASN K 83 13.67 -62.80 -30.67
N VAL K 84 12.73 -63.30 -29.88
CA VAL K 84 12.50 -64.72 -29.75
C VAL K 84 11.00 -65.02 -29.53
N ARG K 85 10.59 -66.27 -29.63
CA ARG K 85 9.18 -66.61 -29.43
C ARG K 85 8.70 -66.24 -28.03
N ALA K 86 7.46 -65.76 -27.92
CA ALA K 86 6.93 -65.37 -26.61
C ALA K 86 5.40 -65.40 -26.52
N ARG K 87 4.87 -65.56 -25.31
CA ARG K 87 3.43 -65.57 -25.07
C ARG K 87 3.00 -64.23 -24.45
N ILE K 88 2.22 -63.47 -25.20
CA ILE K 88 1.73 -62.19 -24.73
C ILE K 88 0.31 -62.29 -24.18
N THR K 89 0.07 -61.62 -23.07
CA THR K 89 -1.24 -61.62 -22.42
C THR K 89 -1.75 -60.20 -22.25
N CYS K 90 -2.91 -59.89 -22.84
CA CYS K 90 -3.50 -58.55 -22.70
C CYS K 90 -4.82 -58.58 -21.93
N PHE K 91 -4.90 -57.76 -20.88
CA PHE K 91 -6.08 -57.70 -20.04
C PHE K 91 -7.12 -56.75 -20.62
N ASN K 92 -8.39 -57.06 -20.35
CA ASN K 92 -9.52 -56.25 -20.80
C ASN K 92 -9.54 -55.96 -22.30
N CYS K 93 -9.69 -57.02 -23.10
CA CYS K 93 -9.77 -56.88 -24.54
C CYS K 93 -11.17 -57.31 -24.94
N TYR K 94 -12.17 -56.75 -24.27
CA TYR K 94 -13.56 -57.07 -24.58
C TYR K 94 -14.00 -56.36 -25.85
N PRO K 95 -15.13 -56.80 -26.43
CA PRO K 95 -15.65 -56.17 -27.65
C PRO K 95 -16.24 -54.84 -27.19
N VAL K 96 -16.31 -53.86 -28.08
CA VAL K 96 -16.84 -52.57 -27.69
C VAL K 96 -18.19 -52.22 -28.31
N ASP K 97 -19.04 -51.56 -27.50
CA ASP K 97 -20.35 -51.15 -27.96
C ASP K 97 -20.12 -49.90 -28.81
N LYS K 98 -20.52 -49.97 -30.09
CA LYS K 98 -20.33 -48.87 -31.03
C LYS K 98 -20.96 -47.52 -30.74
N SER K 99 -22.00 -47.49 -29.91
CA SER K 99 -22.64 -46.22 -29.60
C SER K 99 -22.16 -45.58 -28.32
N THR K 100 -21.32 -46.31 -27.60
CA THR K 100 -20.78 -45.85 -26.31
C THR K 100 -19.26 -45.90 -26.26
N ARG K 101 -18.71 -46.87 -26.95
CA ARG K 101 -17.27 -47.09 -26.97
C ARG K 101 -16.87 -47.76 -25.65
N LYS K 102 -17.87 -48.25 -24.91
CA LYS K 102 -17.63 -48.94 -23.65
C LYS K 102 -17.53 -50.43 -23.89
N PRO K 103 -16.78 -51.14 -23.03
CA PRO K 103 -16.57 -52.59 -23.11
C PRO K 103 -17.84 -53.39 -22.88
N ILE K 104 -18.09 -54.37 -23.76
CA ILE K 104 -19.25 -55.23 -23.63
C ILE K 104 -18.76 -56.50 -22.93
N LYS K 105 -19.05 -56.60 -21.63
CA LYS K 105 -18.60 -57.75 -20.84
C LYS K 105 -19.51 -58.98 -20.79
N ASP K 106 -20.61 -58.96 -21.54
CA ASP K 106 -21.51 -60.12 -21.56
C ASP K 106 -20.92 -61.16 -22.51
N PRO K 107 -20.70 -62.39 -22.01
CA PRO K 107 -20.14 -63.50 -22.78
C PRO K 107 -20.97 -64.00 -23.97
N ASN K 108 -22.25 -63.65 -24.02
CA ASN K 108 -23.12 -64.11 -25.11
C ASN K 108 -23.56 -63.09 -26.16
N HIS K 109 -23.06 -61.85 -26.09
CA HIS K 109 -23.45 -60.85 -27.08
C HIS K 109 -22.90 -61.14 -28.47
N GLN K 110 -23.68 -60.79 -29.48
CA GLN K 110 -23.29 -61.02 -30.87
C GLN K 110 -21.82 -60.74 -31.12
N LEU K 111 -21.34 -59.61 -30.59
CA LEU K 111 -19.95 -59.23 -30.78
C LEU K 111 -18.95 -60.27 -30.25
N VAL K 112 -19.34 -60.99 -29.20
CA VAL K 112 -18.44 -61.99 -28.62
C VAL K 112 -17.98 -62.98 -29.68
N LYS K 113 -18.92 -63.77 -30.18
CA LYS K 113 -18.63 -64.76 -31.19
C LYS K 113 -17.75 -64.20 -32.29
N ARG K 114 -18.12 -63.02 -32.79
CA ARG K 114 -17.38 -62.35 -33.86
C ARG K 114 -16.01 -61.85 -33.40
N HIS K 115 -15.98 -61.33 -32.18
CA HIS K 115 -14.75 -60.82 -31.58
C HIS K 115 -13.67 -61.90 -31.55
N ILE K 116 -14.02 -63.06 -30.98
CA ILE K 116 -13.12 -64.20 -30.89
C ILE K 116 -12.68 -64.63 -32.29
N GLU K 117 -13.66 -64.79 -33.17
CA GLU K 117 -13.42 -65.17 -34.55
C GLU K 117 -12.42 -64.20 -35.20
N ARG K 118 -12.48 -62.94 -34.80
CA ARG K 118 -11.58 -61.91 -35.31
C ARG K 118 -10.18 -62.11 -34.76
N LEU K 119 -10.09 -62.39 -33.46
CA LEU K 119 -8.81 -62.62 -32.81
C LEU K 119 -8.09 -63.82 -33.41
N LYS K 120 -8.84 -64.86 -33.73
CA LYS K 120 -8.26 -66.06 -34.31
C LYS K 120 -7.67 -65.85 -35.68
N LYS K 121 -8.15 -64.83 -36.38
CA LYS K 121 -7.66 -64.54 -37.73
C LYS K 121 -6.14 -64.63 -37.75
N ASN K 122 -5.53 -64.26 -36.63
CA ASN K 122 -4.07 -64.28 -36.50
C ASN K 122 -3.49 -62.99 -37.09
N PRO K 123 -3.63 -61.86 -36.35
CA PRO K 123 -3.11 -60.55 -36.78
C PRO K 123 -1.57 -60.56 -36.78
N ASN K 124 -1.00 -61.71 -37.18
CA ASN K 124 0.44 -61.99 -37.22
C ASN K 124 0.78 -62.49 -35.82
N SER K 125 -0.25 -62.47 -34.98
CA SER K 125 -0.15 -62.91 -33.59
C SER K 125 -1.08 -64.11 -33.41
N LYS K 126 -0.47 -65.29 -33.30
CA LYS K 126 -1.17 -66.57 -33.16
C LYS K 126 -2.02 -66.73 -31.91
N PHE K 127 -3.33 -66.69 -32.10
CA PHE K 127 -4.30 -66.81 -31.03
C PHE K 127 -4.19 -68.06 -30.17
N GLU K 128 -4.10 -67.87 -28.86
CA GLU K 128 -4.01 -69.01 -27.94
C GLU K 128 -5.29 -69.09 -27.10
N SER K 129 -5.80 -67.95 -26.64
CA SER K 129 -7.01 -67.96 -25.83
C SER K 129 -7.63 -66.58 -25.56
N TYR K 130 -8.93 -66.58 -25.31
CA TYR K 130 -9.67 -65.37 -24.99
C TYR K 130 -10.74 -65.72 -23.96
N ASP K 131 -10.68 -65.09 -22.79
CA ASP K 131 -11.66 -65.36 -21.75
C ASP K 131 -12.79 -64.34 -21.83
N ALA K 132 -13.98 -64.82 -22.19
CA ALA K 132 -15.15 -63.95 -22.34
C ALA K 132 -15.42 -63.03 -21.16
N ASP K 133 -15.26 -63.55 -19.94
CA ASP K 133 -15.50 -62.79 -18.71
C ASP K 133 -14.34 -61.87 -18.36
N SER K 134 -13.14 -62.44 -18.28
CA SER K 134 -11.93 -61.70 -17.95
C SER K 134 -11.64 -60.62 -18.99
N GLY K 135 -11.85 -60.99 -20.24
CA GLY K 135 -11.56 -60.08 -21.32
C GLY K 135 -10.08 -60.21 -21.59
N THR K 136 -9.48 -61.25 -21.01
CA THR K 136 -8.07 -61.50 -21.17
C THR K 136 -7.77 -62.22 -22.48
N TYR K 137 -6.90 -61.62 -23.26
CA TYR K 137 -6.52 -62.15 -24.57
C TYR K 137 -5.07 -62.62 -24.52
N VAL K 138 -4.86 -63.88 -24.91
CA VAL K 138 -3.53 -64.45 -24.93
C VAL K 138 -3.17 -64.95 -26.31
N PHE K 139 -1.97 -64.62 -26.78
CA PHE K 139 -1.52 -65.04 -28.09
C PHE K 139 -0.01 -65.27 -28.11
N ILE K 140 0.48 -65.96 -29.14
CA ILE K 140 1.90 -66.24 -29.28
C ILE K 140 2.47 -65.54 -30.51
N VAL K 141 3.71 -65.07 -30.39
CA VAL K 141 4.38 -64.42 -31.52
C VAL K 141 5.73 -65.11 -31.66
N ASN K 142 6.11 -65.46 -32.90
CA ASN K 142 7.37 -66.16 -33.10
C ASN K 142 8.61 -65.33 -32.84
N HIS K 143 8.51 -64.03 -33.08
CA HIS K 143 9.65 -63.14 -32.87
C HIS K 143 9.19 -61.85 -32.18
N ALA K 144 9.54 -61.72 -30.91
CA ALA K 144 9.16 -60.55 -30.10
C ALA K 144 9.42 -59.19 -30.76
N ALA K 145 10.62 -59.02 -31.31
CA ALA K 145 10.99 -57.77 -31.95
C ALA K 145 10.69 -57.74 -33.45
N GLU K 146 9.41 -57.72 -33.77
CA GLU K 146 8.95 -57.70 -35.17
C GLU K 146 7.46 -57.46 -35.23
N PHE L 10 -18.67 -11.03 -35.23
CA PHE L 10 -20.16 -11.00 -35.14
C PHE L 10 -20.78 -12.34 -35.49
N LYS L 11 -20.24 -13.03 -36.51
CA LYS L 11 -20.77 -14.34 -36.86
C LYS L 11 -20.53 -15.35 -35.73
N VAL L 12 -19.57 -15.06 -34.84
CA VAL L 12 -19.26 -15.96 -33.74
C VAL L 12 -20.48 -16.45 -32.97
N VAL L 13 -21.36 -15.54 -32.59
CA VAL L 13 -22.57 -15.93 -31.88
C VAL L 13 -23.39 -16.86 -32.79
N GLU L 14 -23.52 -16.44 -34.04
CA GLU L 14 -24.26 -17.18 -35.05
C GLU L 14 -23.71 -18.61 -35.16
N VAL L 15 -22.39 -18.74 -35.26
CA VAL L 15 -21.76 -20.05 -35.38
C VAL L 15 -21.96 -20.88 -34.11
N GLY L 16 -21.72 -20.27 -32.95
CA GLY L 16 -21.90 -20.98 -31.70
C GLY L 16 -23.32 -21.50 -31.55
N LEU L 17 -24.30 -20.71 -32.01
CA LEU L 17 -25.69 -21.09 -31.94
C LEU L 17 -25.94 -22.33 -32.77
N ALA L 18 -25.36 -22.36 -33.96
CA ALA L 18 -25.50 -23.49 -34.87
C ALA L 18 -24.88 -24.74 -34.24
N ASN L 20 -24.47 -25.38 -31.14
CA ASN L 20 -25.30 -25.77 -30.02
C ASN L 20 -26.56 -26.45 -30.49
N THR L 21 -27.13 -25.97 -31.58
CA THR L 21 -28.35 -26.55 -32.12
C THR L 21 -28.07 -28.00 -32.51
N LYS L 22 -26.93 -28.24 -33.16
CA LYS L 22 -26.56 -29.57 -33.57
C LYS L 22 -26.46 -30.54 -32.39
N LYS L 23 -26.03 -30.05 -31.22
CA LYS L 23 -25.95 -30.93 -30.05
C LYS L 23 -27.35 -31.38 -29.71
N GLN L 24 -28.28 -30.43 -29.70
CA GLN L 24 -29.67 -30.72 -29.38
C GLN L 24 -30.26 -31.69 -30.40
N ILE L 25 -29.96 -31.47 -31.68
CA ILE L 25 -30.46 -32.35 -32.72
C ILE L 25 -29.88 -33.74 -32.51
N GLY L 26 -28.72 -33.79 -31.86
CA GLY L 26 -28.09 -35.06 -31.58
C GLY L 26 -28.95 -35.84 -30.61
N ASP L 27 -29.41 -35.15 -29.57
CA ASP L 27 -30.25 -35.78 -28.55
C ASP L 27 -31.57 -36.20 -29.13
N PHE L 28 -32.11 -35.34 -29.98
CA PHE L 28 -33.38 -35.62 -30.63
C PHE L 28 -33.34 -37.01 -31.26
N PHE L 29 -32.33 -37.27 -32.09
CA PHE L 29 -32.23 -38.56 -32.76
C PHE L 29 -31.82 -39.70 -31.85
N LYS L 30 -31.16 -39.37 -30.74
CA LYS L 30 -30.76 -40.40 -29.79
C LYS L 30 -32.04 -40.89 -29.09
N ASN L 31 -32.83 -39.94 -28.61
CA ASN L 31 -34.08 -40.24 -27.89
C ASN L 31 -35.25 -40.37 -28.86
N LEU L 32 -34.97 -40.82 -30.07
CA LEU L 32 -36.02 -41.00 -31.05
C LEU L 32 -35.80 -42.34 -31.72
N ASN L 33 -34.74 -43.02 -31.26
CA ASN L 33 -34.36 -44.33 -31.78
C ASN L 33 -33.98 -45.24 -30.61
#